data_8S7K
#
_entry.id   8S7K
#
_cell.length_a   1.00
_cell.length_b   1.00
_cell.length_c   1.00
_cell.angle_alpha   90.00
_cell.angle_beta   90.00
_cell.angle_gamma   90.00
#
_symmetry.space_group_name_H-M   'P 1'
#
loop_
_entity.id
_entity.type
_entity.pdbx_description
1 polymer 'DNA gyrase subunit A'
2 polymer 'DNA gyrase subunit B'
3 polymer "DNA (5'-D(*AP*GP*TP*AP*TP*TP*AP*CP*CP*CP*CP*TP*TP*CP*CP*GP*GP*A)-3')"
4 polymer "DNA (5'-D(*AP*GP*TP*AP*TP*TP*AP*CP*CP*CP*CP*TP*TP*CP*CP*GP*GP*A)-3')"
5 non-polymer 'MAGNESIUM ION'
6 non-polymer (3~{R})-3-[[4-(3,4-dihydro-2~{H}-pyrano[2,3-c]pyridin-6-ylmethylamino)piperidin-1-yl]methyl]-1,4,7-triazatricyclo[6.3.1.0^{4,12}]dodeca-6,8(12),9-triene-5,11-dione
#
loop_
_entity_poly.entity_id
_entity_poly.type
_entity_poly.pdbx_seq_one_letter_code
_entity_poly.pdbx_strand_id
1 'polypeptide(L)'
;TDTTLPPDDSLDRIEPVDIEQEMQRSYIDYAMSVIVGRALPEVRDGLKPVHRRVLYAMFDSGFRPDRSHAKSARSVAETM
GNYHPHGDASIYDSLVRMAQPWSLRYPLVDGQGNFGSPGNDPPAAMRYTEARLTPLAMEMLREIDEETVDFIPNYDGRVQ
EPTVLPSRFPNLLANGSGGIAVGMATNIPPHNLRELADAVFWALENHDADEEETLAAVMGRVKGPDFPTAGLIVGSQGTA
DAYKTGRGSIRMRGVVEVEEDSRGRTSLVITELPYQVNHDNFITSIAEQVRDGKLAGISNIEDQSSDRVGLRIVIEIKRD
AVAKVVINNLYKHTQLQTSFGANMLAIVDGVPRTLRLDQLIRYYVDHQLDVIVRRTTYRLRKANERAHILRGLVKALDAL
DEVIALIRASETVDIARAGLIELLDIDEIQAQAILDMQLRRLAALERQRIIDDLAKIEAEIADLEDILAKPERQRGIVRD
ELAEIVDRHGDDRRTRIIAIDGDVSDEDLIAREDVVVTITETGYAKRTKTDLYRSQKRGGKGVQGAGLKQDDIVAHFFVC
STHDLILFFTTQGRVYRAKAYDLPEASRTARGQHVANLLAFQPEERIAQVIQIRGYTDAPYLVLATRNGLVKKSKLTDFD
SNRSGGIVAVNLRDNDELVGAVLCSAGDDLLLVSANGQSIRFSATDEALRPMGRATSGVQGMRFNIDDRLLSLNVVREGT
YLLVATSGGYAKRTAIEEYPVQGRGGKGVLTVMYDRRRGRLVGALIVDDDSELYAVTSGGGVIRTAARQVRKAGRQTKGV
RLMNLGEGDTLLAIARNAEESGDDNAVDANGADQTGN
;
C,A
2 'polypeptide(L)'
;GAMVAAQKKKAQDEYGAASITILEGLEAVRKRPGMYIGSTGERGLHHLIWEVVDNAVDEAMAGYATTVNVVLLEDGGVEV
ADDGRGIPVATHASGIPTVDVVMTQLHAGGKFDSDAYAISGGLHGVGVSVVNALSTRLEVEIKRDGYEWSQVYEKSEPLG
LKQGAPTKKTGSTVRFWADPAVFETTEYDFETVARRLQEMAFLNKGLTINLTDERVTQDEVVDEVVSDVAEAPKSASERA
AESTAPHKVKSRTFHYPGGLVDFVKHINRTKNAIHSSIVDFSGKGTGHEVEIAMQWNAGYSESVHTFANTINTHEGGTHE
EGFRSALTSVVNKYAKDRKLLKDKDPNLTGDDIREGLAAVISVKVSEPQFEGQTKTKLGNTEVKSFVQKVCNEQLTHWFE
ANPTDAKVVVNKAVSSAQARIAARKARELVRRKSATDIGGLPGKLADCRSTDPRKSELYVVEGDSAGGSAKSGRDSMFQA
ILPLRGKIINVEKARIDRVLKNTEVQAIITALGTGIHDEFDIGKLRYHKIVLMADADVDGQHISTLLLTLLFRFMRPLIE
NGHVFLAQPPLYKLKWQRSDPEFAYSDRERDGLLEAGLKAGKKINKEDGIQRYKGLGEMDAKELWETTMDPSVRVLRQVT
LDDAAAADELFSILMGEDVDARRSFITRNAKDVRFLDV
;
B,D
3 'polydeoxyribonucleotide'
;(DG)(DT)(DA)(DC)(DC)(DG)(DG)(DA)(DC)(DG)(DT)(DT)(DG)(DC)(DG)(DC)(DC)(DC)(DG)(DT)
(DA)(DG)(DG)(DG)(DC)(DT)(DA)(DC)(DG)(DG)(DC)(DG)(DG)(DC)(DC)(DT)(DT)(DC)(DG)(DC)
(DT)(DC)(DT)(DT)(DC)(DT)(DT)(DA)(DG)(DT)(DA)(DT)(DT)(DA)(DC)(DC)(DC)(DC)(DT)(DT)
(DC)(DC)(DG)(DG)(DT)(DA)(DG)(DG)(DT)(DC)(DG)(DG)(DA)(DG)(DC)(DG)(DC)(DA)(DG)(DC)
(DG)(DC)(DT)(DT)(DG)(DC)(DG)(DG)(DT)(DC)(DG)(DT)(DT)(DC)(DT)(DG)(DC)(DA)(DT)(DC)
(DG)(DG)(DG)(DT)(DC)(DG)(DC)(DG)(DC)(DA)(DG)(DC)(DC)(DG)(DG)(DC)(DG)(DG)(DT)(DA)
(DC)(DG)(DG)(DC)(DC)(DG)(DC)(DT)(DA)(DT)(DT)(DA)(DC)(DC)(DG)(DG)(DA)(DC)(DG)(DA)
(DA)(DG)(DA)(DG)(DC)(DG)(DG)(DC)(DT)(DT)
;
E
4 'polydeoxyribonucleotide'
;(DA)(DA)(DG)(DC)(DC)(DG)(DC)(DT)(DC)(DT)(DT)(DC)(DG)(DT)(DC)(DC)(DG)(DG)(DT)(DA)
(DA)(DT)(DA)(DG)(DC)(DG)(DG)(DC)(DC)(DG)(DT)(DA)(DC)(DC)(DG)(DC)(DC)(DG)(DG)(DC)
(DT)(DG)(DC)(DG)(DC)(DG)(DA)(DC)(DC)(DC)(DG)(DA)(DT)(DG)(DC)(DA)(DG)(DA)(DA)(DC)
(DG)(DA)(DC)(DC)(DG)(DC)(DA)(DA)(DG)(DC)(DG)(DC)(DT)(DG)(DC)(DG)(DC)(DT)(DC)(DC)
(DG)(DA)(DC)(DC)(DT)(DA)(DC)(DC)(DG)(DG)(DA)(DA)(DG)(DG)(DG)(DG)(DT)(DA)(DA)(DT)
(DA)(DC)(DT)(DA)(DA)(DG)(DA)(DA)(DG)(DA)(DG)(DC)(DG)(DA)(DA)(DG)(DG)(DC)(DC)(DG)
(DC)(DC)(DG)(DT)(DA)(DG)(DC)(DC)(DC)(DT)(DA)(DC)(DG)(DG)(DG)(DC)(DG)(DC)(DA)(DA)
(DC)(DG)(DT)(DC)(DC)(DG)(DG)(DT)(DA)(DC)
;
F
#
# COMPACT_ATOMS: atom_id res chain seq x y z
N ILE A 14 -22.40 32.67 9.86
CA ILE A 14 -23.37 33.71 10.19
C ILE A 14 -23.64 34.58 8.97
N GLU A 15 -23.79 33.95 7.81
CA GLU A 15 -24.07 34.65 6.56
C GLU A 15 -25.31 34.04 5.93
N PRO A 16 -26.28 34.86 5.50
CA PRO A 16 -27.54 34.33 4.92
C PRO A 16 -27.43 33.97 3.44
N VAL A 17 -26.94 32.76 3.17
CA VAL A 17 -26.83 32.26 1.82
C VAL A 17 -28.14 31.59 1.43
N ASP A 18 -28.35 31.43 0.13
CA ASP A 18 -29.54 30.77 -0.38
C ASP A 18 -29.29 29.27 -0.55
N ILE A 19 -30.38 28.53 -0.74
CA ILE A 19 -30.27 27.10 -0.97
C ILE A 19 -30.17 26.77 -2.47
N GLU A 20 -30.85 27.55 -3.32
CA GLU A 20 -30.78 27.31 -4.75
C GLU A 20 -29.37 27.55 -5.28
N GLN A 21 -28.74 28.65 -4.85
CA GLN A 21 -27.40 28.98 -5.32
C GLN A 21 -26.40 27.92 -4.88
N GLU A 22 -26.46 27.52 -3.61
CA GLU A 22 -25.54 26.51 -3.10
C GLU A 22 -25.75 25.17 -3.82
N MET A 23 -27.01 24.78 -4.00
CA MET A 23 -27.31 23.52 -4.68
C MET A 23 -26.78 23.53 -6.10
N GLN A 24 -27.07 24.61 -6.84
CA GLN A 24 -26.63 24.70 -8.23
C GLN A 24 -25.11 24.71 -8.34
N ARG A 25 -24.44 25.50 -7.49
CA ARG A 25 -22.99 25.59 -7.55
C ARG A 25 -22.35 24.24 -7.25
N SER A 26 -22.78 23.58 -6.18
CA SER A 26 -22.18 22.30 -5.81
C SER A 26 -22.43 21.25 -6.88
N TYR A 27 -23.67 21.15 -7.38
CA TYR A 27 -23.98 20.13 -8.37
C TYR A 27 -23.24 20.39 -9.68
N ILE A 28 -23.16 21.65 -10.11
CA ILE A 28 -22.45 21.96 -11.35
C ILE A 28 -20.97 21.65 -11.20
N ASP A 29 -20.36 22.01 -10.06
CA ASP A 29 -18.95 21.71 -9.85
C ASP A 29 -18.69 20.21 -9.89
N TYR A 30 -19.52 19.43 -9.19
CA TYR A 30 -19.33 17.99 -9.18
C TYR A 30 -19.52 17.39 -10.56
N ALA A 31 -20.55 17.84 -11.28
CA ALA A 31 -20.82 17.31 -12.61
C ALA A 31 -19.69 17.61 -13.58
N MET A 32 -19.18 18.85 -13.57
CA MET A 32 -18.06 19.18 -14.45
C MET A 32 -16.81 18.39 -14.08
N SER A 33 -16.54 18.23 -12.78
CA SER A 33 -15.38 17.45 -12.38
C SER A 33 -15.48 16.01 -12.86
N VAL A 34 -16.66 15.40 -12.69
CA VAL A 34 -16.85 14.01 -13.10
C VAL A 34 -16.76 13.88 -14.61
N ILE A 35 -17.34 14.83 -15.35
CA ILE A 35 -17.36 14.75 -16.81
C ILE A 35 -15.96 14.90 -17.37
N VAL A 36 -15.20 15.89 -16.89
CA VAL A 36 -13.92 16.20 -17.52
C VAL A 36 -12.76 15.39 -16.98
N GLY A 37 -12.74 15.05 -15.69
CA GLY A 37 -11.56 14.42 -15.14
C GLY A 37 -11.76 13.08 -14.46
N ARG A 38 -12.92 12.46 -14.61
CA ARG A 38 -13.18 11.18 -13.95
C ARG A 38 -13.48 10.05 -14.90
N ALA A 39 -14.39 10.24 -15.86
CA ALA A 39 -14.93 9.12 -16.63
C ALA A 39 -14.63 9.19 -18.11
N LEU A 40 -14.88 10.32 -18.76
CA LEU A 40 -14.76 10.38 -20.21
C LEU A 40 -13.29 10.28 -20.63
N PRO A 41 -12.99 9.56 -21.70
CA PRO A 41 -11.60 9.41 -22.15
C PRO A 41 -11.13 10.65 -22.91
N GLU A 42 -9.91 10.57 -23.42
CA GLU A 42 -9.28 11.66 -24.17
C GLU A 42 -9.01 11.20 -25.60
N VAL A 43 -9.28 12.09 -26.55
CA VAL A 43 -9.13 11.72 -27.96
C VAL A 43 -7.67 11.48 -28.31
N ARG A 44 -6.76 12.30 -27.76
CA ARG A 44 -5.36 12.21 -28.16
C ARG A 44 -4.70 10.95 -27.62
N ASP A 45 -5.01 10.56 -26.39
CA ASP A 45 -4.35 9.45 -25.74
C ASP A 45 -5.24 8.24 -25.49
N GLY A 46 -6.53 8.45 -25.21
CA GLY A 46 -7.42 7.34 -24.95
C GLY A 46 -7.37 6.80 -23.54
N LEU A 47 -6.76 7.52 -22.60
CA LEU A 47 -6.60 7.06 -21.23
C LEU A 47 -7.28 8.02 -20.27
N LYS A 48 -8.02 7.47 -19.32
CA LYS A 48 -8.57 8.26 -18.24
C LYS A 48 -7.46 8.70 -17.29
N PRO A 49 -7.69 9.74 -16.49
CA PRO A 49 -6.62 10.21 -15.58
C PRO A 49 -6.07 9.13 -14.66
N VAL A 50 -6.90 8.22 -14.18
CA VAL A 50 -6.41 7.16 -13.29
C VAL A 50 -5.45 6.24 -14.06
N HIS A 51 -5.81 5.86 -15.29
CA HIS A 51 -4.94 4.98 -16.07
C HIS A 51 -3.62 5.67 -16.40
N ARG A 52 -3.67 6.93 -16.81
CA ARG A 52 -2.44 7.65 -17.12
C ARG A 52 -1.55 7.80 -15.89
N ARG A 53 -2.15 8.12 -14.74
CA ARG A 53 -1.36 8.27 -13.52
C ARG A 53 -0.73 6.94 -13.11
N VAL A 54 -1.49 5.85 -13.21
CA VAL A 54 -0.93 4.53 -12.86
C VAL A 54 0.22 4.18 -13.79
N LEU A 55 0.05 4.41 -15.09
CA LEU A 55 1.10 4.10 -16.05
C LEU A 55 2.35 4.93 -15.79
N TYR A 56 2.18 6.23 -15.53
CA TYR A 56 3.34 7.07 -15.28
C TYR A 56 4.04 6.70 -13.97
N ALA A 57 3.26 6.36 -12.94
CA ALA A 57 3.87 5.94 -11.68
C ALA A 57 4.65 4.65 -11.84
N MET A 58 4.12 3.70 -12.63
CA MET A 58 4.86 2.47 -12.87
C MET A 58 6.09 2.70 -13.75
N PHE A 59 6.02 3.67 -14.66
CA PHE A 59 7.16 3.95 -15.53
C PHE A 59 8.29 4.63 -14.76
N ASP A 60 7.95 5.63 -13.95
CA ASP A 60 8.98 6.41 -13.27
C ASP A 60 9.61 5.65 -12.11
N SER A 61 8.83 4.80 -11.43
CA SER A 61 9.34 4.09 -10.26
C SER A 61 10.35 3.01 -10.61
N GLY A 62 10.51 2.68 -11.89
CA GLY A 62 11.50 1.70 -12.31
C GLY A 62 10.94 0.36 -12.73
N PHE A 63 9.63 0.18 -12.75
CA PHE A 63 9.03 -1.07 -13.20
C PHE A 63 8.96 -1.05 -14.73
N ARG A 64 9.80 -1.86 -15.36
CA ARG A 64 9.94 -1.88 -16.81
C ARG A 64 10.06 -3.32 -17.26
N PRO A 65 9.76 -3.60 -18.54
CA PRO A 65 9.82 -4.99 -19.01
C PRO A 65 11.19 -5.64 -18.93
N ASP A 66 12.25 -4.84 -18.82
CA ASP A 66 13.61 -5.37 -18.69
C ASP A 66 13.98 -5.67 -17.25
N ARG A 67 13.07 -5.44 -16.31
CA ARG A 67 13.31 -5.71 -14.89
C ARG A 67 12.31 -6.75 -14.39
N SER A 68 12.64 -7.35 -13.25
CA SER A 68 11.78 -8.38 -12.68
C SER A 68 10.48 -7.78 -12.17
N HIS A 69 9.52 -8.66 -11.89
CA HIS A 69 8.21 -8.23 -11.42
C HIS A 69 8.31 -7.61 -10.03
N ALA A 70 7.48 -6.60 -9.79
CA ALA A 70 7.40 -5.94 -8.50
C ALA A 70 5.98 -6.05 -7.97
N LYS A 71 5.86 -5.98 -6.64
CA LYS A 71 4.55 -6.10 -6.01
C LYS A 71 3.66 -4.93 -6.45
N SER A 72 2.37 -5.23 -6.66
CA SER A 72 1.43 -4.19 -7.04
C SER A 72 1.17 -3.20 -5.92
N ALA A 73 1.43 -3.59 -4.67
CA ALA A 73 1.20 -2.70 -3.54
C ALA A 73 2.09 -1.46 -3.62
N ARG A 74 3.35 -1.63 -4.03
CA ARG A 74 4.26 -0.49 -4.12
C ARG A 74 3.80 0.51 -5.17
N SER A 75 3.41 0.02 -6.35
CA SER A 75 2.91 0.92 -7.39
C SER A 75 1.61 1.59 -6.99
N VAL A 76 0.71 0.84 -6.34
CA VAL A 76 -0.56 1.43 -5.90
C VAL A 76 -0.31 2.52 -4.88
N ALA A 77 0.59 2.28 -3.93
CA ALA A 77 0.90 3.29 -2.92
C ALA A 77 1.57 4.51 -3.56
N GLU A 78 2.46 4.29 -4.51
CA GLU A 78 3.10 5.41 -5.20
C GLU A 78 2.07 6.27 -5.92
N THR A 79 1.15 5.63 -6.65
CA THR A 79 0.08 6.36 -7.34
C THR A 79 -0.81 7.09 -6.36
N MET A 80 -1.18 6.43 -5.26
CA MET A 80 -2.08 7.03 -4.29
C MET A 80 -1.45 8.22 -3.60
N GLY A 81 -0.14 8.15 -3.33
CA GLY A 81 0.53 9.23 -2.64
C GLY A 81 0.92 10.39 -3.51
N ASN A 82 1.74 10.12 -4.53
CA ASN A 82 2.32 11.22 -5.30
C ASN A 82 1.30 11.87 -6.25
N TYR A 83 0.51 11.06 -6.94
CA TYR A 83 -0.31 11.56 -8.04
C TYR A 83 -1.81 11.50 -7.79
N HIS A 84 -2.35 10.33 -7.44
CA HIS A 84 -3.80 10.15 -7.40
C HIS A 84 -4.29 10.23 -5.96
N PRO A 85 -4.95 11.31 -5.55
CA PRO A 85 -5.44 11.42 -4.16
C PRO A 85 -6.84 10.85 -3.99
N HIS A 86 -6.95 9.52 -4.09
CA HIS A 86 -8.24 8.84 -3.98
C HIS A 86 -8.02 7.51 -3.27
N GLY A 87 -9.03 6.66 -3.32
CA GLY A 87 -8.98 5.39 -2.61
C GLY A 87 -8.07 4.39 -3.27
N ASP A 88 -7.81 3.30 -2.54
CA ASP A 88 -6.92 2.25 -3.01
C ASP A 88 -7.65 1.19 -3.83
N ALA A 89 -8.90 0.90 -3.46
CA ALA A 89 -9.64 -0.16 -4.13
C ALA A 89 -9.86 0.16 -5.61
N SER A 90 -10.23 1.41 -5.92
CA SER A 90 -10.44 1.80 -7.32
C SER A 90 -9.14 1.73 -8.12
N ILE A 91 -8.03 2.19 -7.52
CA ILE A 91 -6.75 2.14 -8.21
C ILE A 91 -6.34 0.70 -8.51
N TYR A 92 -6.50 -0.19 -7.52
CA TYR A 92 -6.16 -1.58 -7.73
C TYR A 92 -7.08 -2.23 -8.76
N ASP A 93 -8.36 -1.86 -8.76
CA ASP A 93 -9.28 -2.40 -9.75
C ASP A 93 -8.87 -1.97 -11.15
N SER A 94 -8.50 -0.71 -11.32
CA SER A 94 -8.04 -0.23 -12.63
C SER A 94 -6.77 -0.95 -13.05
N LEU A 95 -5.83 -1.13 -12.12
CA LEU A 95 -4.59 -1.83 -12.44
C LEU A 95 -4.85 -3.27 -12.84
N VAL A 96 -5.78 -3.95 -12.16
CA VAL A 96 -6.12 -5.32 -12.52
C VAL A 96 -6.82 -5.38 -13.87
N ARG A 97 -7.71 -4.43 -14.14
CA ARG A 97 -8.42 -4.41 -15.40
C ARG A 97 -7.47 -4.19 -16.58
N MET A 98 -6.48 -3.32 -16.42
CA MET A 98 -5.54 -3.06 -17.51
C MET A 98 -4.69 -4.27 -17.86
N ALA A 99 -4.67 -5.31 -17.02
CA ALA A 99 -3.84 -6.48 -17.24
C ALA A 99 -4.64 -7.72 -17.64
N GLN A 100 -5.93 -7.56 -17.96
CA GLN A 100 -6.78 -8.70 -18.25
C GLN A 100 -6.90 -8.89 -19.76
N PRO A 101 -6.45 -10.01 -20.32
CA PRO A 101 -6.54 -10.19 -21.78
C PRO A 101 -7.96 -10.21 -22.32
N TRP A 102 -8.92 -10.71 -21.55
CA TRP A 102 -10.29 -10.81 -22.04
C TRP A 102 -11.06 -9.49 -21.95
N SER A 103 -10.49 -8.47 -21.34
CA SER A 103 -11.11 -7.16 -21.24
C SER A 103 -10.44 -6.10 -22.10
N LEU A 104 -9.13 -6.21 -22.31
CA LEU A 104 -8.37 -5.29 -23.14
C LEU A 104 -7.83 -6.05 -24.35
N ARG A 105 -8.07 -5.50 -25.55
CA ARG A 105 -7.55 -6.13 -26.76
C ARG A 105 -6.03 -6.15 -26.75
N TYR A 106 -5.42 -5.04 -26.36
CA TYR A 106 -3.96 -4.95 -26.20
C TYR A 106 -3.66 -4.57 -24.75
N PRO A 107 -3.28 -5.53 -23.91
CA PRO A 107 -3.03 -5.21 -22.50
C PRO A 107 -1.87 -4.25 -22.33
N LEU A 108 -1.92 -3.45 -21.27
CA LEU A 108 -0.89 -2.48 -20.97
C LEU A 108 -0.13 -2.78 -19.69
N VAL A 109 -0.46 -3.87 -19.00
CA VAL A 109 0.22 -4.25 -17.76
C VAL A 109 0.45 -5.75 -17.79
N ASP A 110 1.68 -6.17 -17.52
CA ASP A 110 2.04 -7.59 -17.44
C ASP A 110 1.93 -8.01 -15.98
N GLY A 111 0.94 -8.85 -15.68
CA GLY A 111 0.66 -9.24 -14.32
C GLY A 111 1.00 -10.70 -14.06
N GLN A 112 1.47 -10.98 -12.86
CA GLN A 112 1.78 -12.34 -12.41
C GLN A 112 1.01 -12.59 -11.12
N GLY A 113 0.22 -13.65 -11.11
CA GLY A 113 -0.60 -14.01 -9.97
C GLY A 113 -2.00 -14.35 -10.43
N ASN A 114 -2.94 -14.32 -9.49
CA ASN A 114 -4.35 -14.58 -9.78
C ASN A 114 -5.04 -13.25 -10.01
N PHE A 115 -5.13 -12.86 -11.29
CA PHE A 115 -5.66 -11.56 -11.67
C PHE A 115 -7.15 -11.59 -11.99
N GLY A 116 -7.80 -12.73 -11.82
CA GLY A 116 -9.24 -12.83 -11.99
C GLY A 116 -9.61 -13.92 -12.98
N SER A 117 -10.91 -14.01 -13.23
CA SER A 117 -11.50 -14.99 -14.12
C SER A 117 -12.61 -14.33 -14.93
N PRO A 118 -12.90 -14.84 -16.13
CA PRO A 118 -14.02 -14.28 -16.90
C PRO A 118 -15.37 -14.45 -16.23
N GLY A 119 -15.50 -15.39 -15.28
CA GLY A 119 -16.74 -15.58 -14.57
C GLY A 119 -16.92 -14.65 -13.40
N ASN A 120 -17.33 -15.18 -12.25
CA ASN A 120 -17.60 -14.39 -11.06
C ASN A 120 -16.45 -14.41 -10.06
N ASP A 121 -15.34 -15.06 -10.38
CA ASP A 121 -14.23 -15.15 -9.44
C ASP A 121 -13.54 -13.79 -9.32
N PRO A 122 -13.25 -13.31 -8.12
CA PRO A 122 -12.60 -12.01 -7.96
C PRO A 122 -11.09 -12.16 -7.94
N PRO A 123 -10.35 -11.11 -8.28
CA PRO A 123 -8.89 -11.18 -8.23
C PRO A 123 -8.39 -11.20 -6.79
N ALA A 124 -7.15 -11.64 -6.63
CA ALA A 124 -6.52 -11.72 -5.33
C ALA A 124 -6.25 -10.32 -4.79
N ALA A 125 -5.71 -10.27 -3.57
CA ALA A 125 -5.45 -9.00 -2.90
C ALA A 125 -4.17 -8.37 -3.42
N MET A 126 -3.94 -7.13 -3.01
CA MET A 126 -2.73 -6.41 -3.39
C MET A 126 -1.46 -7.09 -2.91
N ARG A 127 -1.54 -7.86 -1.83
CA ARG A 127 -0.36 -8.46 -1.23
C ARG A 127 0.23 -9.58 -2.08
N TYR A 128 -0.58 -10.27 -2.87
CA TYR A 128 -0.13 -11.44 -3.62
C TYR A 128 0.28 -11.11 -5.06
N THR A 129 -0.57 -10.39 -5.80
CA THR A 129 -0.31 -10.17 -7.21
C THR A 129 0.85 -9.21 -7.44
N GLU A 130 1.58 -9.43 -8.52
CA GLU A 130 2.68 -8.57 -8.94
C GLU A 130 2.42 -8.07 -10.35
N ALA A 131 2.99 -6.91 -10.68
CA ALA A 131 2.72 -6.28 -11.97
C ALA A 131 3.90 -5.46 -12.44
N ARG A 132 4.09 -5.42 -13.76
CA ARG A 132 5.07 -4.54 -14.39
C ARG A 132 4.46 -4.04 -15.70
N LEU A 133 5.24 -3.31 -16.48
CA LEU A 133 4.76 -2.80 -17.76
C LEU A 133 4.98 -3.83 -18.87
N THR A 134 4.27 -3.63 -19.97
CA THR A 134 4.36 -4.47 -21.16
C THR A 134 5.17 -3.79 -22.25
N PRO A 135 5.73 -4.56 -23.18
CA PRO A 135 6.48 -3.93 -24.28
C PRO A 135 5.64 -2.98 -25.11
N LEU A 136 4.33 -3.24 -25.26
CA LEU A 136 3.47 -2.32 -25.99
C LEU A 136 3.17 -1.07 -25.18
N ALA A 137 3.19 -1.17 -23.85
CA ALA A 137 2.96 0.00 -23.00
C ALA A 137 4.15 0.95 -22.99
N MET A 138 5.36 0.42 -23.16
CA MET A 138 6.55 1.28 -23.21
C MET A 138 6.58 2.15 -24.47
N GLU A 139 5.83 1.78 -25.51
CA GLU A 139 5.72 2.64 -26.69
C GLU A 139 4.81 3.83 -26.43
N MET A 140 3.97 3.77 -25.41
CA MET A 140 3.12 4.92 -25.07
C MET A 140 3.92 6.02 -24.39
N LEU A 141 4.97 5.66 -23.67
CA LEU A 141 5.79 6.61 -22.92
C LEU A 141 7.12 6.89 -23.60
N ARG A 142 7.21 6.67 -24.91
CA ARG A 142 8.47 6.86 -25.61
C ARG A 142 8.83 8.34 -25.69
N GLU A 143 10.07 8.67 -25.30
CA GLU A 143 10.60 10.02 -25.35
C GLU A 143 9.70 10.99 -24.58
N ILE A 144 9.39 10.64 -23.34
CA ILE A 144 8.57 11.51 -22.49
C ILE A 144 9.42 12.52 -21.72
N ASP A 145 10.73 12.30 -21.61
CA ASP A 145 11.62 13.21 -20.90
C ASP A 145 12.24 14.26 -21.81
N GLU A 146 11.90 14.26 -23.10
CA GLU A 146 12.44 15.22 -24.06
C GLU A 146 11.50 16.38 -24.32
N GLU A 147 10.71 16.76 -23.31
CA GLU A 147 9.78 17.89 -23.41
C GLU A 147 8.78 17.69 -24.57
N THR A 148 8.38 16.44 -24.78
CA THR A 148 7.40 16.16 -25.83
C THR A 148 5.98 16.54 -25.41
N VAL A 149 5.68 16.49 -24.11
CA VAL A 149 4.35 16.78 -23.61
C VAL A 149 4.47 17.76 -22.45
N ASP A 150 3.36 18.45 -22.17
CA ASP A 150 3.33 19.43 -21.10
C ASP A 150 3.32 18.75 -19.74
N PHE A 151 3.69 19.52 -18.71
CA PHE A 151 3.71 19.05 -17.33
C PHE A 151 3.03 20.07 -16.43
N ILE A 152 2.37 19.57 -15.39
CA ILE A 152 1.67 20.44 -14.43
C ILE A 152 1.92 19.92 -13.02
N PRO A 153 1.93 20.83 -12.04
CA PRO A 153 2.08 20.40 -10.66
C PRO A 153 0.88 19.63 -10.16
N ASN A 154 1.11 18.75 -9.19
CA ASN A 154 0.05 17.92 -8.62
C ASN A 154 -0.77 18.74 -7.62
N TYR A 155 -1.61 18.05 -6.84
CA TYR A 155 -2.55 18.75 -5.97
C TYR A 155 -1.84 19.56 -4.89
N ASP A 156 -0.80 19.00 -4.29
CA ASP A 156 -0.06 19.69 -3.24
C ASP A 156 1.12 20.50 -3.76
N GLY A 157 1.34 20.50 -5.07
CA GLY A 157 2.40 21.32 -5.65
C GLY A 157 3.80 20.86 -5.37
N ARG A 158 4.00 19.57 -5.08
CA ARG A 158 5.33 19.04 -4.80
C ARG A 158 6.05 18.60 -6.08
N VAL A 159 5.45 17.67 -6.81
CA VAL A 159 6.07 17.11 -8.01
C VAL A 159 5.26 17.49 -9.24
N GLN A 160 5.76 17.12 -10.42
CA GLN A 160 5.12 17.42 -11.69
C GLN A 160 4.66 16.14 -12.36
N GLU A 161 3.49 16.20 -13.01
CA GLU A 161 2.92 15.08 -13.73
C GLU A 161 2.49 15.52 -15.11
N PRO A 162 2.54 14.64 -16.11
CA PRO A 162 2.18 15.02 -17.48
C PRO A 162 0.68 15.21 -17.65
N THR A 163 0.33 16.02 -18.64
CA THR A 163 -1.06 16.22 -19.02
C THR A 163 -1.55 15.20 -20.02
N VAL A 164 -0.66 14.59 -20.79
CA VAL A 164 -1.03 13.59 -21.79
C VAL A 164 0.21 12.80 -22.16
N LEU A 165 0.04 11.50 -22.33
CA LEU A 165 1.14 10.65 -22.77
C LEU A 165 1.35 10.82 -24.28
N PRO A 166 2.58 10.58 -24.76
CA PRO A 166 2.83 10.71 -26.21
C PRO A 166 1.94 9.82 -27.05
N SER A 167 1.68 8.59 -26.61
CA SER A 167 0.75 7.67 -27.27
C SER A 167 1.14 7.45 -28.74
N ARG A 168 2.31 6.83 -28.91
CA ARG A 168 2.86 6.60 -30.24
C ARG A 168 1.99 5.68 -31.10
N PHE A 169 1.05 4.95 -30.51
CA PHE A 169 0.10 4.17 -31.27
C PHE A 169 -1.32 4.52 -30.84
N PRO A 170 -2.30 4.37 -31.74
CA PRO A 170 -3.66 4.84 -31.42
C PRO A 170 -4.36 3.95 -30.40
N ASN A 171 -4.10 4.22 -29.12
CA ASN A 171 -4.65 3.37 -28.06
C ASN A 171 -6.16 3.47 -27.96
N LEU A 172 -6.73 4.65 -28.25
CA LEU A 172 -8.16 4.85 -28.03
C LEU A 172 -8.99 3.87 -28.86
N LEU A 173 -8.73 3.79 -30.17
CA LEU A 173 -9.46 2.86 -31.02
C LEU A 173 -8.99 1.43 -30.85
N ALA A 174 -7.69 1.22 -30.59
CA ALA A 174 -7.18 -0.14 -30.48
C ALA A 174 -7.72 -0.86 -29.25
N ASN A 175 -7.94 -0.15 -28.15
CA ASN A 175 -8.40 -0.78 -26.92
C ASN A 175 -9.84 -0.43 -26.55
N GLY A 176 -10.45 0.55 -27.23
CA GLY A 176 -11.80 0.94 -26.90
C GLY A 176 -11.87 1.76 -25.62
N SER A 177 -13.09 2.04 -25.21
CA SER A 177 -13.31 2.80 -23.99
C SER A 177 -14.73 2.56 -23.50
N GLY A 178 -14.95 2.86 -22.23
CA GLY A 178 -16.27 2.76 -21.63
C GLY A 178 -16.36 3.52 -20.32
N GLY A 179 -17.38 4.35 -20.18
CA GLY A 179 -17.50 5.17 -18.99
C GLY A 179 -18.88 5.76 -18.84
N ILE A 180 -19.21 6.10 -17.60
CA ILE A 180 -20.48 6.70 -17.24
C ILE A 180 -20.19 7.99 -16.49
N ALA A 181 -20.77 9.09 -16.97
CA ALA A 181 -20.61 10.40 -16.38
C ALA A 181 -21.98 10.92 -15.94
N VAL A 182 -22.01 12.17 -15.50
CA VAL A 182 -23.25 12.82 -15.06
C VAL A 182 -23.92 13.38 -16.30
N GLY A 183 -24.97 12.71 -16.76
CA GLY A 183 -25.70 13.12 -17.94
C GLY A 183 -25.11 12.65 -19.26
N MET A 184 -24.06 11.85 -19.24
CA MET A 184 -23.42 11.37 -20.46
C MET A 184 -22.93 9.95 -20.26
N ALA A 185 -22.61 9.30 -21.37
CA ALA A 185 -22.04 7.96 -21.35
C ALA A 185 -21.14 7.80 -22.57
N THR A 186 -20.21 6.86 -22.48
CA THR A 186 -19.22 6.65 -23.54
C THR A 186 -18.99 5.16 -23.73
N ASN A 187 -19.04 4.73 -24.99
CA ASN A 187 -18.78 3.33 -25.33
C ASN A 187 -18.11 3.28 -26.70
N ILE A 188 -16.88 2.78 -26.75
CA ILE A 188 -16.10 2.69 -27.98
C ILE A 188 -15.55 1.27 -28.09
N PRO A 189 -15.81 0.56 -29.18
CA PRO A 189 -15.37 -0.85 -29.28
C PRO A 189 -13.93 -0.96 -29.72
N PRO A 190 -13.24 -2.02 -29.32
CA PRO A 190 -11.85 -2.19 -29.75
C PRO A 190 -11.75 -2.50 -31.23
N HIS A 191 -10.61 -2.11 -31.81
CA HIS A 191 -10.34 -2.29 -33.23
C HIS A 191 -9.07 -3.13 -33.41
N ASN A 192 -8.62 -3.24 -34.66
CA ASN A 192 -7.41 -3.98 -35.01
C ASN A 192 -6.32 -2.98 -35.39
N LEU A 193 -5.14 -3.15 -34.80
CA LEU A 193 -4.05 -2.21 -35.05
C LEU A 193 -3.56 -2.29 -36.49
N ARG A 194 -3.49 -3.50 -37.05
CA ARG A 194 -2.92 -3.66 -38.39
C ARG A 194 -3.76 -2.96 -39.45
N GLU A 195 -5.08 -2.91 -39.27
CA GLU A 195 -5.93 -2.20 -40.21
C GLU A 195 -6.09 -0.72 -39.88
N LEU A 196 -5.81 -0.32 -38.63
CA LEU A 196 -5.75 1.10 -38.31
C LEU A 196 -4.49 1.74 -38.87
N ALA A 197 -3.42 0.96 -39.02
CA ALA A 197 -2.18 1.49 -39.58
C ALA A 197 -2.40 1.98 -41.01
N ASP A 198 -3.17 1.23 -41.81
CA ASP A 198 -3.45 1.65 -43.18
C ASP A 198 -4.21 2.96 -43.21
N ALA A 199 -5.20 3.11 -42.33
CA ALA A 199 -5.96 4.36 -42.28
C ALA A 199 -5.07 5.53 -41.89
N VAL A 200 -4.18 5.33 -40.91
CA VAL A 200 -3.29 6.40 -40.49
C VAL A 200 -2.32 6.77 -41.61
N PHE A 201 -1.83 5.75 -42.34
CA PHE A 201 -0.94 6.03 -43.46
C PHE A 201 -1.66 6.82 -44.56
N TRP A 202 -2.91 6.46 -44.85
CA TRP A 202 -3.68 7.21 -45.82
C TRP A 202 -3.90 8.65 -45.37
N ALA A 203 -4.19 8.85 -44.08
CA ALA A 203 -4.37 10.20 -43.56
C ALA A 203 -3.07 11.00 -43.68
N LEU A 204 -1.94 10.38 -43.39
CA LEU A 204 -0.65 11.06 -43.48
C LEU A 204 -0.32 11.43 -44.93
N GLU A 205 -0.56 10.52 -45.87
CA GLU A 205 -0.17 10.76 -47.25
C GLU A 205 -1.15 11.67 -48.00
N ASN A 206 -2.35 11.90 -47.46
CA ASN A 206 -3.39 12.67 -48.12
C ASN A 206 -3.90 13.78 -47.22
N HIS A 207 -2.97 14.57 -46.68
CA HIS A 207 -3.32 15.62 -45.73
C HIS A 207 -4.20 16.71 -46.33
N ASP A 208 -4.30 16.80 -47.65
CA ASP A 208 -5.16 17.80 -48.30
C ASP A 208 -6.49 17.20 -48.73
N ALA A 209 -7.01 16.24 -47.98
CA ALA A 209 -8.28 15.59 -48.31
C ALA A 209 -9.41 16.26 -47.54
N ASP A 210 -10.60 16.28 -48.15
CA ASP A 210 -11.76 16.87 -47.51
C ASP A 210 -12.36 15.88 -46.49
N GLU A 211 -13.46 16.30 -45.87
CA GLU A 211 -14.09 15.46 -44.85
C GLU A 211 -14.73 14.22 -45.45
N GLU A 212 -15.48 14.39 -46.54
CA GLU A 212 -16.20 13.26 -47.13
C GLU A 212 -15.24 12.23 -47.69
N GLU A 213 -14.22 12.68 -48.43
CA GLU A 213 -13.25 11.75 -49.01
C GLU A 213 -12.48 11.01 -47.91
N THR A 214 -12.04 11.74 -46.88
CA THR A 214 -11.33 11.10 -45.79
C THR A 214 -12.22 10.07 -45.09
N LEU A 215 -13.48 10.42 -44.84
CA LEU A 215 -14.38 9.48 -44.19
C LEU A 215 -14.58 8.23 -45.04
N ALA A 216 -14.79 8.41 -46.35
CA ALA A 216 -15.00 7.27 -47.24
C ALA A 216 -13.77 6.36 -47.27
N ALA A 217 -12.59 6.96 -47.43
CA ALA A 217 -11.36 6.16 -47.49
C ALA A 217 -11.09 5.43 -46.17
N VAL A 218 -11.29 6.12 -45.04
CA VAL A 218 -11.04 5.49 -43.75
C VAL A 218 -12.02 4.36 -43.51
N MET A 219 -13.30 4.57 -43.83
CA MET A 219 -14.28 3.50 -43.66
C MET A 219 -14.01 2.33 -44.60
N GLY A 220 -13.46 2.61 -45.78
CA GLY A 220 -13.05 1.53 -46.66
C GLY A 220 -11.88 0.73 -46.11
N ARG A 221 -10.92 1.42 -45.49
CA ARG A 221 -9.74 0.73 -44.96
C ARG A 221 -10.05 -0.02 -43.68
N VAL A 222 -10.93 0.52 -42.84
CA VAL A 222 -11.26 -0.08 -41.55
C VAL A 222 -12.59 -0.80 -41.70
N LYS A 223 -12.59 -2.12 -41.50
CA LYS A 223 -13.79 -2.92 -41.70
C LYS A 223 -14.77 -2.76 -40.54
N GLY A 224 -14.31 -3.03 -39.32
CA GLY A 224 -15.16 -2.94 -38.16
C GLY A 224 -14.45 -3.30 -36.88
N PRO A 225 -15.19 -3.40 -35.79
CA PRO A 225 -14.57 -3.73 -34.50
C PRO A 225 -14.01 -5.14 -34.48
N ASP A 226 -13.01 -5.35 -33.63
CA ASP A 226 -12.35 -6.65 -33.46
C ASP A 226 -12.23 -6.91 -31.96
N PHE A 227 -13.25 -7.55 -31.40
CA PHE A 227 -13.31 -7.75 -29.96
C PHE A 227 -12.25 -8.77 -29.51
N PRO A 228 -11.69 -8.60 -28.30
CA PRO A 228 -10.65 -9.53 -27.85
C PRO A 228 -11.14 -10.95 -27.62
N THR A 229 -12.45 -11.17 -27.47
CA THR A 229 -12.99 -12.48 -27.18
C THR A 229 -13.55 -13.16 -28.43
N ALA A 230 -12.98 -12.86 -29.60
CA ALA A 230 -13.40 -13.45 -30.87
C ALA A 230 -14.89 -13.22 -31.11
N GLY A 231 -15.68 -14.29 -31.02
CA GLY A 231 -17.11 -14.18 -31.22
C GLY A 231 -17.50 -14.10 -32.68
N LEU A 232 -18.49 -13.26 -32.98
CA LEU A 232 -19.01 -13.11 -34.34
C LEU A 232 -19.80 -11.82 -34.41
N ILE A 233 -19.79 -11.19 -35.58
CA ILE A 233 -20.55 -9.98 -35.86
C ILE A 233 -21.47 -10.25 -37.03
N VAL A 234 -22.76 -9.99 -36.84
CA VAL A 234 -23.78 -10.23 -37.85
C VAL A 234 -24.25 -8.89 -38.40
N GLY A 235 -24.22 -8.76 -39.73
CA GLY A 235 -24.67 -7.56 -40.39
C GLY A 235 -23.57 -6.53 -40.56
N SER A 236 -23.89 -5.48 -41.32
CA SER A 236 -22.95 -4.40 -41.57
C SER A 236 -23.56 -3.02 -41.48
N GLN A 237 -24.86 -2.90 -41.21
CA GLN A 237 -25.49 -1.58 -41.15
C GLN A 237 -25.15 -0.85 -39.86
N GLY A 238 -25.05 -1.58 -38.75
CA GLY A 238 -24.77 -0.95 -37.47
C GLY A 238 -23.41 -0.29 -37.43
N THR A 239 -22.39 -0.98 -37.97
CA THR A 239 -21.04 -0.41 -37.99
C THR A 239 -20.99 0.84 -38.87
N ALA A 240 -21.67 0.80 -40.02
CA ALA A 240 -21.72 1.97 -40.89
C ALA A 240 -22.41 3.13 -40.21
N ASP A 241 -23.51 2.86 -39.49
CA ASP A 241 -24.19 3.93 -38.76
C ASP A 241 -23.31 4.50 -37.66
N ALA A 242 -22.58 3.64 -36.95
CA ALA A 242 -21.71 4.11 -35.88
C ALA A 242 -20.57 4.96 -36.44
N TYR A 243 -20.00 4.57 -37.57
CA TYR A 243 -18.88 5.32 -38.13
C TYR A 243 -19.32 6.61 -38.80
N LYS A 244 -20.51 6.61 -39.42
CA LYS A 244 -20.97 7.80 -40.13
C LYS A 244 -21.46 8.88 -39.17
N THR A 245 -22.14 8.49 -38.09
CA THR A 245 -22.72 9.44 -37.15
C THR A 245 -22.04 9.41 -35.79
N GLY A 246 -21.94 8.25 -35.16
CA GLY A 246 -21.35 8.15 -33.84
C GLY A 246 -22.24 7.48 -32.83
N ARG A 247 -23.27 6.78 -33.30
CA ARG A 247 -24.20 6.09 -32.42
C ARG A 247 -24.87 4.98 -33.22
N GLY A 248 -24.61 3.73 -32.84
CA GLY A 248 -25.19 2.61 -33.57
C GLY A 248 -25.07 1.32 -32.81
N SER A 249 -25.92 0.37 -33.18
CA SER A 249 -25.99 -0.93 -32.53
C SER A 249 -25.34 -1.99 -33.41
N ILE A 250 -24.45 -2.79 -32.81
CA ILE A 250 -23.76 -3.87 -33.51
C ILE A 250 -24.20 -5.19 -32.90
N ARG A 251 -24.66 -6.12 -33.74
CA ARG A 251 -25.18 -7.40 -33.27
C ARG A 251 -24.05 -8.41 -33.17
N MET A 252 -23.81 -8.90 -31.95
CA MET A 252 -22.76 -9.86 -31.67
C MET A 252 -23.36 -11.23 -31.36
N ARG A 253 -22.63 -12.28 -31.69
CA ARG A 253 -23.14 -13.64 -31.57
C ARG A 253 -21.99 -14.60 -31.30
N GLY A 254 -22.27 -15.66 -30.52
CA GLY A 254 -21.30 -16.70 -30.28
C GLY A 254 -21.30 -17.74 -31.37
N VAL A 255 -20.62 -18.86 -31.09
CA VAL A 255 -20.53 -19.99 -32.01
C VAL A 255 -21.04 -21.23 -31.30
N VAL A 256 -21.81 -22.04 -32.03
CA VAL A 256 -22.34 -23.30 -31.51
C VAL A 256 -21.97 -24.41 -32.48
N GLU A 257 -21.44 -25.50 -31.94
CA GLU A 257 -21.02 -26.65 -32.73
C GLU A 257 -21.85 -27.87 -32.34
N VAL A 258 -22.30 -28.61 -33.34
CA VAL A 258 -23.13 -29.80 -33.14
C VAL A 258 -22.27 -31.04 -33.25
N GLU A 259 -22.39 -31.93 -32.28
CA GLU A 259 -21.62 -33.17 -32.25
C GLU A 259 -22.49 -34.30 -31.72
N GLU A 260 -22.12 -35.52 -32.11
CA GLU A 260 -22.83 -36.73 -31.71
C GLU A 260 -21.88 -37.64 -30.93
N ASP A 261 -22.44 -38.75 -30.42
CA ASP A 261 -21.64 -39.69 -29.63
C ASP A 261 -21.79 -41.11 -30.19
N SER A 262 -21.29 -42.09 -29.44
CA SER A 262 -21.36 -43.49 -29.88
C SER A 262 -22.82 -43.96 -29.96
N ARG A 263 -23.64 -43.55 -29.00
CA ARG A 263 -25.04 -43.97 -28.94
C ARG A 263 -25.95 -43.18 -29.86
N GLY A 264 -25.42 -42.18 -30.57
CA GLY A 264 -26.21 -41.37 -31.47
C GLY A 264 -26.91 -40.19 -30.83
N ARG A 265 -26.67 -39.92 -29.56
CA ARG A 265 -27.29 -38.76 -28.91
C ARG A 265 -26.59 -37.49 -29.37
N THR A 266 -27.39 -36.51 -29.79
CA THR A 266 -26.85 -35.25 -30.28
C THR A 266 -26.42 -34.37 -29.12
N SER A 267 -25.63 -33.34 -29.44
CA SER A 267 -25.13 -32.42 -28.44
C SER A 267 -24.83 -31.08 -29.09
N LEU A 268 -24.75 -30.04 -28.26
CA LEU A 268 -24.40 -28.70 -28.69
C LEU A 268 -23.22 -28.22 -27.86
N VAL A 269 -22.19 -27.72 -28.55
CA VAL A 269 -20.96 -27.27 -27.90
C VAL A 269 -20.82 -25.78 -28.13
N ILE A 270 -20.67 -25.03 -27.04
CA ILE A 270 -20.44 -23.59 -27.08
C ILE A 270 -19.01 -23.34 -26.68
N THR A 271 -18.26 -22.63 -27.54
CA THR A 271 -16.85 -22.37 -27.31
C THR A 271 -16.49 -20.90 -27.26
N GLU A 272 -17.34 -20.01 -27.79
CA GLU A 272 -17.09 -18.58 -27.76
C GLU A 272 -18.35 -17.85 -27.32
N LEU A 273 -18.16 -16.73 -26.63
CA LEU A 273 -19.25 -15.90 -26.17
C LEU A 273 -19.00 -14.46 -26.56
N PRO A 274 -20.06 -13.65 -26.73
CA PRO A 274 -19.87 -12.26 -27.14
C PRO A 274 -19.12 -11.43 -26.10
N TYR A 275 -18.82 -10.18 -26.45
CA TYR A 275 -18.01 -9.32 -25.59
C TYR A 275 -18.78 -8.94 -24.31
N GLN A 276 -18.05 -8.94 -23.20
CA GLN A 276 -18.58 -8.50 -21.90
C GLN A 276 -19.82 -9.29 -21.49
N VAL A 277 -19.78 -10.60 -21.70
CA VAL A 277 -20.85 -11.51 -21.28
C VAL A 277 -20.27 -12.48 -20.26
N ASN A 278 -20.86 -12.51 -19.08
CA ASN A 278 -20.38 -13.38 -18.01
C ASN A 278 -20.55 -14.85 -18.37
N HIS A 279 -19.67 -15.68 -17.83
CA HIS A 279 -19.70 -17.11 -18.07
C HIS A 279 -20.62 -17.83 -17.09
N ASP A 280 -20.52 -17.50 -15.80
CA ASP A 280 -21.37 -18.14 -14.80
C ASP A 280 -22.82 -17.70 -14.94
N ASN A 281 -23.04 -16.41 -15.27
CA ASN A 281 -24.40 -15.92 -15.44
C ASN A 281 -25.10 -16.61 -16.61
N PHE A 282 -24.36 -16.84 -17.70
CA PHE A 282 -24.92 -17.57 -18.85
C PHE A 282 -25.38 -18.96 -18.45
N ILE A 283 -24.51 -19.71 -17.77
CA ILE A 283 -24.84 -21.07 -17.39
C ILE A 283 -26.01 -21.09 -16.41
N THR A 284 -26.04 -20.12 -15.47
CA THR A 284 -27.09 -20.08 -14.48
C THR A 284 -28.43 -19.74 -15.12
N SER A 285 -28.45 -18.75 -16.01
CA SER A 285 -29.69 -18.37 -16.68
C SER A 285 -30.22 -19.52 -17.52
N ILE A 286 -29.34 -20.21 -18.25
CA ILE A 286 -29.80 -21.33 -19.07
C ILE A 286 -30.36 -22.43 -18.18
N ALA A 287 -29.68 -22.74 -17.07
CA ALA A 287 -30.15 -23.79 -16.18
C ALA A 287 -31.51 -23.44 -15.59
N GLU A 288 -31.69 -22.19 -15.14
CA GLU A 288 -32.97 -21.81 -14.55
C GLU A 288 -34.09 -21.82 -15.59
N GLN A 289 -33.82 -21.34 -16.81
CA GLN A 289 -34.85 -21.36 -17.83
C GLN A 289 -35.15 -22.78 -18.29
N VAL A 290 -34.18 -23.68 -18.15
CA VAL A 290 -34.43 -25.09 -18.42
C VAL A 290 -35.34 -25.69 -17.35
N ARG A 291 -35.06 -25.37 -16.09
CA ARG A 291 -35.92 -25.82 -14.99
C ARG A 291 -37.33 -25.29 -15.12
N ASP A 292 -37.49 -24.04 -15.59
CA ASP A 292 -38.82 -23.51 -15.86
C ASP A 292 -39.25 -23.88 -17.28
N GLY A 293 -40.42 -23.41 -17.69
CA GLY A 293 -40.95 -23.73 -19.01
C GLY A 293 -40.49 -22.79 -20.10
N LYS A 294 -39.24 -22.89 -20.52
CA LYS A 294 -38.69 -22.01 -21.54
C LYS A 294 -37.99 -22.87 -22.59
N LEU A 295 -37.39 -22.21 -23.59
CA LEU A 295 -36.80 -22.86 -24.74
C LEU A 295 -37.76 -23.86 -25.37
N ALA A 296 -37.24 -24.89 -26.03
CA ALA A 296 -38.12 -25.90 -26.62
C ALA A 296 -37.79 -27.31 -26.11
N GLY A 297 -36.52 -27.66 -26.08
CA GLY A 297 -36.11 -28.91 -25.47
C GLY A 297 -34.62 -29.00 -25.16
N ILE A 298 -34.30 -29.29 -23.91
CA ILE A 298 -32.92 -29.54 -23.47
C ILE A 298 -32.96 -30.61 -22.38
N SER A 299 -32.09 -31.63 -22.52
CA SER A 299 -32.02 -32.67 -21.51
C SER A 299 -31.27 -32.19 -20.27
N ASN A 300 -30.00 -31.83 -20.44
CA ASN A 300 -29.22 -31.28 -19.33
C ASN A 300 -28.07 -30.45 -19.88
N ILE A 301 -27.50 -29.64 -19.00
CA ILE A 301 -26.45 -28.69 -19.34
C ILE A 301 -25.24 -28.94 -18.44
N GLU A 302 -24.04 -28.88 -19.03
CA GLU A 302 -22.82 -29.11 -18.27
C GLU A 302 -21.75 -28.15 -18.76
N ASP A 303 -20.76 -27.91 -17.89
CA ASP A 303 -19.65 -27.04 -18.20
C ASP A 303 -18.35 -27.82 -18.09
N GLN A 304 -17.54 -27.78 -19.15
CA GLN A 304 -16.27 -28.49 -19.20
C GLN A 304 -15.14 -27.57 -19.64
N SER A 305 -15.22 -26.30 -19.27
CA SER A 305 -14.23 -25.29 -19.67
C SER A 305 -12.97 -25.48 -18.83
N SER A 306 -12.08 -26.36 -19.31
CA SER A 306 -10.83 -26.59 -18.63
C SER A 306 -9.84 -25.45 -18.91
N ASP A 307 -8.80 -25.38 -18.08
CA ASP A 307 -7.79 -24.32 -18.24
C ASP A 307 -7.01 -24.51 -19.55
N ARG A 308 -6.65 -25.75 -19.88
CA ARG A 308 -5.88 -26.03 -21.08
C ARG A 308 -6.75 -26.22 -22.32
N VAL A 309 -8.07 -26.21 -22.17
CA VAL A 309 -8.98 -26.36 -23.29
C VAL A 309 -9.57 -25.03 -23.72
N GLY A 310 -10.00 -24.21 -22.76
CA GLY A 310 -10.61 -22.93 -23.06
C GLY A 310 -12.02 -22.83 -22.55
N LEU A 311 -12.99 -22.72 -23.46
CA LEU A 311 -14.40 -22.66 -23.12
C LEU A 311 -15.13 -23.78 -23.85
N ARG A 312 -15.93 -24.54 -23.09
CA ARG A 312 -16.67 -25.67 -23.68
C ARG A 312 -17.91 -25.90 -22.81
N ILE A 313 -19.07 -25.49 -23.32
CA ILE A 313 -20.34 -25.68 -22.64
C ILE A 313 -21.15 -26.70 -23.44
N VAL A 314 -21.61 -27.75 -22.77
CA VAL A 314 -22.31 -28.86 -23.42
C VAL A 314 -23.79 -28.77 -23.09
N ILE A 315 -24.63 -28.77 -24.13
CA ILE A 315 -26.08 -28.75 -23.99
C ILE A 315 -26.63 -29.99 -24.68
N GLU A 316 -27.45 -30.76 -23.98
CA GLU A 316 -27.98 -32.02 -24.51
C GLU A 316 -29.43 -31.81 -24.94
N ILE A 317 -29.69 -31.95 -26.23
CA ILE A 317 -31.04 -31.98 -26.75
C ILE A 317 -31.52 -33.42 -26.73
N LYS A 318 -32.69 -33.65 -26.12
CA LYS A 318 -33.12 -35.00 -25.79
C LYS A 318 -33.31 -35.89 -27.02
N ARG A 319 -34.31 -35.59 -27.85
CA ARG A 319 -34.61 -36.47 -28.97
C ARG A 319 -34.94 -35.77 -30.29
N ASP A 320 -35.36 -34.51 -30.29
CA ASP A 320 -35.98 -33.92 -31.47
C ASP A 320 -35.29 -32.60 -31.82
N ALA A 321 -35.83 -31.95 -32.85
CA ALA A 321 -35.46 -30.62 -33.33
C ALA A 321 -34.13 -30.63 -34.09
N VAL A 322 -33.42 -31.77 -34.05
CA VAL A 322 -32.18 -32.00 -34.78
C VAL A 322 -31.25 -30.80 -34.66
N ALA A 323 -31.27 -30.15 -33.49
CA ALA A 323 -30.39 -29.02 -33.19
C ALA A 323 -30.50 -27.92 -34.26
N LYS A 324 -31.74 -27.62 -34.65
CA LYS A 324 -32.00 -26.58 -35.65
C LYS A 324 -32.76 -25.39 -35.07
N VAL A 325 -33.89 -25.64 -34.41
CA VAL A 325 -34.63 -24.56 -33.78
C VAL A 325 -34.16 -24.27 -32.37
N VAL A 326 -33.47 -25.22 -31.73
CA VAL A 326 -32.93 -24.96 -30.40
C VAL A 326 -31.84 -23.89 -30.47
N ILE A 327 -31.05 -23.89 -31.54
CA ILE A 327 -30.03 -22.86 -31.71
C ILE A 327 -30.68 -21.48 -31.85
N ASN A 328 -31.75 -21.39 -32.63
CA ASN A 328 -32.46 -20.12 -32.77
C ASN A 328 -33.07 -19.68 -31.44
N ASN A 329 -33.64 -20.62 -30.68
CA ASN A 329 -34.19 -20.29 -29.38
C ASN A 329 -33.10 -19.77 -28.43
N LEU A 330 -31.94 -20.42 -28.45
CA LEU A 330 -30.82 -19.94 -27.63
C LEU A 330 -30.38 -18.55 -28.06
N TYR A 331 -30.35 -18.31 -29.37
CA TYR A 331 -29.96 -17.00 -29.89
C TYR A 331 -30.92 -15.91 -29.42
N LYS A 332 -32.22 -16.19 -29.46
CA LYS A 332 -33.21 -15.18 -29.16
C LYS A 332 -33.67 -15.19 -27.71
N HIS A 333 -33.11 -16.05 -26.86
CA HIS A 333 -33.62 -16.12 -25.50
C HIS A 333 -32.55 -16.00 -24.42
N THR A 334 -31.36 -16.56 -24.64
CA THR A 334 -30.40 -16.76 -23.56
C THR A 334 -29.10 -16.01 -23.80
N GLN A 335 -29.21 -14.79 -24.32
CA GLN A 335 -28.08 -13.86 -24.47
C GLN A 335 -26.93 -14.46 -25.29
N LEU A 336 -27.19 -15.49 -26.10
CA LEU A 336 -26.17 -15.96 -27.03
C LEU A 336 -25.95 -14.98 -28.16
N GLN A 337 -26.94 -14.15 -28.46
CA GLN A 337 -26.82 -13.04 -29.38
C GLN A 337 -27.20 -11.76 -28.64
N THR A 338 -26.31 -10.78 -28.65
CA THR A 338 -26.50 -9.55 -27.89
C THR A 338 -26.20 -8.35 -28.79
N SER A 339 -26.31 -7.16 -28.22
CA SER A 339 -26.13 -5.92 -28.95
C SER A 339 -25.13 -5.03 -28.22
N PHE A 340 -24.28 -4.36 -28.99
CA PHE A 340 -23.32 -3.39 -28.49
C PHE A 340 -23.76 -2.01 -28.96
N GLY A 341 -24.10 -1.14 -28.01
CA GLY A 341 -24.55 0.20 -28.33
C GLY A 341 -23.42 1.21 -28.43
N ALA A 342 -22.64 1.14 -29.51
CA ALA A 342 -21.50 2.02 -29.67
C ALA A 342 -21.94 3.48 -29.73
N ASN A 343 -21.28 4.31 -28.94
CA ASN A 343 -21.56 5.76 -28.89
C ASN A 343 -20.24 6.44 -28.57
N MET A 344 -19.58 6.98 -29.60
CA MET A 344 -18.22 7.48 -29.48
C MET A 344 -18.24 8.91 -28.93
N LEU A 345 -17.92 9.05 -27.65
CA LEU A 345 -17.85 10.33 -26.97
C LEU A 345 -16.44 10.52 -26.43
N ALA A 346 -15.84 11.67 -26.69
CA ALA A 346 -14.46 11.90 -26.27
C ALA A 346 -14.27 13.37 -25.96
N ILE A 347 -13.24 13.65 -25.17
CA ILE A 347 -12.93 15.01 -24.72
C ILE A 347 -11.89 15.60 -25.66
N VAL A 348 -12.23 16.71 -26.32
CA VAL A 348 -11.31 17.47 -27.14
C VAL A 348 -11.11 18.84 -26.49
N ASP A 349 -9.86 19.22 -26.29
CA ASP A 349 -9.45 20.47 -25.66
C ASP A 349 -10.26 20.81 -24.40
N GLY A 350 -10.66 19.78 -23.66
CA GLY A 350 -11.38 19.98 -22.40
C GLY A 350 -12.88 20.06 -22.50
N VAL A 351 -13.46 19.62 -23.61
CA VAL A 351 -14.90 19.67 -23.81
C VAL A 351 -15.37 18.36 -24.44
N PRO A 352 -16.43 17.73 -23.93
CA PRO A 352 -16.92 16.50 -24.56
C PRO A 352 -17.52 16.76 -25.92
N ARG A 353 -17.39 15.77 -26.81
CA ARG A 353 -17.90 15.88 -28.17
C ARG A 353 -18.06 14.48 -28.75
N THR A 354 -19.01 14.36 -29.67
CA THR A 354 -19.25 13.12 -30.41
C THR A 354 -18.56 13.22 -31.77
N LEU A 355 -17.71 12.25 -32.08
CA LEU A 355 -16.84 12.31 -33.25
C LEU A 355 -17.01 11.08 -34.11
N ARG A 356 -16.73 11.24 -35.40
CA ARG A 356 -16.72 10.14 -36.35
C ARG A 356 -15.32 9.53 -36.39
N LEU A 357 -15.08 8.62 -37.34
CA LEU A 357 -13.79 7.95 -37.42
C LEU A 357 -12.70 8.90 -37.91
N ASP A 358 -13.01 9.68 -38.96
CA ASP A 358 -12.02 10.59 -39.52
C ASP A 358 -11.59 11.66 -38.52
N GLN A 359 -12.50 12.10 -37.66
CA GLN A 359 -12.14 13.07 -36.63
C GLN A 359 -11.06 12.51 -35.71
N LEU A 360 -11.26 11.29 -35.21
CA LEU A 360 -10.27 10.67 -34.35
C LEU A 360 -8.95 10.46 -35.07
N ILE A 361 -9.01 10.01 -36.32
CA ILE A 361 -7.78 9.77 -37.08
C ILE A 361 -6.99 11.06 -37.24
N ARG A 362 -7.67 12.14 -37.62
CA ARG A 362 -7.00 13.42 -37.83
C ARG A 362 -6.44 13.96 -36.52
N TYR A 363 -7.19 13.83 -35.42
CA TYR A 363 -6.69 14.31 -34.13
C TYR A 363 -5.45 13.56 -33.70
N TYR A 364 -5.44 12.24 -33.88
CA TYR A 364 -4.26 11.45 -33.55
C TYR A 364 -3.06 11.84 -34.42
N VAL A 365 -3.30 12.06 -35.72
CA VAL A 365 -2.20 12.44 -36.61
C VAL A 365 -1.62 13.79 -36.18
N ASP A 366 -2.49 14.75 -35.85
CA ASP A 366 -2.02 16.05 -35.40
C ASP A 366 -1.21 15.94 -34.10
N HIS A 367 -1.68 15.12 -33.17
CA HIS A 367 -0.94 14.91 -31.92
C HIS A 367 0.44 14.32 -32.19
N GLN A 368 0.51 13.33 -33.08
CA GLN A 368 1.81 12.73 -33.40
C GLN A 368 2.74 13.74 -34.04
N LEU A 369 2.23 14.56 -34.96
CA LEU A 369 3.07 15.57 -35.60
C LEU A 369 3.59 16.59 -34.58
N ASP A 370 2.73 17.02 -33.66
CA ASP A 370 3.17 17.96 -32.63
C ASP A 370 4.24 17.35 -31.74
N VAL A 371 4.08 16.09 -31.36
CA VAL A 371 5.08 15.42 -30.54
C VAL A 371 6.42 15.36 -31.26
N ILE A 372 6.38 15.01 -32.55
CA ILE A 372 7.62 14.93 -33.33
C ILE A 372 8.30 16.29 -33.40
N VAL A 373 7.53 17.36 -33.64
CA VAL A 373 8.12 18.69 -33.75
C VAL A 373 8.77 19.08 -32.43
N ARG A 374 8.09 18.84 -31.31
CA ARG A 374 8.64 19.22 -30.02
C ARG A 374 9.92 18.45 -29.72
N ARG A 375 9.93 17.14 -30.01
CA ARG A 375 11.13 16.35 -29.76
C ARG A 375 12.30 16.84 -30.61
N THR A 376 12.04 17.16 -31.88
CA THR A 376 13.10 17.65 -32.75
C THR A 376 13.66 18.98 -32.23
N THR A 377 12.78 19.89 -31.78
CA THR A 377 13.25 21.16 -31.27
C THR A 377 14.13 20.98 -30.03
N TYR A 378 13.69 20.11 -29.11
CA TYR A 378 14.48 19.87 -27.90
C TYR A 378 15.86 19.29 -28.24
N ARG A 379 15.89 18.31 -29.14
CA ARG A 379 17.15 17.70 -29.53
C ARG A 379 18.07 18.72 -30.21
N LEU A 380 17.50 19.59 -31.05
CA LEU A 380 18.31 20.60 -31.71
C LEU A 380 18.92 21.57 -30.69
N ARG A 381 18.15 22.01 -29.71
CA ARG A 381 18.70 22.92 -28.70
C ARG A 381 19.81 22.26 -27.91
N LYS A 382 19.61 21.00 -27.48
CA LYS A 382 20.65 20.31 -26.72
C LYS A 382 21.91 20.13 -27.54
N ALA A 383 21.76 19.75 -28.82
CA ALA A 383 22.92 19.56 -29.68
C ALA A 383 23.66 20.88 -29.90
N ASN A 384 22.92 21.98 -30.04
CA ASN A 384 23.56 23.28 -30.22
C ASN A 384 24.38 23.66 -29.00
N GLU A 385 23.84 23.47 -27.80
CA GLU A 385 24.62 23.81 -26.60
C GLU A 385 25.86 22.93 -26.48
N ARG A 386 25.71 21.63 -26.78
CA ARG A 386 26.87 20.74 -26.73
C ARG A 386 27.93 21.15 -27.75
N ALA A 387 27.50 21.57 -28.95
CA ALA A 387 28.43 22.01 -29.97
C ALA A 387 29.17 23.27 -29.53
N HIS A 388 28.46 24.20 -28.90
CA HIS A 388 29.12 25.41 -28.40
C HIS A 388 30.19 25.05 -27.37
N ILE A 389 29.86 24.16 -26.44
CA ILE A 389 30.83 23.76 -25.42
C ILE A 389 32.04 23.10 -26.07
N LEU A 390 31.80 22.20 -27.02
CA LEU A 390 32.90 21.48 -27.66
C LEU A 390 33.78 22.39 -28.50
N ARG A 391 33.17 23.37 -29.17
CA ARG A 391 33.94 24.33 -29.96
C ARG A 391 34.84 25.17 -29.06
N GLY A 392 34.31 25.65 -27.93
CA GLY A 392 35.15 26.34 -26.98
C GLY A 392 36.27 25.45 -26.46
N LEU A 393 35.97 24.17 -26.22
CA LEU A 393 36.98 23.24 -25.70
C LEU A 393 38.10 23.02 -26.71
N VAL A 394 37.76 22.88 -27.99
CA VAL A 394 38.80 22.66 -29.00
C VAL A 394 39.60 23.94 -29.24
N LYS A 395 38.95 25.10 -29.16
CA LYS A 395 39.69 26.35 -29.23
C LYS A 395 40.71 26.45 -28.10
N ALA A 396 40.31 26.00 -26.91
CA ALA A 396 41.26 25.92 -25.80
C ALA A 396 42.39 24.95 -26.10
N LEU A 397 42.05 23.77 -26.63
CA LEU A 397 43.05 22.74 -26.90
C LEU A 397 44.07 23.21 -27.91
N ASP A 398 43.68 24.13 -28.80
CA ASP A 398 44.63 24.65 -29.79
C ASP A 398 45.84 25.30 -29.13
N ALA A 399 45.69 25.83 -27.91
CA ALA A 399 46.77 26.53 -27.23
C ALA A 399 47.12 25.86 -25.91
N LEU A 400 47.31 24.53 -25.94
CA LEU A 400 47.44 23.75 -24.71
C LEU A 400 48.64 24.16 -23.87
N ASP A 401 49.78 24.41 -24.52
CA ASP A 401 50.99 24.76 -23.76
C ASP A 401 50.79 26.08 -23.00
N GLU A 402 50.28 27.10 -23.68
CA GLU A 402 50.03 28.37 -23.01
C GLU A 402 48.97 28.23 -21.93
N VAL A 403 47.94 27.42 -22.19
CA VAL A 403 46.87 27.25 -21.21
C VAL A 403 47.42 26.61 -19.94
N ILE A 404 48.23 25.55 -20.09
CA ILE A 404 48.76 24.86 -18.92
C ILE A 404 49.79 25.75 -18.20
N ALA A 405 50.55 26.54 -18.95
CA ALA A 405 51.50 27.45 -18.32
C ALA A 405 50.81 28.51 -17.50
N LEU A 406 49.71 29.06 -18.02
CA LEU A 406 48.97 30.08 -17.29
C LEU A 406 48.24 29.46 -16.09
N ILE A 407 47.73 28.23 -16.24
CA ILE A 407 47.04 27.58 -15.14
C ILE A 407 48.00 27.27 -13.99
N ARG A 408 49.20 26.77 -14.33
CA ARG A 408 50.17 26.42 -13.29
C ARG A 408 50.60 27.65 -12.49
N ALA A 409 50.83 28.77 -13.16
CA ALA A 409 51.30 29.99 -12.49
C ALA A 409 50.11 30.88 -12.16
N SER A 410 49.27 30.37 -11.26
CA SER A 410 48.10 31.11 -10.79
C SER A 410 47.90 30.85 -9.31
N GLU A 411 47.58 31.91 -8.57
CA GLU A 411 47.39 31.78 -7.12
C GLU A 411 46.18 30.91 -6.79
N THR A 412 45.07 31.11 -7.51
CA THR A 412 43.85 30.36 -7.25
C THR A 412 43.11 30.14 -8.56
N VAL A 413 41.97 29.45 -8.47
CA VAL A 413 41.20 29.10 -9.65
C VAL A 413 40.60 30.35 -10.32
N ASP A 414 40.20 31.34 -9.52
CA ASP A 414 39.52 32.51 -10.08
C ASP A 414 40.42 33.29 -11.03
N ILE A 415 41.68 33.51 -10.62
CA ILE A 415 42.61 34.24 -11.49
C ILE A 415 42.93 33.44 -12.74
N ALA A 416 43.02 32.11 -12.59
CA ALA A 416 43.24 31.27 -13.76
C ALA A 416 42.08 31.38 -14.75
N ARG A 417 40.85 31.36 -14.24
CA ARG A 417 39.69 31.50 -15.11
C ARG A 417 39.66 32.87 -15.78
N ALA A 418 40.00 33.92 -15.03
CA ALA A 418 40.03 35.26 -15.61
C ALA A 418 41.08 35.36 -16.72
N GLY A 419 42.27 34.80 -16.48
CA GLY A 419 43.29 34.81 -17.51
C GLY A 419 42.90 33.99 -18.73
N LEU A 420 42.24 32.86 -18.50
CA LEU A 420 41.74 32.05 -19.61
C LEU A 420 40.71 32.82 -20.43
N ILE A 421 39.83 33.55 -19.76
CA ILE A 421 38.82 34.35 -20.45
C ILE A 421 39.48 35.46 -21.26
N GLU A 422 40.46 36.14 -20.68
CA GLU A 422 41.10 37.27 -21.33
C GLU A 422 42.17 36.87 -22.35
N LEU A 423 42.54 35.60 -22.41
CA LEU A 423 43.60 35.16 -23.31
C LEU A 423 43.04 34.53 -24.59
N LEU A 424 42.11 33.61 -24.46
CA LEU A 424 41.59 32.85 -25.59
C LEU A 424 40.34 33.45 -26.20
N ASP A 425 39.88 34.61 -25.70
CA ASP A 425 38.64 35.24 -26.15
C ASP A 425 37.47 34.26 -26.01
N ILE A 426 37.36 33.71 -24.81
CA ILE A 426 36.38 32.68 -24.49
C ILE A 426 35.56 33.16 -23.30
N ASP A 427 34.24 33.07 -23.41
CA ASP A 427 33.33 33.54 -22.37
C ASP A 427 33.24 32.50 -21.26
N GLU A 428 32.26 32.66 -20.37
CA GLU A 428 32.04 31.70 -19.29
C GLU A 428 31.45 30.41 -19.86
N ILE A 429 31.13 29.48 -18.95
CA ILE A 429 30.63 28.15 -19.29
C ILE A 429 31.69 27.36 -20.05
N GLN A 430 32.17 27.92 -21.16
CA GLN A 430 33.27 27.28 -21.89
C GLN A 430 34.53 27.19 -21.03
N ALA A 431 34.83 28.26 -20.29
CA ALA A 431 36.02 28.25 -19.45
C ALA A 431 35.89 27.26 -18.30
N GLN A 432 34.67 27.08 -17.78
CA GLN A 432 34.47 26.10 -16.72
C GLN A 432 34.77 24.69 -17.21
N ALA A 433 34.32 24.36 -18.42
CA ALA A 433 34.69 23.07 -19.02
C ALA A 433 36.17 23.02 -19.36
N ILE A 434 36.77 24.18 -19.65
CA ILE A 434 38.21 24.24 -19.88
C ILE A 434 38.96 23.79 -18.65
N LEU A 435 38.56 24.31 -17.49
CA LEU A 435 39.19 23.94 -16.22
C LEU A 435 38.74 22.58 -15.71
N ASP A 436 37.73 21.97 -16.33
CA ASP A 436 37.23 20.66 -15.93
C ASP A 436 37.85 19.53 -16.74
N MET A 437 38.97 19.79 -17.41
CA MET A 437 39.69 18.73 -18.11
C MET A 437 40.16 17.66 -17.12
N GLN A 438 40.17 16.42 -17.59
CA GLN A 438 40.85 15.33 -16.91
C GLN A 438 42.13 15.02 -17.67
N LEU A 439 43.22 14.80 -16.92
CA LEU A 439 44.51 14.52 -17.55
C LEU A 439 44.44 13.30 -18.46
N ARG A 440 43.58 12.33 -18.15
CA ARG A 440 43.40 11.17 -18.99
C ARG A 440 42.98 11.57 -20.42
N ARG A 441 42.32 12.72 -20.57
CA ARG A 441 41.90 13.21 -21.87
C ARG A 441 42.94 14.13 -22.51
N LEU A 442 44.21 14.01 -22.13
CA LEU A 442 45.26 14.81 -22.73
C LEU A 442 46.09 14.06 -23.77
N ALA A 443 45.89 12.75 -23.91
CA ALA A 443 46.60 12.00 -24.94
C ALA A 443 46.08 12.34 -26.32
N ALA A 444 46.92 12.09 -27.33
CA ALA A 444 46.59 12.47 -28.70
C ALA A 444 45.30 11.82 -29.19
N LEU A 445 44.99 10.62 -28.69
CA LEU A 445 43.76 9.94 -29.08
C LEU A 445 42.55 10.81 -28.76
N GLU A 446 42.50 11.37 -27.54
CA GLU A 446 41.40 12.26 -27.19
C GLU A 446 41.49 13.60 -27.90
N ARG A 447 42.70 14.09 -28.18
CA ARG A 447 42.84 15.34 -28.92
C ARG A 447 42.32 15.22 -30.34
N GLN A 448 42.28 14.00 -30.89
CA GLN A 448 41.64 13.79 -32.19
C GLN A 448 40.18 13.40 -32.04
N ARG A 449 39.82 12.76 -30.92
CA ARG A 449 38.42 12.44 -30.64
C ARG A 449 37.59 13.71 -30.49
N ILE A 450 38.18 14.78 -29.95
CA ILE A 450 37.47 16.06 -29.88
C ILE A 450 37.13 16.55 -31.27
N ILE A 451 38.08 16.47 -32.20
CA ILE A 451 37.83 16.89 -33.58
C ILE A 451 36.73 16.04 -34.20
N ASP A 452 36.80 14.72 -33.99
CA ASP A 452 35.78 13.84 -34.56
C ASP A 452 34.39 14.15 -34.00
N ASP A 453 34.31 14.38 -32.68
CA ASP A 453 33.03 14.68 -32.06
C ASP A 453 32.45 15.99 -32.57
N LEU A 454 33.31 17.01 -32.71
CA LEU A 454 32.84 18.29 -33.24
C LEU A 454 32.36 18.14 -34.68
N ALA A 455 33.07 17.36 -35.48
CA ALA A 455 32.65 17.13 -36.86
C ALA A 455 31.30 16.44 -36.91
N LYS A 456 31.08 15.44 -36.05
CA LYS A 456 29.80 14.76 -36.02
C LYS A 456 28.68 15.69 -35.58
N ILE A 457 28.92 16.51 -34.55
CA ILE A 457 27.86 17.32 -33.98
C ILE A 457 27.46 18.46 -34.94
N GLU A 458 28.44 19.08 -35.61
CA GLU A 458 28.07 20.16 -36.52
C GLU A 458 27.33 19.67 -37.75
N ALA A 459 27.36 18.37 -38.04
CA ALA A 459 26.52 17.78 -39.07
C ALA A 459 25.16 17.36 -38.52
N GLU A 460 25.13 16.87 -37.28
CA GLU A 460 23.87 16.53 -36.65
C GLU A 460 22.97 17.77 -36.52
N ILE A 461 23.55 18.92 -36.19
CA ILE A 461 22.78 20.15 -36.09
C ILE A 461 22.15 20.50 -37.44
N ALA A 462 22.93 20.39 -38.52
CA ALA A 462 22.40 20.68 -39.85
C ALA A 462 21.29 19.71 -40.22
N ASP A 463 21.46 18.43 -39.90
CA ASP A 463 20.43 17.45 -40.18
C ASP A 463 19.14 17.77 -39.43
N LEU A 464 19.25 18.14 -38.16
CA LEU A 464 18.06 18.48 -37.37
C LEU A 464 17.38 19.73 -37.90
N GLU A 465 18.16 20.74 -38.30
CA GLU A 465 17.57 21.93 -38.88
C GLU A 465 16.85 21.61 -40.19
N ASP A 466 17.44 20.75 -41.02
CA ASP A 466 16.78 20.34 -42.25
C ASP A 466 15.48 19.59 -41.96
N ILE A 467 15.48 18.74 -40.93
CA ILE A 467 14.27 18.03 -40.53
C ILE A 467 13.19 19.02 -40.11
N LEU A 468 13.58 20.01 -39.32
CA LEU A 468 12.62 21.00 -38.84
C LEU A 468 12.10 21.88 -39.97
N ALA A 469 12.91 22.07 -41.02
CA ALA A 469 12.54 23.00 -42.08
C ALA A 469 11.47 22.45 -43.02
N LYS A 470 11.29 21.14 -43.08
CA LYS A 470 10.41 20.51 -44.07
C LYS A 470 9.38 19.62 -43.39
N PRO A 471 8.09 19.90 -43.52
CA PRO A 471 7.08 19.01 -42.92
C PRO A 471 7.08 17.60 -43.49
N GLU A 472 7.49 17.43 -44.75
CA GLU A 472 7.49 16.10 -45.35
C GLU A 472 8.41 15.14 -44.60
N ARG A 473 9.54 15.66 -44.10
CA ARG A 473 10.43 14.84 -43.28
C ARG A 473 9.74 14.38 -42.01
N GLN A 474 8.98 15.28 -41.36
CA GLN A 474 8.24 14.90 -40.17
C GLN A 474 7.20 13.84 -40.47
N ARG A 475 6.47 14.00 -41.57
CA ARG A 475 5.46 12.99 -41.94
C ARG A 475 6.11 11.65 -42.24
N GLY A 476 7.24 11.66 -42.93
CA GLY A 476 7.95 10.42 -43.19
C GLY A 476 8.45 9.76 -41.91
N ILE A 477 8.93 10.56 -40.96
CA ILE A 477 9.38 10.02 -39.68
C ILE A 477 8.22 9.35 -38.95
N VAL A 478 7.07 10.03 -38.90
CA VAL A 478 5.90 9.44 -38.25
C VAL A 478 5.50 8.15 -38.94
N ARG A 479 5.46 8.14 -40.27
CA ARG A 479 5.08 6.95 -41.01
C ARG A 479 6.03 5.80 -40.75
N ASP A 480 7.34 6.07 -40.77
CA ASP A 480 8.32 5.02 -40.56
C ASP A 480 8.22 4.44 -39.15
N GLU A 481 8.09 5.31 -38.14
CA GLU A 481 8.00 4.82 -36.77
C GLU A 481 6.73 4.00 -36.55
N LEU A 482 5.59 4.48 -37.05
CA LEU A 482 4.35 3.73 -36.88
C LEU A 482 4.41 2.40 -37.63
N ALA A 483 5.01 2.39 -38.83
CA ALA A 483 5.13 1.15 -39.58
C ALA A 483 6.01 0.14 -38.83
N GLU A 484 7.12 0.60 -38.25
CA GLU A 484 7.96 -0.29 -37.48
C GLU A 484 7.22 -0.83 -36.25
N ILE A 485 6.49 0.04 -35.56
CA ILE A 485 5.75 -0.40 -34.37
C ILE A 485 4.70 -1.45 -34.76
N VAL A 486 3.98 -1.22 -35.86
CA VAL A 486 2.96 -2.16 -36.30
C VAL A 486 3.60 -3.48 -36.72
N ASP A 487 4.75 -3.42 -37.41
CA ASP A 487 5.42 -4.64 -37.83
C ASP A 487 5.88 -5.46 -36.64
N ARG A 488 6.39 -4.82 -35.59
CA ARG A 488 6.83 -5.57 -34.42
C ARG A 488 5.64 -6.16 -33.66
N HIS A 489 4.60 -5.37 -33.44
CA HIS A 489 3.42 -5.80 -32.70
C HIS A 489 2.21 -5.79 -33.64
N GLY A 490 1.78 -6.97 -34.06
CA GLY A 490 0.62 -7.08 -34.93
C GLY A 490 -0.25 -8.27 -34.54
N ASP A 491 -1.52 -8.16 -34.91
CA ASP A 491 -2.51 -9.18 -34.60
C ASP A 491 -3.42 -9.36 -35.82
N ASP A 492 -4.16 -10.47 -35.81
CA ASP A 492 -5.11 -10.77 -36.87
C ASP A 492 -6.51 -10.32 -36.44
N ARG A 493 -7.49 -10.62 -37.29
CA ARG A 493 -8.88 -10.33 -36.99
C ARG A 493 -9.49 -11.44 -36.15
N ARG A 494 -9.55 -11.22 -34.84
CA ARG A 494 -10.10 -12.22 -33.93
C ARG A 494 -11.58 -12.46 -34.20
N THR A 495 -12.32 -11.40 -34.49
CA THR A 495 -13.76 -11.47 -34.71
C THR A 495 -14.02 -11.58 -36.20
N ARG A 496 -14.81 -12.59 -36.58
CA ARG A 496 -15.18 -12.80 -37.97
C ARG A 496 -16.52 -12.13 -38.27
N ILE A 497 -16.58 -11.37 -39.35
CA ILE A 497 -17.78 -10.64 -39.73
C ILE A 497 -18.45 -11.35 -40.90
N ILE A 498 -19.75 -11.65 -40.73
CA ILE A 498 -20.53 -12.33 -41.77
C ILE A 498 -21.69 -11.43 -42.19
N ALA A 499 -22.45 -11.88 -43.18
CA ALA A 499 -23.57 -11.10 -43.71
C ALA A 499 -24.78 -11.26 -42.78
N ILE A 500 -25.93 -10.78 -43.24
CA ILE A 500 -27.17 -10.86 -42.45
C ILE A 500 -27.58 -12.31 -42.26
N ILE B 14 2.54 -42.20 -3.22
CA ILE B 14 2.13 -41.73 -1.91
C ILE B 14 3.14 -42.17 -0.85
N GLU B 15 3.16 -41.47 0.28
CA GLU B 15 4.12 -41.74 1.34
C GLU B 15 3.40 -41.87 2.67
N PRO B 16 3.72 -42.89 3.47
CA PRO B 16 3.12 -43.00 4.81
C PRO B 16 3.81 -42.10 5.82
N VAL B 17 3.42 -40.82 5.86
CA VAL B 17 4.10 -39.83 6.68
C VAL B 17 3.82 -39.99 8.17
N ASP B 18 2.89 -40.88 8.54
CA ASP B 18 2.51 -41.10 9.93
C ASP B 18 1.86 -39.86 10.53
N ILE B 19 1.46 -39.92 11.80
CA ILE B 19 0.70 -38.86 12.44
C ILE B 19 1.52 -38.16 13.52
N GLU B 20 2.33 -38.90 14.27
CA GLU B 20 3.07 -38.29 15.37
C GLU B 20 4.21 -37.41 14.88
N GLN B 21 4.98 -37.90 13.91
CA GLN B 21 6.13 -37.15 13.41
C GLN B 21 5.69 -35.84 12.78
N GLU B 22 4.64 -35.90 11.94
CA GLU B 22 4.14 -34.69 11.29
C GLU B 22 3.63 -33.69 12.32
N MET B 23 2.88 -34.17 13.29
CA MET B 23 2.33 -33.27 14.32
C MET B 23 3.45 -32.59 15.08
N GLN B 24 4.42 -33.38 15.56
CA GLN B 24 5.52 -32.82 16.33
C GLN B 24 6.31 -31.81 15.50
N ARG B 25 6.66 -32.18 14.27
CA ARG B 25 7.45 -31.29 13.42
C ARG B 25 6.71 -29.96 13.20
N SER B 26 5.44 -30.04 12.79
CA SER B 26 4.71 -28.81 12.48
C SER B 26 4.56 -27.92 13.70
N TYR B 27 4.13 -28.49 14.83
CA TYR B 27 3.86 -27.65 15.99
C TYR B 27 5.16 -27.10 16.59
N ILE B 28 6.23 -27.91 16.61
CA ILE B 28 7.51 -27.42 17.12
C ILE B 28 8.04 -26.30 16.25
N ASP B 29 7.96 -26.46 14.92
CA ASP B 29 8.43 -25.39 14.03
C ASP B 29 7.65 -24.11 14.24
N TYR B 30 6.33 -24.21 14.31
CA TYR B 30 5.51 -23.02 14.50
C TYR B 30 5.80 -22.35 15.84
N ALA B 31 5.89 -23.15 16.91
CA ALA B 31 6.15 -22.59 18.24
C ALA B 31 7.51 -21.93 18.31
N MET B 32 8.54 -22.56 17.72
CA MET B 32 9.86 -21.96 17.74
C MET B 32 9.90 -20.66 16.96
N SER B 33 9.24 -20.62 15.79
CA SER B 33 9.21 -19.38 15.02
C SER B 33 8.51 -18.27 15.80
N VAL B 34 7.38 -18.59 16.44
CA VAL B 34 6.65 -17.59 17.23
C VAL B 34 7.51 -17.10 18.40
N ILE B 35 8.17 -18.03 19.09
CA ILE B 35 8.97 -17.66 20.25
C ILE B 35 10.15 -16.77 19.84
N VAL B 36 10.83 -17.12 18.75
CA VAL B 36 12.05 -16.42 18.38
C VAL B 36 11.76 -15.12 17.65
N GLY B 37 11.08 -15.17 16.51
CA GLY B 37 10.99 -13.99 15.68
C GLY B 37 9.62 -13.36 15.55
N ARG B 38 8.75 -13.52 16.54
CA ARG B 38 7.41 -12.97 16.42
C ARG B 38 7.01 -12.10 17.61
N ALA B 39 7.40 -12.49 18.82
CA ALA B 39 6.87 -11.83 20.01
C ALA B 39 7.95 -11.25 20.91
N LEU B 40 8.96 -12.07 21.25
CA LEU B 40 9.91 -11.65 22.27
C LEU B 40 10.92 -10.66 21.69
N PRO B 41 11.28 -9.62 22.43
CA PRO B 41 12.21 -8.61 21.93
C PRO B 41 13.66 -8.96 22.22
N GLU B 42 14.55 -8.34 21.44
CA GLU B 42 15.98 -8.50 21.63
C GLU B 42 16.48 -7.60 22.75
N VAL B 43 17.41 -8.12 23.55
CA VAL B 43 17.91 -7.35 24.69
C VAL B 43 18.74 -6.16 24.23
N ARG B 44 19.60 -6.37 23.22
CA ARG B 44 20.50 -5.31 22.79
C ARG B 44 19.74 -4.14 22.18
N ASP B 45 18.74 -4.42 21.36
CA ASP B 45 18.02 -3.38 20.63
C ASP B 45 16.67 -3.01 21.25
N GLY B 46 16.03 -3.95 21.94
CA GLY B 46 14.73 -3.68 22.52
C GLY B 46 13.63 -3.46 21.50
N LEU B 47 13.68 -4.17 20.38
CA LEU B 47 12.70 -4.01 19.31
C LEU B 47 12.31 -5.37 18.75
N LYS B 48 11.03 -5.53 18.45
CA LYS B 48 10.56 -6.71 17.75
C LYS B 48 10.92 -6.60 16.26
N PRO B 49 10.94 -7.72 15.54
CA PRO B 49 11.31 -7.66 14.11
C PRO B 49 10.44 -6.70 13.29
N VAL B 50 9.15 -6.61 13.58
CA VAL B 50 8.28 -5.72 12.82
C VAL B 50 8.69 -4.27 13.03
N HIS B 51 8.95 -3.89 14.28
CA HIS B 51 9.35 -2.52 14.58
C HIS B 51 10.67 -2.18 13.93
N ARG B 52 11.63 -3.10 14.00
CA ARG B 52 12.94 -2.87 13.40
C ARG B 52 12.83 -2.72 11.88
N ARG B 53 12.03 -3.58 11.24
CA ARG B 53 11.86 -3.48 9.80
C ARG B 53 11.18 -2.18 9.40
N VAL B 54 10.15 -1.76 10.14
CA VAL B 54 9.47 -0.51 9.83
C VAL B 54 10.44 0.67 9.98
N LEU B 55 11.22 0.68 11.06
CA LEU B 55 12.16 1.78 11.27
C LEU B 55 13.22 1.81 10.19
N TYR B 56 13.76 0.65 9.81
CA TYR B 56 14.77 0.62 8.76
C TYR B 56 14.20 1.06 7.42
N ALA B 57 12.99 0.63 7.08
CA ALA B 57 12.37 1.04 5.83
C ALA B 57 12.14 2.54 5.80
N MET B 58 11.65 3.12 6.90
CA MET B 58 11.42 4.55 6.95
C MET B 58 12.72 5.33 6.90
N PHE B 59 13.79 4.81 7.53
CA PHE B 59 15.08 5.49 7.48
C PHE B 59 15.68 5.44 6.08
N ASP B 60 15.59 4.29 5.42
CA ASP B 60 16.19 4.15 4.10
C ASP B 60 15.40 4.91 3.03
N SER B 61 14.08 4.96 3.16
CA SER B 61 13.27 5.66 2.18
C SER B 61 13.44 7.17 2.24
N GLY B 62 14.06 7.70 3.28
CA GLY B 62 14.31 9.13 3.38
C GLY B 62 13.37 9.90 4.27
N PHE B 63 12.44 9.23 4.95
CA PHE B 63 11.49 9.92 5.84
C PHE B 63 12.22 10.27 7.13
N ARG B 64 12.91 11.40 7.09
CA ARG B 64 13.73 11.89 8.19
C ARG B 64 13.15 13.17 8.78
N PRO B 65 13.50 13.50 10.02
CA PRO B 65 12.91 14.70 10.65
C PRO B 65 13.16 15.98 9.88
N ASP B 66 14.28 16.09 9.17
CA ASP B 66 14.53 17.30 8.38
C ASP B 66 13.51 17.45 7.26
N ARG B 67 13.16 16.34 6.60
CA ARG B 67 12.20 16.39 5.51
C ARG B 67 10.77 16.41 6.05
N SER B 68 9.83 16.78 5.18
CA SER B 68 8.44 16.90 5.57
C SER B 68 7.82 15.53 5.76
N HIS B 69 6.58 15.52 6.25
CA HIS B 69 5.86 14.29 6.48
C HIS B 69 5.48 13.62 5.16
N ALA B 70 5.53 12.30 5.14
CA ALA B 70 5.15 11.51 3.99
C ALA B 70 4.00 10.57 4.36
N LYS B 71 3.24 10.17 3.35
CA LYS B 71 2.08 9.32 3.59
C LYS B 71 2.50 7.99 4.21
N SER B 72 1.70 7.50 5.15
CA SER B 72 2.03 6.25 5.83
C SER B 72 1.83 5.05 4.91
N ALA B 73 1.01 5.21 3.87
CA ALA B 73 0.79 4.14 2.91
C ALA B 73 2.08 3.77 2.19
N ARG B 74 2.89 4.78 1.86
CA ARG B 74 4.16 4.52 1.19
C ARG B 74 5.10 3.72 2.09
N SER B 75 5.19 4.09 3.37
CA SER B 75 6.05 3.36 4.30
C SER B 75 5.56 1.93 4.49
N VAL B 76 4.24 1.75 4.63
CA VAL B 76 3.69 0.41 4.81
C VAL B 76 3.97 -0.44 3.58
N ALA B 77 3.78 0.12 2.39
CA ALA B 77 4.03 -0.63 1.15
C ALA B 77 5.49 -1.00 1.03
N GLU B 78 6.40 -0.07 1.35
CA GLU B 78 7.83 -0.38 1.28
C GLU B 78 8.19 -1.49 2.27
N THR B 79 7.70 -1.40 3.49
CA THR B 79 8.01 -2.41 4.50
C THR B 79 7.46 -3.77 4.10
N MET B 80 6.25 -3.82 3.54
CA MET B 80 5.65 -5.09 3.17
C MET B 80 6.30 -5.70 1.93
N GLY B 81 6.61 -4.87 0.93
CA GLY B 81 7.18 -5.41 -0.29
C GLY B 81 8.64 -5.79 -0.16
N ASN B 82 9.41 -5.04 0.62
CA ASN B 82 10.86 -5.25 0.64
C ASN B 82 11.29 -6.19 1.77
N TYR B 83 10.84 -5.94 3.00
CA TYR B 83 11.36 -6.63 4.17
C TYR B 83 10.36 -7.56 4.84
N HIS B 84 9.17 -7.06 5.18
CA HIS B 84 8.22 -7.84 5.98
C HIS B 84 7.23 -8.56 5.07
N PRO B 85 7.30 -9.88 4.95
CA PRO B 85 6.36 -10.62 4.09
C PRO B 85 5.08 -11.03 4.82
N HIS B 86 4.36 -10.04 5.36
CA HIS B 86 3.15 -10.30 6.12
C HIS B 86 2.07 -9.31 5.70
N GLY B 87 0.93 -9.37 6.38
CA GLY B 87 -0.18 -8.53 6.02
C GLY B 87 0.07 -7.07 6.36
N ASP B 88 -0.74 -6.20 5.76
CA ASP B 88 -0.60 -4.76 5.96
C ASP B 88 -1.24 -4.27 7.25
N ALA B 89 -2.14 -5.06 7.84
CA ALA B 89 -2.78 -4.64 9.08
C ALA B 89 -1.80 -4.69 10.25
N SER B 90 -1.04 -5.78 10.36
CA SER B 90 -0.08 -5.92 11.44
C SER B 90 1.11 -4.98 11.31
N ILE B 91 1.30 -4.36 10.13
CA ILE B 91 2.36 -3.38 9.95
C ILE B 91 1.88 -1.97 10.30
N TYR B 92 0.71 -1.59 9.77
CA TYR B 92 0.17 -0.27 10.09
C TYR B 92 -0.22 -0.16 11.56
N ASP B 93 -0.68 -1.24 12.17
CA ASP B 93 -1.01 -1.21 13.58
C ASP B 93 0.23 -0.92 14.43
N SER B 94 1.34 -1.59 14.12
CA SER B 94 2.59 -1.30 14.83
C SER B 94 3.07 0.12 14.55
N LEU B 95 2.94 0.57 13.30
CA LEU B 95 3.38 1.92 12.95
C LEU B 95 2.61 2.98 13.72
N VAL B 96 1.29 2.80 13.85
CA VAL B 96 0.48 3.76 14.59
C VAL B 96 0.63 3.60 16.10
N ARG B 97 1.00 2.41 16.58
CA ARG B 97 1.24 2.23 18.01
C ARG B 97 2.56 2.83 18.45
N MET B 98 3.57 2.83 17.57
CA MET B 98 4.87 3.41 17.93
C MET B 98 4.83 4.94 18.00
N ALA B 99 3.75 5.57 17.55
CA ALA B 99 3.63 7.02 17.56
C ALA B 99 2.58 7.52 18.53
N GLN B 100 2.15 6.69 19.48
CA GLN B 100 1.12 7.08 20.43
C GLN B 100 1.75 7.48 21.74
N PRO B 101 1.63 8.74 22.17
CA PRO B 101 2.30 9.17 23.41
C PRO B 101 1.85 8.41 24.65
N TRP B 102 0.59 7.99 24.72
CA TRP B 102 0.09 7.32 25.91
C TRP B 102 0.49 5.85 25.97
N SER B 103 1.05 5.31 24.90
CA SER B 103 1.49 3.91 24.89
C SER B 103 3.00 3.76 25.01
N LEU B 104 3.76 4.70 24.50
CA LEU B 104 5.22 4.67 24.54
C LEU B 104 5.74 5.83 25.37
N ARG B 105 6.67 5.54 26.29
CA ARG B 105 7.27 6.60 27.08
C ARG B 105 8.06 7.57 26.20
N TYR B 106 8.81 7.04 25.24
CA TYR B 106 9.53 7.86 24.26
C TYR B 106 9.13 7.42 22.87
N PRO B 107 8.26 8.18 22.19
CA PRO B 107 7.81 7.76 20.85
C PRO B 107 8.96 7.73 19.86
N LEU B 108 8.87 6.77 18.92
CA LEU B 108 9.87 6.61 17.88
C LEU B 108 9.37 7.03 16.51
N VAL B 109 8.14 7.51 16.40
CA VAL B 109 7.58 7.96 15.13
C VAL B 109 6.81 9.26 15.38
N ASP B 110 7.02 10.25 14.52
CA ASP B 110 6.26 11.50 14.55
C ASP B 110 5.13 11.37 13.53
N GLY B 111 3.91 11.32 14.03
CA GLY B 111 2.73 11.10 13.20
C GLY B 111 1.82 12.32 13.18
N GLN B 112 1.31 12.64 12.00
CA GLN B 112 0.38 13.73 11.80
C GLN B 112 -0.93 13.17 11.26
N GLY B 113 -2.04 13.51 11.92
CA GLY B 113 -3.36 13.04 11.58
C GLY B 113 -4.05 12.48 12.80
N ASN B 114 -5.13 11.74 12.56
CA ASN B 114 -5.89 11.12 13.64
C ASN B 114 -5.25 9.76 13.93
N PHE B 115 -4.47 9.70 15.02
CA PHE B 115 -3.72 8.51 15.36
C PHE B 115 -4.37 7.69 16.48
N GLY B 116 -5.60 8.00 16.83
CA GLY B 116 -6.32 7.25 17.84
C GLY B 116 -6.56 8.05 19.10
N SER B 117 -7.26 7.41 20.04
CA SER B 117 -7.61 7.99 21.32
C SER B 117 -7.46 6.93 22.40
N PRO B 118 -7.28 7.33 23.66
CA PRO B 118 -7.21 6.35 24.74
C PRO B 118 -8.52 5.58 24.94
N GLY B 119 -9.63 6.10 24.42
CA GLY B 119 -10.91 5.41 24.55
C GLY B 119 -11.11 4.32 23.52
N ASN B 120 -12.27 4.32 22.87
CA ASN B 120 -12.62 3.29 21.89
C ASN B 120 -12.60 3.80 20.46
N ASP B 121 -11.90 4.90 20.20
CA ASP B 121 -11.84 5.47 18.85
C ASP B 121 -10.75 4.79 18.05
N PRO B 122 -11.06 4.17 16.92
CA PRO B 122 -10.02 3.52 16.11
C PRO B 122 -9.07 4.54 15.52
N PRO B 123 -7.83 4.14 15.19
CA PRO B 123 -6.85 5.07 14.60
C PRO B 123 -7.16 5.39 13.13
N ALA B 124 -8.07 6.34 12.94
CA ALA B 124 -8.52 6.76 11.61
C ALA B 124 -9.04 5.59 10.79
CA ALA B 125 -8.07 4.27 6.78
C ALA B 125 -6.68 4.86 6.99
N MET B 126 -5.69 4.28 6.31
CA MET B 126 -4.30 4.73 6.40
C MET B 126 -3.98 5.82 5.39
N ARG B 127 -4.92 6.23 4.56
CA ARG B 127 -4.69 7.22 3.53
C ARG B 127 -4.87 8.65 4.02
N TYR B 128 -5.21 8.85 5.30
CA TYR B 128 -5.36 10.19 5.86
C TYR B 128 -4.20 10.61 6.75
N THR B 129 -3.33 9.68 7.15
CA THR B 129 -2.29 9.94 8.14
C THR B 129 -0.91 9.94 7.49
N GLU B 130 -0.04 10.82 7.99
CA GLU B 130 1.33 10.89 7.55
C GLU B 130 2.26 10.58 8.72
N ALA B 131 3.46 10.09 8.42
CA ALA B 131 4.40 9.70 9.46
C ALA B 131 5.82 9.93 9.00
N ARG B 132 6.70 10.18 9.97
CA ARG B 132 8.13 10.31 9.73
C ARG B 132 8.87 9.89 11.00
N LEU B 133 10.19 9.89 10.92
CA LEU B 133 11.01 9.51 12.07
C LEU B 133 11.15 10.67 13.06
N THR B 134 11.49 10.31 14.29
CA THR B 134 11.74 11.26 15.37
C THR B 134 13.24 11.38 15.64
N PRO B 135 13.67 12.42 16.36
CA PRO B 135 15.09 12.49 16.73
C PRO B 135 15.58 11.29 17.53
N LEU B 136 14.74 10.69 18.36
CA LEU B 136 15.16 9.51 19.11
C LEU B 136 15.43 8.33 18.19
N ALA B 137 14.58 8.15 17.17
CA ALA B 137 14.82 7.07 16.20
C ALA B 137 16.10 7.31 15.41
N MET B 138 16.45 8.58 15.17
CA MET B 138 17.71 8.88 14.50
C MET B 138 18.90 8.47 15.35
N GLU B 139 18.85 8.71 16.66
CA GLU B 139 19.90 8.20 17.55
C GLU B 139 19.90 6.68 17.58
N MET B 140 18.73 6.06 17.46
CA MET B 140 18.65 4.61 17.38
C MET B 140 19.35 4.09 16.11
N LEU B 141 19.19 4.79 14.99
CA LEU B 141 19.77 4.40 13.72
C LEU B 141 21.04 5.16 13.38
N ARG B 142 21.84 5.50 14.40
CA ARG B 142 23.04 6.31 14.18
C ARG B 142 24.21 5.43 13.77
N GLU B 143 24.87 5.81 12.67
CA GLU B 143 26.07 5.14 12.19
C GLU B 143 25.80 3.66 11.87
N ILE B 144 24.73 3.42 11.12
CA ILE B 144 24.38 2.05 10.74
C ILE B 144 25.05 1.60 9.45
N ASP B 145 25.56 2.54 8.64
CA ASP B 145 26.19 2.21 7.38
C ASP B 145 27.70 2.02 7.48
N GLU B 146 28.27 2.10 8.69
CA GLU B 146 29.70 1.95 8.90
C GLU B 146 30.07 0.57 9.40
N GLU B 147 29.36 -0.47 8.95
CA GLU B 147 29.64 -1.86 9.29
C GLU B 147 29.59 -2.10 10.80
N THR B 148 28.72 -1.36 11.50
CA THR B 148 28.59 -1.54 12.94
C THR B 148 27.83 -2.81 13.28
N VAL B 149 26.86 -3.20 12.45
CA VAL B 149 26.02 -4.37 12.72
C VAL B 149 26.01 -5.26 11.48
N ASP B 150 25.67 -6.53 11.72
CA ASP B 150 25.61 -7.51 10.65
C ASP B 150 24.36 -7.32 9.79
N PHE B 151 24.44 -7.81 8.55
CA PHE B 151 23.34 -7.73 7.60
C PHE B 151 23.05 -9.12 7.04
N ILE B 152 21.78 -9.39 6.79
CA ILE B 152 21.34 -10.68 6.29
C ILE B 152 20.40 -10.46 5.11
N PRO B 153 20.33 -11.37 4.14
CA PRO B 153 19.38 -11.20 3.04
C PRO B 153 17.95 -11.48 3.48
N ASN B 154 17.01 -10.86 2.78
CA ASN B 154 15.60 -10.98 3.11
C ASN B 154 15.04 -12.30 2.60
N TYR B 155 13.71 -12.43 2.61
CA TYR B 155 13.07 -13.69 2.25
C TYR B 155 13.34 -14.07 0.79
N ASP B 156 13.27 -13.11 -0.12
CA ASP B 156 13.46 -13.37 -1.54
C ASP B 156 14.93 -13.29 -1.96
N GLY B 157 15.83 -12.90 -1.07
CA GLY B 157 17.24 -12.84 -1.38
C GLY B 157 17.67 -11.67 -2.23
N ARG B 158 16.79 -10.69 -2.45
CA ARG B 158 17.15 -9.56 -3.29
C ARG B 158 18.14 -8.62 -2.60
N VAL B 159 17.73 -8.05 -1.46
CA VAL B 159 18.52 -7.02 -0.79
C VAL B 159 18.91 -7.49 0.60
N GLN B 160 19.64 -6.64 1.33
CA GLN B 160 20.12 -6.95 2.67
C GLN B 160 19.43 -6.05 3.69
N GLU B 161 19.18 -6.61 4.87
CA GLU B 161 18.55 -5.91 5.97
C GLU B 161 19.33 -6.15 7.25
N PRO B 162 19.36 -5.19 8.17
CA PRO B 162 20.11 -5.38 9.42
C PRO B 162 19.45 -6.40 10.33
N THR B 163 20.28 -7.04 11.15
CA THR B 163 19.81 -7.98 12.15
C THR B 163 19.64 -7.34 13.52
N VAL B 164 20.22 -6.17 13.75
CA VAL B 164 20.09 -5.47 15.02
C VAL B 164 20.43 -4.00 14.78
N LEU B 165 19.64 -3.11 15.37
CA LEU B 165 19.91 -1.69 15.26
C LEU B 165 20.99 -1.28 16.25
N PRO B 166 21.74 -0.20 15.96
CA PRO B 166 22.80 0.23 16.89
C PRO B 166 22.29 0.52 18.29
N SER B 167 21.11 1.15 18.41
CA SER B 167 20.45 1.39 19.69
C SER B 167 21.38 2.16 20.64
N ARG B 168 21.68 3.40 20.24
CA ARG B 168 22.59 4.23 21.01
C ARG B 168 22.05 4.58 22.39
N PHE B 169 20.75 4.43 22.61
CA PHE B 169 20.17 4.66 23.93
C PHE B 169 19.34 3.44 24.33
N PRO B 170 19.21 3.18 25.64
CA PRO B 170 18.59 1.91 26.07
C PRO B 170 17.09 1.88 25.87
N ASN B 171 16.66 1.52 24.66
CA ASN B 171 15.23 1.52 24.35
C ASN B 171 14.47 0.47 25.14
N LEU B 172 15.08 -0.67 25.42
CA LEU B 172 14.36 -1.78 26.04
C LEU B 172 13.83 -1.39 27.42
N LEU B 173 14.64 -0.70 28.21
CA LEU B 173 14.22 -0.30 29.55
C LEU B 173 13.52 1.06 29.55
N ALA B 174 13.83 1.94 28.60
CA ALA B 174 13.20 3.25 28.56
C ALA B 174 11.84 3.23 27.87
N ASN B 175 11.44 2.11 27.26
CA ASN B 175 10.14 2.01 26.62
C ASN B 175 9.33 0.80 27.03
N GLY B 176 9.94 -0.18 27.71
CA GLY B 176 9.23 -1.37 28.10
C GLY B 176 8.94 -2.29 26.92
N SER B 177 8.17 -3.33 27.21
CA SER B 177 7.80 -4.30 26.19
C SER B 177 6.61 -5.11 26.70
N GLY B 178 5.94 -5.78 25.77
CA GLY B 178 4.84 -6.65 26.11
C GLY B 178 4.48 -7.58 24.97
N GLY B 179 4.39 -8.87 25.24
CA GLY B 179 4.15 -9.82 24.17
C GLY B 179 3.68 -11.15 24.69
N ILE B 180 2.99 -11.89 23.81
CA ILE B 180 2.47 -13.20 24.10
C ILE B 180 3.06 -14.18 23.10
N ALA B 181 3.59 -15.30 23.60
CA ALA B 181 4.18 -16.31 22.72
C ALA B 181 3.55 -17.67 22.98
N VAL B 182 4.11 -18.72 22.38
CA VAL B 182 3.59 -20.07 22.54
C VAL B 182 4.34 -20.70 23.72
N GLY B 183 3.70 -20.69 24.89
CA GLY B 183 4.28 -21.25 26.09
C GLY B 183 4.86 -20.24 27.05
N MET B 184 4.87 -18.96 26.71
CA MET B 184 5.43 -17.94 27.58
C MET B 184 4.91 -16.57 27.16
N ALA B 185 5.16 -15.58 28.02
CA ALA B 185 4.78 -14.20 27.76
C ALA B 185 5.77 -13.28 28.46
N THR B 186 5.85 -12.04 27.97
CA THR B 186 6.79 -11.07 28.49
C THR B 186 6.10 -9.73 28.74
N ASN B 187 6.58 -9.04 29.78
CA ASN B 187 6.05 -7.75 30.17
C ASN B 187 7.13 -7.00 30.93
N ILE B 188 7.51 -5.82 30.42
CA ILE B 188 8.55 -4.99 31.02
C ILE B 188 8.06 -3.55 31.08
N PRO B 189 8.12 -2.89 32.23
CA PRO B 189 7.57 -1.53 32.35
C PRO B 189 8.59 -0.49 31.90
N PRO B 190 8.12 0.64 31.37
CA PRO B 190 9.04 1.71 30.98
C PRO B 190 9.70 2.36 32.19
N HIS B 191 10.90 2.87 31.97
CA HIS B 191 11.70 3.52 33.01
C HIS B 191 12.00 4.97 32.60
N ASN B 192 12.86 5.63 33.38
CA ASN B 192 13.29 6.99 33.13
C ASN B 192 14.67 7.01 32.51
N LEU B 193 14.91 7.97 31.62
CA LEU B 193 16.16 7.99 30.86
C LEU B 193 17.35 8.39 31.74
N ARG B 194 17.18 9.40 32.60
CA ARG B 194 18.30 9.87 33.42
C ARG B 194 18.73 8.81 34.42
N GLU B 195 17.77 8.13 35.04
CA GLU B 195 18.09 7.08 36.02
C GLU B 195 18.80 5.90 35.37
N LEU B 196 18.39 5.53 34.15
CA LEU B 196 19.12 4.50 33.42
C LEU B 196 20.52 4.97 33.04
N ALA B 197 20.66 6.25 32.67
CA ALA B 197 21.97 6.77 32.32
C ALA B 197 22.93 6.71 33.49
N ASP B 198 22.44 7.04 34.69
CA ASP B 198 23.30 6.96 35.87
C ASP B 198 23.78 5.54 36.11
N ALA B 199 22.88 4.56 35.99
CA ALA B 199 23.26 3.16 36.18
C ALA B 199 24.26 2.71 35.11
N VAL B 200 24.06 3.13 33.86
CA VAL B 200 24.99 2.75 32.80
C VAL B 200 26.35 3.38 33.04
N PHE B 201 26.39 4.63 33.52
CA PHE B 201 27.65 5.27 33.83
C PHE B 201 28.37 4.52 34.95
N TRP B 202 27.63 4.13 36.00
CA TRP B 202 28.25 3.36 37.07
C TRP B 202 28.79 2.02 36.56
N ALA B 203 28.03 1.34 35.71
CA ALA B 203 28.49 0.08 35.16
C ALA B 203 29.75 0.27 34.31
N LEU B 204 29.79 1.35 33.54
CA LEU B 204 30.97 1.63 32.71
C LEU B 204 32.19 1.91 33.58
N GLU B 205 32.03 2.68 34.66
CA GLU B 205 33.17 3.02 35.50
C GLU B 205 33.60 1.90 36.44
N ASN B 206 32.76 0.87 36.63
CA ASN B 206 33.03 -0.23 37.56
C ASN B 206 32.90 -1.57 36.84
N HIS B 207 33.58 -1.70 35.70
CA HIS B 207 33.46 -2.90 34.87
C HIS B 207 33.97 -4.15 35.58
N ASP B 208 34.77 -4.00 36.64
CA ASP B 208 35.32 -5.14 37.34
C ASP B 208 34.44 -5.63 38.49
N ALA B 209 33.33 -4.96 38.76
CA ALA B 209 32.45 -5.37 39.85
C ALA B 209 31.77 -6.69 39.54
N ASP B 210 31.45 -7.44 40.59
CA ASP B 210 30.77 -8.72 40.45
C ASP B 210 29.27 -8.49 40.26
N GLU B 211 28.49 -9.57 40.29
CA GLU B 211 27.06 -9.47 40.02
C GLU B 211 26.32 -8.79 41.17
N GLU B 212 26.65 -9.14 42.41
CA GLU B 212 25.90 -8.63 43.55
C GLU B 212 26.09 -7.12 43.72
N GLU B 213 27.34 -6.66 43.65
CA GLU B 213 27.60 -5.23 43.81
C GLU B 213 26.99 -4.42 42.67
N THR B 214 27.10 -4.92 41.44
CA THR B 214 26.50 -4.24 40.30
C THR B 214 24.98 -4.16 40.44
N LEU B 215 24.36 -5.27 40.86
CA LEU B 215 22.91 -5.28 41.05
C LEU B 215 22.49 -4.29 42.13
N ALA B 216 23.23 -4.25 43.25
CA ALA B 216 22.90 -3.31 44.31
C ALA B 216 23.05 -1.87 43.82
N ALA B 217 24.12 -1.58 43.07
CA ALA B 217 24.32 -0.22 42.58
C ALA B 217 23.22 0.20 41.60
N VAL B 218 22.87 -0.68 40.66
CA VAL B 218 21.85 -0.33 39.69
C VAL B 218 20.45 -0.30 40.30
N MET B 219 20.24 -1.02 41.40
CA MET B 219 18.96 -0.89 42.11
C MET B 219 18.92 0.41 42.93
N GLY B 220 20.06 0.85 43.45
CA GLY B 220 20.10 2.14 44.11
C GLY B 220 19.90 3.30 43.15
N ARG B 221 20.46 3.20 41.95
CA ARG B 221 20.38 4.31 41.00
C ARG B 221 18.99 4.42 40.39
N VAL B 222 18.36 3.31 40.04
CA VAL B 222 17.05 3.30 39.40
C VAL B 222 16.01 3.02 40.48
N LYS B 223 15.03 3.91 40.61
CA LYS B 223 14.04 3.78 41.68
C LYS B 223 12.92 2.83 41.29
N GLY B 224 12.28 3.06 40.16
CA GLY B 224 11.16 2.24 39.73
C GLY B 224 10.61 2.66 38.39
N PRO B 225 9.56 1.96 37.94
CA PRO B 225 8.99 2.25 36.63
C PRO B 225 8.38 3.65 36.58
N ASP B 226 8.40 4.24 35.38
CA ASP B 226 7.85 5.57 35.14
C ASP B 226 6.92 5.47 33.93
N PHE B 227 5.65 5.16 34.18
CA PHE B 227 4.70 4.99 33.11
C PHE B 227 4.38 6.31 32.44
N PRO B 228 4.10 6.31 31.13
CA PRO B 228 3.84 7.58 30.43
C PRO B 228 2.55 8.27 30.87
N THR B 229 1.62 7.55 31.50
CA THR B 229 0.33 8.11 31.89
C THR B 229 0.35 8.70 33.30
N ALA B 230 1.52 9.07 33.81
CA ALA B 230 1.69 9.63 35.16
C ALA B 230 1.08 8.63 36.14
N GLY B 231 0.22 9.06 37.06
CA GLY B 231 -0.43 8.13 37.96
C GLY B 231 0.20 8.08 39.34
N LEU B 232 0.27 6.89 39.92
CA LEU B 232 0.81 6.71 41.26
C LEU B 232 1.27 5.26 41.41
N ILE B 233 2.02 5.01 42.47
CA ILE B 233 2.51 3.68 42.80
C ILE B 233 2.65 3.59 44.31
N VAL B 234 2.19 2.48 44.89
CA VAL B 234 2.20 2.27 46.32
C VAL B 234 3.12 1.10 46.65
N GLY B 235 3.90 1.25 47.71
CA GLY B 235 4.82 0.22 48.14
C GLY B 235 6.15 0.28 47.40
N SER B 236 7.10 -0.52 47.91
CA SER B 236 8.42 -0.58 47.31
C SER B 236 8.96 -2.02 47.26
N GLN B 237 8.10 -3.01 47.46
CA GLN B 237 8.51 -4.41 47.46
C GLN B 237 8.30 -5.09 46.12
N GLY B 238 7.27 -4.71 45.37
CA GLY B 238 7.05 -5.32 44.07
C GLY B 238 8.14 -5.00 43.08
N THR B 239 8.58 -3.73 43.03
CA THR B 239 9.68 -3.36 42.15
C THR B 239 10.97 -4.08 42.56
N ALA B 240 11.21 -4.21 43.86
CA ALA B 240 12.39 -4.92 44.33
C ALA B 240 12.35 -6.38 43.91
N ASP B 241 11.18 -7.02 44.03
CA ASP B 241 11.05 -8.41 43.61
C ASP B 241 11.26 -8.54 42.10
N ALA B 242 10.69 -7.62 41.32
CA ALA B 242 10.86 -7.68 39.87
C ALA B 242 12.31 -7.50 39.46
N TYR B 243 13.03 -6.59 40.13
CA TYR B 243 14.43 -6.36 39.78
C TYR B 243 15.35 -7.46 40.27
N LYS B 244 15.03 -8.10 41.39
CA LYS B 244 15.91 -9.11 41.96
C LYS B 244 15.69 -10.50 41.38
N THR B 245 14.43 -10.89 41.17
CA THR B 245 14.11 -12.23 40.69
C THR B 245 13.62 -12.28 39.25
N GLY B 246 13.10 -11.17 38.72
CA GLY B 246 12.58 -11.14 37.37
C GLY B 246 11.07 -11.17 37.27
N ARG B 247 10.37 -11.53 38.35
CA ARG B 247 8.91 -11.55 38.39
C ARG B 247 8.43 -10.78 39.60
N GLY B 248 7.39 -9.96 39.40
CA GLY B 248 6.87 -9.17 40.50
C GLY B 248 5.53 -8.55 40.15
N SER B 249 4.92 -7.95 41.16
CA SER B 249 3.63 -7.28 41.02
C SER B 249 3.76 -5.85 41.48
N ILE B 250 3.39 -4.91 40.60
CA ILE B 250 3.51 -3.48 40.87
C ILE B 250 2.11 -2.88 40.89
N ARG B 251 1.75 -2.23 42.00
CA ARG B 251 0.42 -1.67 42.16
C ARG B 251 0.40 -0.22 41.73
N MET B 252 -0.54 0.13 40.86
CA MET B 252 -0.70 1.48 40.35
C MET B 252 -2.06 2.03 40.75
N ARG B 253 -2.12 3.36 40.88
CA ARG B 253 -3.28 4.03 41.44
C ARG B 253 -3.48 5.37 40.75
N GLY B 254 -4.75 5.76 40.58
CA GLY B 254 -5.09 7.01 39.95
C GLY B 254 -5.02 8.19 40.91
N VAL B 255 -5.35 9.37 40.37
CA VAL B 255 -5.31 10.61 41.13
C VAL B 255 -6.73 11.17 41.20
N VAL B 256 -7.23 11.35 42.42
CA VAL B 256 -8.57 11.85 42.68
C VAL B 256 -8.46 13.05 43.61
N GLU B 257 -9.28 14.07 43.36
CA GLU B 257 -9.33 15.27 44.18
C GLU B 257 -10.76 15.54 44.59
N VAL B 258 -10.93 16.06 45.80
CA VAL B 258 -12.25 16.38 46.34
C VAL B 258 -12.48 17.89 46.20
N GLU B 259 -13.63 18.26 45.63
CA GLU B 259 -13.99 19.66 45.46
C GLU B 259 -15.42 19.88 45.93
N GLU B 260 -15.75 21.14 46.16
CA GLU B 260 -17.07 21.53 46.62
C GLU B 260 -17.60 22.67 45.78
N ASP B 261 -18.92 22.68 45.56
CA ASP B 261 -19.56 23.71 44.78
C ASP B 261 -20.09 24.81 45.71
N SER B 262 -20.79 25.79 45.12
CA SER B 262 -21.37 26.86 45.90
C SER B 262 -22.45 26.34 46.86
N ARG B 263 -23.28 25.41 46.40
CA ARG B 263 -24.34 24.87 47.24
C ARG B 263 -23.78 24.13 48.44
N GLY B 264 -22.74 23.32 48.22
CA GLY B 264 -22.14 22.56 49.29
C GLY B 264 -21.94 21.10 48.95
N ARG B 265 -22.40 20.68 47.78
CA ARG B 265 -22.23 19.30 47.35
C ARG B 265 -20.76 19.00 47.07
N THR B 266 -20.36 17.77 47.39
CA THR B 266 -18.98 17.33 47.23
C THR B 266 -18.86 16.48 45.97
N SER B 267 -17.83 16.75 45.18
CA SER B 267 -17.58 16.05 43.93
C SER B 267 -16.17 15.50 43.90
N LEU B 268 -16.01 14.34 43.28
CA LEU B 268 -14.71 13.71 43.10
C LEU B 268 -14.28 13.89 41.65
N VAL B 269 -13.09 14.46 41.45
CA VAL B 269 -12.53 14.68 40.12
C VAL B 269 -11.35 13.74 39.95
N ILE B 270 -11.47 12.81 39.00
CA ILE B 270 -10.39 11.90 38.65
C ILE B 270 -9.62 12.52 37.50
N THR B 271 -8.33 12.78 37.72
CA THR B 271 -7.50 13.45 36.73
C THR B 271 -6.42 12.57 36.14
N GLU B 272 -6.09 11.45 36.77
CA GLU B 272 -5.09 10.53 36.25
C GLU B 272 -5.56 9.11 36.45
N LEU B 273 -5.20 8.24 35.50
CA LEU B 273 -5.57 6.83 35.52
C LEU B 273 -4.33 5.98 35.34
N PRO B 274 -4.35 4.75 35.87
CA PRO B 274 -3.15 3.89 35.75
C PRO B 274 -2.83 3.52 34.31
N TYR B 275 -1.72 2.82 34.12
CA TYR B 275 -1.24 2.51 32.78
C TYR B 275 -2.16 1.51 32.09
N GLN B 276 -2.44 1.76 30.81
CA GLN B 276 -3.20 0.85 29.95
C GLN B 276 -4.59 0.58 30.51
N VAL B 277 -5.29 1.65 30.86
CA VAL B 277 -6.67 1.58 31.34
C VAL B 277 -7.54 2.38 30.38
N ASN B 278 -8.58 1.74 29.85
CA ASN B 278 -9.45 2.39 28.89
C ASN B 278 -10.27 3.49 29.57
N HIS B 279 -10.38 4.64 28.89
CA HIS B 279 -11.13 5.75 29.47
C HIS B 279 -12.63 5.50 29.41
N ASP B 280 -13.14 5.02 28.28
CA ASP B 280 -14.57 4.82 28.13
C ASP B 280 -15.06 3.61 28.92
N ASN B 281 -14.27 2.54 28.95
CA ASN B 281 -14.64 1.35 29.71
C ASN B 281 -14.71 1.65 31.20
N PHE B 282 -13.87 2.56 31.69
CA PHE B 282 -13.92 2.95 33.09
C PHE B 282 -15.27 3.58 33.44
N ILE B 283 -15.71 4.54 32.64
CA ILE B 283 -17.00 5.19 32.88
C ILE B 283 -18.14 4.18 32.72
N THR B 284 -18.05 3.32 31.72
CA THR B 284 -19.10 2.32 31.51
C THR B 284 -19.21 1.38 32.71
N SER B 285 -18.08 0.90 33.21
CA SER B 285 -18.10 0.01 34.37
C SER B 285 -18.65 0.73 35.59
N ILE B 286 -18.24 1.98 35.81
CA ILE B 286 -18.77 2.73 36.96
C ILE B 286 -20.28 2.88 36.85
N ALA B 287 -20.78 3.23 35.67
CA ALA B 287 -22.22 3.42 35.49
C ALA B 287 -22.98 2.12 35.70
N GLU B 288 -22.47 1.01 35.15
CA GLU B 288 -23.15 -0.27 35.31
C GLU B 288 -23.16 -0.72 36.76
N GLN B 289 -22.03 -0.54 37.48
CA GLN B 289 -21.99 -0.92 38.88
C GLN B 289 -22.88 -0.04 39.74
N VAL B 290 -22.98 1.25 39.41
CA VAL B 290 -23.90 2.13 40.13
C VAL B 290 -25.35 1.71 39.89
N ARG B 291 -25.68 1.38 38.64
CA ARG B 291 -27.04 0.92 38.34
C ARG B 291 -27.36 -0.37 39.08
N ASP B 292 -26.42 -1.32 39.10
CA ASP B 292 -26.61 -2.57 39.82
C ASP B 292 -26.51 -2.40 41.32
N GLY B 293 -26.06 -1.25 41.80
CA GLY B 293 -25.92 -1.03 43.23
C GLY B 293 -24.70 -1.72 43.81
N LYS B 294 -24.71 -1.86 45.14
CA LYS B 294 -23.68 -2.52 45.94
C LYS B 294 -22.36 -1.77 45.94
N LEU B 295 -22.26 -0.61 45.28
CA LEU B 295 -21.01 0.15 45.27
C LEU B 295 -20.99 1.23 46.36
N ALA B 296 -21.84 2.24 46.22
CA ALA B 296 -21.88 3.37 47.15
C ALA B 296 -23.02 4.32 46.80
N GLY B 297 -23.19 5.38 47.58
CA GLY B 297 -24.16 6.40 47.26
C GLY B 297 -23.63 7.41 46.26
N ILE B 298 -23.93 7.21 44.98
CA ILE B 298 -23.36 7.98 43.88
C ILE B 298 -24.50 8.65 43.13
N SER B 299 -24.38 9.96 42.90
CA SER B 299 -25.42 10.70 42.19
C SER B 299 -25.33 10.47 40.68
N ASN B 300 -24.21 10.88 40.08
CA ASN B 300 -24.02 10.67 38.65
C ASN B 300 -22.53 10.72 38.33
N ILE B 301 -22.20 10.18 37.16
CA ILE B 301 -20.84 10.10 36.66
C ILE B 301 -20.81 10.68 35.25
N GLU B 302 -19.86 11.56 34.98
CA GLU B 302 -19.78 12.19 33.68
C GLU B 302 -18.31 12.41 33.30
N ASP B 303 -18.10 12.58 31.99
CA ASP B 303 -16.78 12.82 31.42
C ASP B 303 -16.71 14.25 30.91
N GLN B 304 -15.90 15.08 31.55
CA GLN B 304 -15.65 16.45 31.12
C GLN B 304 -14.26 16.62 30.52
N SER B 305 -13.66 15.53 30.04
CA SER B 305 -12.29 15.55 29.54
C SER B 305 -12.25 16.25 28.19
N SER B 306 -11.93 17.54 28.20
CA SER B 306 -11.78 18.29 26.96
C SER B 306 -10.37 18.09 26.40
N ASP B 307 -10.21 18.49 25.13
CA ASP B 307 -8.90 18.36 24.49
C ASP B 307 -7.86 19.27 25.15
N ARG B 308 -8.26 20.48 25.50
CA ARG B 308 -7.36 21.46 26.12
C ARG B 308 -7.36 21.39 27.64
N VAL B 309 -8.09 20.43 28.22
CA VAL B 309 -8.16 20.29 29.67
C VAL B 309 -7.45 19.03 30.15
N GLY B 310 -7.57 17.94 29.39
CA GLY B 310 -7.03 16.66 29.82
C GLY B 310 -8.08 15.78 30.46
N LEU B 311 -7.61 14.67 31.02
CA LEU B 311 -8.52 13.73 31.65
C LEU B 311 -9.19 14.37 32.86
N ARG B 312 -10.52 14.30 32.90
CA ARG B 312 -11.28 14.90 34.01
C ARG B 312 -12.62 14.16 34.08
N ILE B 313 -12.74 13.25 35.05
CA ILE B 313 -13.95 12.48 35.26
C ILE B 313 -14.61 12.97 36.53
N VAL B 314 -15.90 13.33 36.45
CA VAL B 314 -16.63 13.91 37.57
C VAL B 314 -17.58 12.88 38.13
N ILE B 315 -17.48 12.63 39.43
CA ILE B 315 -18.38 11.72 40.15
C ILE B 315 -19.03 12.51 41.28
N GLU B 316 -20.35 12.40 41.40
CA GLU B 316 -21.10 13.13 42.41
C GLU B 316 -21.64 12.18 43.46
N ILE B 317 -21.39 12.50 44.73
CA ILE B 317 -21.94 11.76 45.87
C ILE B 317 -22.96 12.66 46.55
N LYS B 318 -24.14 12.10 46.82
CA LYS B 318 -25.31 12.91 47.18
C LYS B 318 -25.12 13.71 48.46
N ARG B 319 -25.06 13.03 49.60
CA ARG B 319 -24.97 13.74 50.88
C ARG B 319 -24.01 13.15 51.90
N ASP B 320 -23.66 11.86 51.82
CA ASP B 320 -22.99 11.18 52.90
C ASP B 320 -21.59 10.70 52.47
N ALA B 321 -20.96 9.94 53.36
CA ALA B 321 -19.64 9.32 53.22
C ALA B 321 -18.50 10.31 53.33
N VAL B 322 -18.77 11.61 53.42
CA VAL B 322 -17.77 12.67 53.53
C VAL B 322 -16.65 12.47 52.49
N ALA B 323 -16.99 11.87 51.36
CA ALA B 323 -16.05 11.63 50.27
C ALA B 323 -14.79 10.90 50.74
N LYS B 324 -14.94 9.94 51.64
CA LYS B 324 -13.81 9.17 52.13
C LYS B 324 -13.94 7.68 51.85
N VAL B 325 -15.08 7.07 52.19
CA VAL B 325 -15.26 5.65 51.91
C VAL B 325 -15.66 5.41 50.45
N VAL B 326 -16.18 6.43 49.76
CA VAL B 326 -16.45 6.30 48.34
C VAL B 326 -15.15 6.15 47.57
N ILE B 327 -14.10 6.86 48.00
CA ILE B 327 -12.80 6.71 47.36
C ILE B 327 -12.28 5.28 47.53
N ASN B 328 -12.41 4.73 48.73
CA ASN B 328 -11.95 3.36 48.96
C ASN B 328 -12.77 2.37 48.13
N ASN B 329 -14.08 2.59 48.02
CA ASN B 329 -14.90 1.72 47.19
C ASN B 329 -14.48 1.80 45.73
N LEU B 330 -14.17 3.01 45.23
CA LEU B 330 -13.67 3.16 43.88
C LEU B 330 -12.34 2.44 43.69
N TYR B 331 -11.46 2.52 44.69
CA TYR B 331 -10.21 1.76 44.64
C TYR B 331 -10.47 0.26 44.55
N LYS B 332 -11.45 -0.24 45.31
CA LYS B 332 -11.64 -1.67 45.47
C LYS B 332 -12.56 -2.31 44.44
N HIS B 333 -13.28 -1.53 43.62
CA HIS B 333 -14.30 -2.14 42.78
C HIS B 333 -14.33 -1.70 41.32
N THR B 334 -13.66 -0.61 40.93
CA THR B 334 -13.80 -0.12 39.57
C THR B 334 -12.46 0.24 38.93
N GLN B 335 -11.43 -0.57 39.16
CA GLN B 335 -10.17 -0.53 38.41
C GLN B 335 -9.41 0.79 38.57
N LEU B 336 -9.81 1.64 39.53
CA LEU B 336 -9.02 2.83 39.80
C LEU B 336 -7.66 2.50 40.40
N GLN B 337 -7.52 1.32 41.00
CA GLN B 337 -6.25 0.81 41.49
C GLN B 337 -6.05 -0.58 40.91
N THR B 338 -4.97 -0.75 40.15
CA THR B 338 -4.76 -1.99 39.41
C THR B 338 -3.36 -2.51 39.66
N SER B 339 -3.03 -3.63 39.03
CA SER B 339 -1.76 -4.31 39.22
C SER B 339 -1.08 -4.54 37.87
N PHE B 340 0.24 -4.69 37.94
CA PHE B 340 1.08 -4.90 36.78
C PHE B 340 1.94 -6.12 37.06
N GLY B 341 1.80 -7.16 36.25
CA GLY B 341 2.54 -8.39 36.41
C GLY B 341 3.88 -8.38 35.70
N ALA B 342 4.86 -7.69 36.28
CA ALA B 342 6.15 -7.55 35.62
C ALA B 342 6.85 -8.90 35.53
N ASN B 343 7.26 -9.25 34.31
CA ASN B 343 7.96 -10.52 34.06
C ASN B 343 8.92 -10.26 32.91
N MET B 344 10.19 -10.02 33.24
CA MET B 344 11.18 -9.60 32.27
C MET B 344 11.70 -10.81 31.51
N LEU B 345 11.33 -10.93 30.23
CA LEU B 345 11.77 -12.01 29.37
C LEU B 345 12.34 -11.40 28.10
N ALA B 346 13.52 -11.87 27.70
CA ALA B 346 14.21 -11.34 26.53
C ALA B 346 14.86 -12.46 25.76
N ILE B 347 15.44 -12.11 24.62
CA ILE B 347 16.12 -13.06 23.74
C ILE B 347 17.61 -12.71 23.75
N VAL B 348 18.42 -13.64 24.23
CA VAL B 348 19.87 -13.50 24.22
C VAL B 348 20.43 -14.60 23.32
N ASP B 349 21.14 -14.19 22.26
CA ASP B 349 21.78 -15.10 21.31
C ASP B 349 20.81 -16.15 20.78
N GLY B 350 19.55 -15.77 20.58
CA GLY B 350 18.55 -16.69 20.06
C GLY B 350 17.86 -17.57 21.08
N VAL B 351 18.07 -17.32 22.37
CA VAL B 351 17.48 -18.14 23.42
C VAL B 351 16.65 -17.24 24.33
N PRO B 352 15.42 -17.62 24.68
CA PRO B 352 14.63 -16.79 25.60
C PRO B 352 14.99 -17.07 27.06
N ARG B 353 15.31 -16.00 27.78
CA ARG B 353 15.67 -16.11 29.19
C ARG B 353 15.09 -14.92 29.97
N THR B 354 14.98 -15.12 31.28
CA THR B 354 14.54 -14.08 32.20
C THR B 354 15.75 -13.52 32.94
N LEU B 355 15.88 -12.20 32.93
CA LEU B 355 17.09 -11.53 33.41
C LEU B 355 16.74 -10.48 34.46
N ARG B 356 17.71 -10.18 35.32
CA ARG B 356 17.58 -9.12 36.31
C ARG B 356 17.98 -7.79 35.67
N LEU B 357 18.11 -6.75 36.50
CA LEU B 357 18.47 -5.43 35.97
C LEU B 357 19.94 -5.36 35.58
N ASP B 358 20.82 -6.00 36.37
CA ASP B 358 22.24 -5.96 36.09
C ASP B 358 22.56 -6.64 34.76
N GLN B 359 21.87 -7.75 34.45
CA GLN B 359 22.07 -8.41 33.17
C GLN B 359 21.65 -7.51 32.02
N LEU B 360 20.49 -6.86 32.17
CA LEU B 360 19.98 -5.97 31.13
C LEU B 360 20.84 -4.73 30.95
N ILE B 361 21.61 -4.35 31.96
CA ILE B 361 22.55 -3.24 31.83
C ILE B 361 23.86 -3.67 31.19
N ARG B 362 24.39 -4.82 31.64
CA ARG B 362 25.67 -5.31 31.12
C ARG B 362 25.56 -5.67 29.65
N TYR B 363 24.44 -6.27 29.24
CA TYR B 363 24.29 -6.65 27.83
C TYR B 363 24.31 -5.41 26.94
N TYR B 364 23.59 -4.36 27.34
CA TYR B 364 23.58 -3.12 26.57
C TYR B 364 24.96 -2.48 26.56
N VAL B 365 25.68 -2.52 27.68
CA VAL B 365 27.03 -1.95 27.72
C VAL B 365 27.94 -2.68 26.74
N ASP B 366 27.87 -4.01 26.73
CA ASP B 366 28.68 -4.79 25.81
C ASP B 366 28.33 -4.49 24.36
N HIS B 367 27.03 -4.36 24.07
CA HIS B 367 26.61 -4.01 22.71
C HIS B 367 27.16 -2.66 22.28
N GLN B 368 27.10 -1.67 23.18
CA GLN B 368 27.63 -0.35 22.85
C GLN B 368 29.13 -0.41 22.60
N LEU B 369 29.87 -1.15 23.44
CA LEU B 369 31.31 -1.26 23.26
C LEU B 369 31.65 -1.92 21.92
N ASP B 370 30.93 -2.99 21.57
CA ASP B 370 31.19 -3.66 20.30
C ASP B 370 30.89 -2.74 19.12
N VAL B 371 29.79 -1.98 19.19
CA VAL B 371 29.46 -1.04 18.12
C VAL B 371 30.55 -0.01 17.95
N ILE B 372 31.04 0.55 19.06
CA ILE B 372 32.09 1.57 19.00
C ILE B 372 33.36 0.98 18.38
N VAL B 373 33.73 -0.23 18.80
CA VAL B 373 34.94 -0.86 18.28
C VAL B 373 34.83 -1.07 16.77
N ARG B 374 33.68 -1.59 16.32
CA ARG B 374 33.52 -1.85 14.90
C ARG B 374 33.53 -0.55 14.08
N ARG B 375 32.87 0.50 14.58
CA ARG B 375 32.87 1.78 13.87
C ARG B 375 34.27 2.35 13.78
N THR B 376 35.04 2.28 14.86
CA THR B 376 36.40 2.79 14.84
C THR B 376 37.26 2.00 13.85
N THR B 377 37.09 0.68 13.82
CA THR B 377 37.85 -0.14 12.86
C THR B 377 37.51 0.23 11.43
N TYR B 378 36.23 0.43 11.13
CA TYR B 378 35.82 0.81 9.78
C TYR B 378 36.42 2.16 9.39
N ARG B 379 36.36 3.14 10.30
CA ARG B 379 36.91 4.46 10.00
C ARG B 379 38.43 4.38 9.77
N LEU B 380 39.12 3.59 10.59
CA LEU B 380 40.57 3.44 10.41
C LEU B 380 40.89 2.81 9.06
N ARG B 381 40.14 1.78 8.67
CA ARG B 381 40.38 1.15 7.36
C ARG B 381 40.15 2.14 6.23
N LYS B 382 39.07 2.92 6.31
CA LYS B 382 38.78 3.90 5.27
C LYS B 382 39.88 4.95 5.17
N ALA B 383 40.36 5.45 6.31
CA ALA B 383 41.43 6.45 6.28
C ALA B 383 42.72 5.86 5.72
N ASN B 384 43.03 4.62 6.10
CA ASN B 384 44.25 3.98 5.61
C ASN B 384 44.19 3.80 4.10
N GLU B 385 43.04 3.38 3.57
CA GLU B 385 42.92 3.23 2.13
C GLU B 385 42.87 4.57 1.40
N ARG B 386 42.43 5.64 2.09
CA ARG B 386 42.40 6.96 1.47
C ARG B 386 43.78 7.60 1.39
N ALA B 387 44.65 7.33 2.36
CA ALA B 387 45.96 7.98 2.38
C ALA B 387 46.81 7.62 1.18
N HIS B 388 46.59 6.43 0.60
CA HIS B 388 47.40 5.98 -0.52
C HIS B 388 47.25 6.89 -1.73
N ILE B 389 46.03 7.31 -2.03
CA ILE B 389 45.78 8.17 -3.18
C ILE B 389 46.48 9.52 -3.01
N LEU B 390 46.41 10.08 -1.80
CA LEU B 390 47.08 11.36 -1.55
C LEU B 390 48.60 11.22 -1.64
N ARG B 391 49.15 10.11 -1.16
CA ARG B 391 50.58 9.89 -1.28
C ARG B 391 50.99 9.80 -2.75
N GLY B 392 50.24 9.07 -3.56
CA GLY B 392 50.52 9.03 -4.98
C GLY B 392 50.39 10.39 -5.63
N LEU B 393 49.40 11.17 -5.21
CA LEU B 393 49.18 12.50 -5.79
C LEU B 393 50.35 13.43 -5.49
N VAL B 394 50.84 13.42 -4.24
CA VAL B 394 51.98 14.28 -3.92
C VAL B 394 53.24 13.80 -4.62
N LYS B 395 53.41 12.47 -4.77
CA LYS B 395 54.55 11.96 -5.51
C LYS B 395 54.51 12.42 -6.96
N ALA B 396 53.32 12.43 -7.56
CA ALA B 396 53.19 12.96 -8.92
C ALA B 396 53.47 14.46 -8.96
N LEU B 397 52.99 15.20 -7.94
CA LEU B 397 53.20 16.64 -7.90
C LEU B 397 54.68 16.98 -7.79
N ASP B 398 55.48 16.08 -7.21
CA ASP B 398 56.93 16.33 -7.15
C ASP B 398 57.53 16.44 -8.54
N ALA B 399 57.06 15.63 -9.48
CA ALA B 399 57.58 15.64 -10.85
C ALA B 399 56.48 15.96 -11.85
N LEU B 400 55.71 17.02 -11.57
CA LEU B 400 54.51 17.30 -12.36
C LEU B 400 54.84 17.58 -13.82
N ASP B 401 55.92 18.32 -14.09
CA ASP B 401 56.24 18.68 -15.46
C ASP B 401 56.57 17.44 -16.29
N GLU B 402 57.38 16.53 -15.74
CA GLU B 402 57.72 15.30 -16.46
C GLU B 402 56.48 14.43 -16.66
N VAL B 403 55.61 14.38 -15.65
CA VAL B 403 54.38 13.59 -15.78
C VAL B 403 53.51 14.14 -16.91
N ILE B 404 53.35 15.46 -16.97
CA ILE B 404 52.54 16.07 -18.02
C ILE B 404 53.17 15.83 -19.38
N ALA B 405 54.50 15.94 -19.48
CA ALA B 405 55.17 15.69 -20.75
C ALA B 405 54.98 14.24 -21.19
N LEU B 406 55.08 13.29 -20.26
CA LEU B 406 54.86 11.88 -20.60
C LEU B 406 53.42 11.64 -21.03
N ILE B 407 52.46 12.27 -20.36
CA ILE B 407 51.05 12.09 -20.70
C ILE B 407 50.78 12.64 -22.10
N ARG B 408 51.32 13.82 -22.41
CA ARG B 408 51.09 14.42 -23.71
C ARG B 408 51.67 13.57 -24.83
N ALA B 409 52.87 13.03 -24.64
CA ALA B 409 53.54 12.24 -25.67
C ALA B 409 53.14 10.78 -25.53
N SER B 410 51.88 10.51 -25.86
CA SER B 410 51.34 9.16 -25.81
C SER B 410 50.24 9.02 -26.84
N GLU B 411 49.96 7.78 -27.23
CA GLU B 411 48.91 7.48 -28.19
C GLU B 411 47.66 6.90 -27.54
N THR B 412 47.80 6.15 -26.46
CA THR B 412 46.66 5.57 -25.75
C THR B 412 46.86 5.75 -24.26
N VAL B 413 45.75 5.64 -23.52
CA VAL B 413 45.81 5.82 -22.07
C VAL B 413 46.62 4.72 -21.41
N ASP B 414 46.63 3.51 -22.01
CA ASP B 414 47.40 2.41 -21.43
C ASP B 414 48.89 2.69 -21.48
N ILE B 415 49.37 3.30 -22.58
CA ILE B 415 50.78 3.66 -22.67
C ILE B 415 51.13 4.69 -21.61
N ALA B 416 50.25 5.67 -21.38
CA ALA B 416 50.48 6.65 -20.33
C ALA B 416 50.51 6.00 -18.96
N ARG B 417 49.62 5.04 -18.72
CA ARG B 417 49.62 4.32 -17.45
C ARG B 417 50.92 3.57 -17.23
N ALA B 418 51.39 2.87 -18.28
CA ALA B 418 52.64 2.13 -18.16
C ALA B 418 53.81 3.06 -17.91
N GLY B 419 53.86 4.19 -18.62
CA GLY B 419 54.93 5.15 -18.42
C GLY B 419 54.92 5.74 -17.01
N LEU B 420 53.74 6.08 -16.52
CA LEU B 420 53.64 6.63 -15.16
C LEU B 420 54.06 5.61 -14.11
N ILE B 421 53.65 4.35 -14.29
CA ILE B 421 54.04 3.31 -13.36
C ILE B 421 55.56 3.10 -13.38
N GLU B 422 56.16 3.10 -14.57
CA GLU B 422 57.60 2.90 -14.67
C GLU B 422 58.37 4.09 -14.11
N LEU B 423 57.82 5.31 -14.24
CA LEU B 423 58.54 6.50 -13.83
C LEU B 423 58.40 6.76 -12.34
N LEU B 424 57.17 6.93 -11.87
CA LEU B 424 56.94 7.36 -10.49
C LEU B 424 57.01 6.22 -9.48
N ASP B 425 57.10 4.97 -9.93
CA ASP B 425 57.08 3.80 -9.05
C ASP B 425 55.82 3.86 -8.16
N ILE B 426 54.69 3.69 -8.82
CA ILE B 426 53.39 3.83 -8.18
C ILE B 426 52.52 2.63 -8.56
N ASP B 427 51.44 2.45 -7.80
CA ASP B 427 50.49 1.39 -8.08
C ASP B 427 49.53 1.81 -9.19
N GLU B 428 48.71 0.86 -9.62
CA GLU B 428 47.71 1.15 -10.65
C GLU B 428 46.70 2.18 -10.17
N ILE B 429 46.27 2.06 -8.92
CA ILE B 429 45.28 2.98 -8.38
C ILE B 429 45.83 4.40 -8.31
N GLN B 430 47.09 4.54 -7.91
CA GLN B 430 47.70 5.87 -7.84
C GLN B 430 47.80 6.50 -9.22
N ALA B 431 48.21 5.71 -10.22
CA ALA B 431 48.30 6.22 -11.58
C ALA B 431 46.93 6.63 -12.11
N GLN B 432 45.89 5.82 -11.80
CA GLN B 432 44.54 6.19 -12.22
C GLN B 432 44.10 7.48 -11.56
N ALA B 433 44.36 7.63 -10.25
CA ALA B 433 43.99 8.86 -9.57
C ALA B 433 44.72 10.06 -10.16
N ILE B 434 45.98 9.87 -10.57
CA ILE B 434 46.71 10.94 -11.25
C ILE B 434 46.05 11.28 -12.58
N LEU B 435 45.64 10.26 -13.34
CA LEU B 435 45.08 10.50 -14.66
C LEU B 435 43.74 11.23 -14.59
N ASP B 436 42.85 10.80 -13.70
CA ASP B 436 41.59 11.52 -13.52
C ASP B 436 41.70 12.72 -12.60
N MET B 437 42.90 13.24 -12.37
CA MET B 437 43.04 14.54 -11.71
C MET B 437 42.60 15.65 -12.66
N GLN B 438 41.82 16.58 -12.15
CA GLN B 438 41.36 17.70 -12.96
C GLN B 438 42.44 18.77 -13.05
N LEU B 439 42.33 19.61 -14.08
CA LEU B 439 43.27 20.71 -14.26
C LEU B 439 43.10 21.77 -13.17
N ARG B 440 41.88 21.97 -12.69
CA ARG B 440 41.64 22.98 -11.66
C ARG B 440 42.43 22.72 -10.39
N ARG B 441 42.87 21.47 -10.17
CA ARG B 441 43.67 21.10 -9.01
C ARG B 441 45.16 21.20 -9.29
N LEU B 442 45.56 21.98 -10.29
CA LEU B 442 46.96 22.17 -10.63
C LEU B 442 47.51 23.51 -10.16
N ALA B 443 46.69 24.34 -9.53
CA ALA B 443 47.16 25.64 -9.02
C ALA B 443 47.93 25.43 -7.72
N ALA B 444 48.60 26.50 -7.29
CA ALA B 444 49.41 26.44 -6.08
C ALA B 444 48.56 26.18 -4.85
N LEU B 445 47.37 26.78 -4.80
CA LEU B 445 46.48 26.59 -3.65
C LEU B 445 46.11 25.13 -3.48
N GLU B 446 45.75 24.46 -4.58
CA GLU B 446 45.44 23.03 -4.49
C GLU B 446 46.69 22.20 -4.21
N ARG B 447 47.85 22.64 -4.70
CA ARG B 447 49.09 21.94 -4.39
C ARG B 447 49.37 21.94 -2.89
N GLN B 448 49.12 23.07 -2.23
CA GLN B 448 49.28 23.11 -0.77
C GLN B 448 48.16 22.39 -0.06
N ARG B 449 46.94 22.42 -0.63
CA ARG B 449 45.81 21.74 -0.03
C ARG B 449 46.04 20.23 0.01
N ILE B 450 46.67 19.68 -1.02
CA ILE B 450 46.97 18.24 -1.03
C ILE B 450 47.92 17.89 0.11
N ILE B 451 48.94 18.73 0.34
CA ILE B 451 49.87 18.48 1.44
C ILE B 451 49.15 18.54 2.78
N ASP B 452 48.30 19.56 2.94
CA ASP B 452 47.56 19.69 4.20
C ASP B 452 46.63 18.51 4.42
N ASP B 453 45.95 18.05 3.36
CA ASP B 453 45.07 16.89 3.47
C ASP B 453 45.86 15.64 3.83
N LEU B 454 47.04 15.46 3.24
CA LEU B 454 47.86 14.30 3.59
C LEU B 454 48.28 14.34 5.05
N ALA B 455 48.71 15.50 5.53
CA ALA B 455 49.10 15.61 6.94
C ALA B 455 47.93 15.34 7.87
N LYS B 456 46.76 15.91 7.55
CA LYS B 456 45.58 15.70 8.38
C LYS B 456 45.15 14.24 8.38
N ILE B 457 45.23 13.58 7.22
CA ILE B 457 44.85 12.18 7.12
C ILE B 457 45.81 11.31 7.94
N GLU B 458 47.11 11.61 7.88
CA GLU B 458 48.06 10.86 8.70
C GLU B 458 47.78 11.05 10.19
N ALA B 459 47.48 12.29 10.61
CA ALA B 459 47.15 12.54 12.00
C ALA B 459 45.89 11.78 12.42
N GLU B 460 44.87 11.77 11.56
CA GLU B 460 43.64 11.03 11.86
C GLU B 460 43.89 9.54 11.94
N ILE B 461 44.76 9.00 11.07
CA ILE B 461 45.10 7.59 11.15
C ILE B 461 45.79 7.28 12.47
N ALA B 462 46.70 8.15 12.90
CA ALA B 462 47.36 7.96 14.19
C ALA B 462 46.36 7.98 15.33
N ASP B 463 45.41 8.92 15.29
CA ASP B 463 44.40 9.01 16.35
C ASP B 463 43.51 7.77 16.39
N LEU B 464 43.08 7.30 15.21
CA LEU B 464 42.23 6.11 15.16
C LEU B 464 42.98 4.87 15.65
N GLU B 465 44.26 4.74 15.31
CA GLU B 465 45.05 3.63 15.83
C GLU B 465 45.21 3.73 17.35
N ASP B 466 45.43 4.95 17.86
CA ASP B 466 45.55 5.12 19.30
C ASP B 466 44.26 4.78 20.02
N ILE B 467 43.11 5.05 19.39
CA ILE B 467 41.83 4.72 20.01
C ILE B 467 41.72 3.22 20.22
N LEU B 468 42.10 2.42 19.21
CA LEU B 468 42.09 0.97 19.35
C LEU B 468 43.20 0.46 20.25
N ALA B 469 44.27 1.24 20.43
CA ALA B 469 45.40 0.77 21.23
C ALA B 469 44.99 0.54 22.68
N LYS B 470 44.24 1.48 23.26
CA LYS B 470 43.88 1.43 24.67
C LYS B 470 42.37 1.26 24.83
N PRO B 471 41.90 0.20 25.49
CA PRO B 471 40.45 0.05 25.69
C PRO B 471 39.83 1.12 26.57
N GLU B 472 40.63 1.83 27.38
CA GLU B 472 40.08 2.80 28.32
C GLU B 472 39.51 4.04 27.64
N ARG B 473 39.74 4.22 26.34
CA ARG B 473 39.18 5.35 25.61
C ARG B 473 37.79 5.05 25.07
N GLN B 474 37.50 3.79 24.76
CA GLN B 474 36.18 3.43 24.26
C GLN B 474 35.10 3.70 25.31
N ARG B 475 35.38 3.39 26.57
CA ARG B 475 34.43 3.68 27.64
C ARG B 475 34.17 5.17 27.75
N GLY B 476 35.22 5.99 27.64
CA GLY B 476 35.02 7.43 27.66
C GLY B 476 34.20 7.92 26.49
N ILE B 477 34.42 7.36 25.30
CA ILE B 477 33.63 7.75 24.13
C ILE B 477 32.16 7.40 24.35
N VAL B 478 31.89 6.19 24.83
CA VAL B 478 30.51 5.78 25.08
C VAL B 478 29.87 6.69 26.12
N ARG B 479 30.60 7.00 27.20
CA ARG B 479 30.06 7.88 28.23
C ARG B 479 29.74 9.26 27.68
N ASP B 480 30.64 9.81 26.86
CA ASP B 480 30.41 11.13 26.30
C ASP B 480 29.18 11.16 25.40
N GLU B 481 29.06 10.16 24.52
CA GLU B 481 27.91 10.12 23.62
C GLU B 481 26.61 9.94 24.39
N LEU B 482 26.60 9.04 25.39
CA LEU B 482 25.38 8.83 26.17
C LEU B 482 25.03 10.07 26.98
N ALA B 483 26.03 10.75 27.53
CA ALA B 483 25.77 11.98 28.28
C ALA B 483 25.17 13.05 27.39
N GLU B 484 25.70 13.20 26.17
CA GLU B 484 25.13 14.17 25.23
C GLU B 484 23.69 13.81 24.87
N ILE B 485 23.43 12.52 24.60
CA ILE B 485 22.09 12.09 24.25
C ILE B 485 21.12 12.37 25.38
N VAL B 486 21.52 12.06 26.62
CA VAL B 486 20.64 12.28 27.77
C VAL B 486 20.42 13.76 28.00
N ASP B 487 21.47 14.57 27.89
CA ASP B 487 21.32 16.02 28.06
C ASP B 487 20.46 16.65 26.98
N ARG B 488 20.37 16.03 25.80
CA ARG B 488 19.52 16.57 24.75
C ARG B 488 18.05 16.27 25.03
N HIS B 489 17.71 14.99 25.18
CA HIS B 489 16.33 14.58 25.43
C HIS B 489 16.26 13.92 26.80
N GLY B 490 15.37 14.42 27.67
CA GLY B 490 15.18 13.86 28.98
C GLY B 490 14.04 14.49 29.74
N ASP B 491 13.22 13.66 30.39
CA ASP B 491 12.08 14.12 31.17
C ASP B 491 12.28 13.76 32.64
N ASP B 492 11.32 14.15 33.47
CA ASP B 492 11.34 13.89 34.90
C ASP B 492 10.33 12.81 35.26
N ARG B 493 10.29 12.48 36.55
CA ARG B 493 9.46 11.38 37.05
C ARG B 493 7.99 11.78 37.00
N ARG B 494 7.31 11.31 35.96
CA ARG B 494 5.86 11.53 35.87
C ARG B 494 5.12 10.75 36.94
N THR B 495 5.55 9.53 37.22
CA THR B 495 4.93 8.70 38.25
C THR B 495 5.76 8.80 39.52
N ARG B 496 5.11 9.24 40.60
CA ARG B 496 5.76 9.43 41.88
C ARG B 496 5.49 8.25 42.81
N ILE B 497 6.48 7.93 43.64
CA ILE B 497 6.44 6.77 44.53
C ILE B 497 6.09 7.25 45.93
N ILE B 498 5.06 6.63 46.53
CA ILE B 498 4.65 6.97 47.88
C ILE B 498 4.80 5.73 48.77
N ALA B 499 4.50 5.88 50.05
CA ALA B 499 4.59 4.78 50.99
C ALA B 499 3.32 3.95 50.98
N ILE B 500 3.27 2.93 51.83
CA ILE B 500 2.11 2.05 51.92
C ILE B 500 0.90 2.82 52.45
N LEU C 441 -25.63 -27.79 1.14
CA LEU C 441 -24.20 -27.76 0.90
C LEU C 441 -23.64 -26.36 1.17
N PRO C 442 -22.37 -26.29 1.57
CA PRO C 442 -21.76 -24.97 1.82
C PRO C 442 -21.76 -24.12 0.56
N GLY C 443 -21.94 -22.81 0.75
CA GLY C 443 -22.01 -21.89 -0.37
C GLY C 443 -20.70 -21.66 -1.08
N LYS C 444 -19.58 -21.92 -0.41
CA LYS C 444 -18.26 -21.74 -1.01
C LYS C 444 -17.75 -23.01 -1.69
N LEU C 445 -18.47 -24.12 -1.57
CA LEU C 445 -18.00 -25.37 -2.15
C LEU C 445 -18.16 -25.35 -3.68
N ALA C 446 -17.19 -25.93 -4.37
CA ALA C 446 -17.22 -26.10 -5.82
C ALA C 446 -17.23 -27.59 -6.10
N ASP C 447 -18.44 -28.16 -6.18
CA ASP C 447 -18.58 -29.60 -6.30
C ASP C 447 -18.10 -30.08 -7.66
N CYS C 448 -17.68 -31.34 -7.71
CA CYS C 448 -17.18 -31.95 -8.94
C CYS C 448 -18.36 -32.41 -9.80
N ARG C 449 -18.07 -33.18 -10.85
CA ARG C 449 -19.09 -33.67 -11.77
C ARG C 449 -19.42 -35.14 -11.56
N SER C 450 -18.43 -35.98 -11.30
CA SER C 450 -18.68 -37.40 -11.09
C SER C 450 -19.43 -37.63 -9.79
N THR C 451 -20.40 -38.54 -9.84
CA THR C 451 -21.22 -38.87 -8.68
C THR C 451 -20.74 -40.10 -7.94
N ASP C 452 -19.63 -40.70 -8.36
CA ASP C 452 -19.11 -41.89 -7.71
C ASP C 452 -18.14 -41.49 -6.60
N PRO C 453 -18.40 -41.84 -5.34
CA PRO C 453 -17.47 -41.46 -4.26
C PRO C 453 -16.09 -42.09 -4.39
N ARG C 454 -15.96 -43.19 -5.11
CA ARG C 454 -14.69 -43.90 -5.18
C ARG C 454 -13.64 -43.21 -6.06
N LYS C 455 -14.04 -42.20 -6.83
CA LYS C 455 -13.11 -41.51 -7.73
C LYS C 455 -13.04 -40.01 -7.51
N SER C 456 -13.85 -39.46 -6.62
CA SER C 456 -13.84 -38.03 -6.38
C SER C 456 -12.73 -37.66 -5.40
N GLU C 457 -12.36 -36.38 -5.40
CA GLU C 457 -11.35 -35.84 -4.51
C GLU C 457 -11.78 -34.48 -4.01
N LEU C 458 -11.55 -34.24 -2.72
CA LEU C 458 -11.84 -32.96 -2.08
C LEU C 458 -10.55 -32.34 -1.60
N TYR C 459 -10.36 -31.06 -1.89
CA TYR C 459 -9.17 -30.32 -1.48
C TYR C 459 -9.56 -29.26 -0.47
N VAL C 460 -8.93 -29.27 0.70
CA VAL C 460 -9.15 -28.28 1.73
C VAL C 460 -7.97 -27.32 1.72
N VAL C 461 -8.23 -26.05 1.42
CA VAL C 461 -7.19 -25.05 1.23
C VAL C 461 -7.60 -23.77 1.96
N GLU C 462 -6.65 -23.17 2.67
CA GLU C 462 -6.91 -21.93 3.40
C GLU C 462 -7.17 -20.78 2.43
N GLY C 463 -7.94 -19.81 2.90
CA GLY C 463 -8.15 -18.58 2.16
C GLY C 463 -9.08 -18.75 0.97
N ASP C 464 -9.20 -17.67 0.21
CA ASP C 464 -10.02 -17.63 -1.00
C ASP C 464 -9.21 -17.42 -2.27
N SER C 465 -8.13 -16.64 -2.21
CA SER C 465 -7.31 -16.43 -3.39
C SER C 465 -6.69 -17.73 -3.88
N ALA C 466 -6.18 -18.54 -2.94
CA ALA C 466 -5.65 -19.85 -3.31
C ALA C 466 -6.75 -20.75 -3.86
N GLY C 467 -7.93 -20.72 -3.24
CA GLY C 467 -9.04 -21.50 -3.76
C GLY C 467 -9.47 -21.07 -5.15
N GLY C 468 -9.52 -19.75 -5.38
CA GLY C 468 -9.86 -19.26 -6.70
C GLY C 468 -8.82 -19.62 -7.74
N SER C 469 -7.55 -19.60 -7.36
CA SER C 469 -6.48 -19.99 -8.28
C SER C 469 -6.56 -21.48 -8.59
N ALA C 470 -6.90 -22.31 -7.59
CA ALA C 470 -6.98 -23.74 -7.80
C ALA C 470 -8.22 -24.14 -8.58
N LYS C 471 -9.30 -23.36 -8.49
CA LYS C 471 -10.53 -23.71 -9.20
C LYS C 471 -10.34 -23.65 -10.71
N SER C 472 -9.46 -22.78 -11.19
CA SER C 472 -9.22 -22.67 -12.63
C SER C 472 -8.35 -23.81 -13.15
N GLY C 473 -7.39 -24.28 -12.36
CA GLY C 473 -6.45 -25.28 -12.82
C GLY C 473 -6.75 -26.69 -12.36
N ARG C 474 -7.98 -26.94 -11.94
CA ARG C 474 -8.38 -28.26 -11.44
C ARG C 474 -9.13 -29.03 -12.52
N ASP C 475 -9.16 -30.35 -12.37
CA ASP C 475 -9.95 -31.23 -13.21
C ASP C 475 -11.35 -31.32 -12.63
N SER C 476 -12.32 -30.73 -13.33
CA SER C 476 -13.67 -30.59 -12.80
C SER C 476 -14.36 -31.94 -12.63
N MET C 477 -13.82 -32.99 -13.22
CA MET C 477 -14.44 -34.31 -13.16
C MET C 477 -14.24 -35.00 -11.83
N PHE C 478 -13.08 -34.85 -11.18
CA PHE C 478 -12.80 -35.58 -9.96
C PHE C 478 -12.12 -34.73 -8.88
N GLN C 479 -12.30 -33.41 -8.92
CA GLN C 479 -11.63 -32.54 -7.96
C GLN C 479 -12.59 -31.43 -7.51
N ALA C 480 -12.78 -31.32 -6.21
CA ALA C 480 -13.60 -30.29 -5.60
C ALA C 480 -12.77 -29.49 -4.61
N ILE C 481 -12.97 -28.17 -4.60
CA ILE C 481 -12.19 -27.26 -3.78
C ILE C 481 -13.10 -26.65 -2.72
N LEU C 482 -12.66 -26.71 -1.46
CA LEU C 482 -13.39 -26.13 -0.34
C LEU C 482 -12.54 -25.05 0.32
N PRO C 483 -12.83 -23.76 0.08
CA PRO C 483 -12.00 -22.71 0.66
C PRO C 483 -12.41 -22.33 2.08
N LEU C 484 -11.51 -22.50 3.03
CA LEU C 484 -11.76 -22.11 4.42
C LEU C 484 -11.50 -20.62 4.59
N ARG C 485 -11.49 -20.15 5.84
CA ARG C 485 -11.24 -18.75 6.13
C ARG C 485 -10.51 -18.63 7.46
N GLY C 486 -9.31 -18.05 7.43
CA GLY C 486 -8.59 -17.78 8.65
C GLY C 486 -8.10 -19.04 9.34
N LYS C 487 -7.93 -18.93 10.65
CA LYS C 487 -7.45 -20.04 11.47
C LYS C 487 -8.64 -20.80 12.08
N ILE C 488 -8.46 -22.11 12.23
CA ILE C 488 -9.53 -22.95 12.73
C ILE C 488 -9.65 -22.80 14.24
N ILE C 489 -10.87 -23.05 14.75
CA ILE C 489 -11.07 -23.07 16.19
C ILE C 489 -10.38 -24.29 16.78
N ASN C 490 -9.83 -24.12 17.99
CA ASN C 490 -9.16 -25.21 18.68
C ASN C 490 -10.21 -26.07 19.37
N VAL C 491 -10.48 -27.24 18.80
CA VAL C 491 -11.50 -28.13 19.37
C VAL C 491 -11.03 -28.69 20.71
N GLU C 492 -9.73 -28.92 20.87
CA GLU C 492 -9.20 -29.52 22.09
C GLU C 492 -9.40 -28.63 23.32
N LYS C 493 -9.54 -27.32 23.12
CA LYS C 493 -9.69 -26.39 24.24
C LYS C 493 -11.14 -25.96 24.45
N ALA C 494 -11.86 -25.64 23.38
CA ALA C 494 -13.22 -25.17 23.50
C ALA C 494 -14.18 -26.31 23.79
N ARG C 495 -15.36 -25.95 24.30
CA ARG C 495 -16.38 -26.95 24.61
C ARG C 495 -17.10 -27.38 23.33
N ILE C 496 -17.88 -28.46 23.45
CA ILE C 496 -18.55 -29.02 22.28
C ILE C 496 -19.60 -28.06 21.74
N ASP C 497 -20.31 -27.37 22.62
CA ASP C 497 -21.38 -26.47 22.18
C ASP C 497 -20.86 -25.25 21.45
N ARG C 498 -19.59 -24.90 21.62
CA ARG C 498 -19.01 -23.74 20.93
C ARG C 498 -18.45 -24.11 19.57
N VAL C 499 -17.81 -25.27 19.46
CA VAL C 499 -17.27 -25.71 18.16
C VAL C 499 -18.34 -26.21 17.20
N LEU C 500 -19.57 -26.42 17.69
CA LEU C 500 -20.67 -26.83 16.84
C LEU C 500 -21.41 -25.66 16.22
N LYS C 501 -21.03 -24.43 16.56
CA LYS C 501 -21.64 -23.24 15.98
C LYS C 501 -20.72 -22.48 15.05
N ASN C 502 -19.45 -22.87 14.96
CA ASN C 502 -18.53 -22.22 14.04
C ASN C 502 -18.93 -22.48 12.60
N THR C 503 -18.91 -21.43 11.79
CA THR C 503 -19.33 -21.55 10.39
C THR C 503 -18.41 -22.50 9.62
N GLU C 504 -17.10 -22.37 9.81
CA GLU C 504 -16.16 -23.20 9.06
C GLU C 504 -16.28 -24.67 9.43
N VAL C 505 -16.42 -24.97 10.72
CA VAL C 505 -16.54 -26.36 11.15
C VAL C 505 -17.83 -26.98 10.61
N GLN C 506 -18.93 -26.25 10.68
CA GLN C 506 -20.19 -26.75 10.13
C GLN C 506 -20.10 -26.96 8.63
N ALA C 507 -19.44 -26.03 7.93
CA ALA C 507 -19.26 -26.18 6.49
C ALA C 507 -18.45 -27.42 6.16
N ILE C 508 -17.37 -27.66 6.91
CA ILE C 508 -16.55 -28.84 6.67
C ILE C 508 -17.35 -30.11 6.92
N ILE C 509 -18.12 -30.13 8.02
CA ILE C 509 -18.91 -31.31 8.35
C ILE C 509 -19.96 -31.57 7.27
N THR C 510 -20.62 -30.52 6.79
CA THR C 510 -21.61 -30.69 5.73
C THR C 510 -20.98 -31.16 4.44
N ALA C 511 -19.83 -30.59 4.07
CA ALA C 511 -19.18 -30.96 2.81
C ALA C 511 -18.69 -32.41 2.85
N LEU C 512 -18.14 -32.85 3.98
CA LEU C 512 -17.65 -34.22 4.06
C LEU C 512 -18.80 -35.23 3.97
N GLY C 513 -19.93 -34.92 4.62
CA GLY C 513 -21.14 -35.70 4.51
C GLY C 513 -21.40 -36.65 5.66
N THR C 514 -20.34 -37.16 6.30
CA THR C 514 -20.50 -38.12 7.38
C THR C 514 -20.93 -37.42 8.66
N GLY C 515 -21.33 -38.23 9.64
CA GLY C 515 -21.68 -37.73 10.95
C GLY C 515 -20.45 -37.49 11.81
N ILE C 516 -20.71 -37.12 13.07
CA ILE C 516 -19.65 -36.83 14.02
C ILE C 516 -19.87 -37.65 15.28
N HIS C 517 -18.77 -37.90 16.00
CA HIS C 517 -18.77 -38.61 17.29
C HIS C 517 -19.37 -39.99 17.08
N ASP C 518 -20.37 -40.40 17.85
CA ASP C 518 -20.93 -41.75 17.74
C ASP C 518 -21.88 -41.90 16.55
N GLU C 519 -22.29 -40.79 15.92
CA GLU C 519 -23.17 -40.84 14.76
C GLU C 519 -22.39 -40.94 13.44
N PHE C 520 -21.15 -41.42 13.49
CA PHE C 520 -20.31 -41.49 12.31
C PHE C 520 -20.61 -42.77 11.54
N ASP C 521 -20.96 -42.62 10.25
CA ASP C 521 -21.20 -43.74 9.36
C ASP C 521 -20.31 -43.59 8.14
N ILE C 522 -19.46 -44.58 7.88
CA ILE C 522 -18.52 -44.52 6.78
C ILE C 522 -19.22 -44.63 5.43
N GLY C 523 -20.44 -45.16 5.39
CA GLY C 523 -21.14 -45.35 4.13
C GLY C 523 -21.65 -44.07 3.50
N LYS C 524 -21.78 -43.01 4.28
CA LYS C 524 -22.28 -41.73 3.78
C LYS C 524 -21.19 -40.81 3.25
N LEU C 525 -19.94 -41.25 3.26
CA LEU C 525 -18.85 -40.40 2.81
C LEU C 525 -18.97 -40.13 1.30
N ARG C 526 -18.74 -38.88 0.92
CA ARG C 526 -18.88 -38.44 -0.47
C ARG C 526 -17.56 -38.45 -1.23
N TYR C 527 -16.48 -38.04 -0.59
CA TYR C 527 -15.16 -38.03 -1.21
C TYR C 527 -14.26 -39.04 -0.50
N HIS C 528 -13.66 -39.93 -1.29
CA HIS C 528 -12.77 -40.95 -0.75
C HIS C 528 -11.32 -40.46 -0.64
N LYS C 529 -11.09 -39.17 -0.88
CA LYS C 529 -9.76 -38.59 -0.73
C LYS C 529 -9.92 -37.15 -0.29
N ILE C 530 -9.61 -36.89 0.98
CA ILE C 530 -9.63 -35.54 1.54
C ILE C 530 -8.18 -35.10 1.67
N VAL C 531 -7.79 -34.11 0.86
CA VAL C 531 -6.39 -33.70 0.74
C VAL C 531 -6.26 -32.30 1.32
N LEU C 532 -5.40 -32.15 2.32
CA LEU C 532 -5.12 -30.85 2.92
C LEU C 532 -3.97 -30.20 2.16
N MET C 533 -4.23 -29.03 1.57
CA MET C 533 -3.24 -28.29 0.81
C MET C 533 -3.17 -26.88 1.38
N ALA C 534 -2.08 -26.56 2.06
CA ALA C 534 -1.90 -25.27 2.71
C ALA C 534 -0.57 -24.69 2.26
N ASP C 535 -0.27 -23.48 2.76
CA ASP C 535 0.94 -22.79 2.39
C ASP C 535 2.15 -23.47 3.05
N ALA C 536 3.34 -22.97 2.72
CA ALA C 536 4.60 -23.55 3.19
C ALA C 536 5.19 -22.82 4.38
N ASP C 537 4.54 -21.78 4.89
CA ASP C 537 5.06 -21.04 6.03
C ASP C 537 4.51 -21.62 7.33
N VAL C 538 4.85 -20.96 8.45
CA VAL C 538 4.43 -21.46 9.76
C VAL C 538 2.92 -21.33 9.94
N ASP C 539 2.30 -20.28 9.40
CA ASP C 539 0.86 -20.11 9.54
C ASP C 539 0.10 -21.25 8.86
N GLY C 540 0.55 -21.65 7.67
CA GLY C 540 -0.01 -22.83 7.03
C GLY C 540 0.21 -24.10 7.82
N GLN C 541 1.39 -24.27 8.42
CA GLN C 541 1.68 -25.42 9.27
C GLN C 541 0.83 -25.44 10.54
N HIS C 542 0.34 -24.29 10.99
CA HIS C 542 -0.56 -24.22 12.13
C HIS C 542 -2.01 -24.48 11.75
N ILE C 543 -2.44 -23.95 10.60
CA ILE C 543 -3.78 -24.27 10.11
C ILE C 543 -3.89 -25.76 9.82
N SER C 544 -2.83 -26.35 9.28
CA SER C 544 -2.83 -27.79 9.00
C SER C 544 -2.96 -28.60 10.28
N THR C 545 -2.23 -28.23 11.33
CA THR C 545 -2.34 -28.98 12.57
C THR C 545 -3.69 -28.78 13.24
N LEU C 546 -4.27 -27.58 13.12
CA LEU C 546 -5.62 -27.37 13.65
C LEU C 546 -6.64 -28.26 12.92
N LEU C 547 -6.55 -28.30 11.58
CA LEU C 547 -7.47 -29.15 10.83
C LEU C 547 -7.27 -30.62 11.15
N LEU C 548 -6.01 -31.05 11.29
CA LEU C 548 -5.73 -32.45 11.61
C LEU C 548 -6.26 -32.82 12.99
N THR C 549 -6.08 -31.93 13.98
CA THR C 549 -6.62 -32.22 15.30
C THR C 549 -8.14 -32.23 15.30
N LEU C 550 -8.78 -31.39 14.48
CA LEU C 550 -10.24 -31.43 14.36
C LEU C 550 -10.69 -32.77 13.77
N LEU C 551 -10.04 -33.20 12.68
CA LEU C 551 -10.41 -34.45 12.05
C LEU C 551 -10.14 -35.65 12.95
N PHE C 552 -9.11 -35.56 13.80
CA PHE C 552 -8.82 -36.66 14.72
C PHE C 552 -9.82 -36.68 15.87
N ARG C 553 -10.24 -35.51 16.35
CA ARG C 553 -11.16 -35.46 17.48
C ARG C 553 -12.57 -35.88 17.06
N PHE C 554 -12.99 -35.51 15.86
CA PHE C 554 -14.37 -35.75 15.44
C PHE C 554 -14.52 -36.98 14.54
N MET C 555 -13.62 -37.19 13.60
CA MET C 555 -13.76 -38.21 12.55
C MET C 555 -12.54 -39.14 12.53
N ARG C 556 -12.21 -39.68 13.70
CA ARG C 556 -11.07 -40.58 13.82
C ARG C 556 -11.06 -41.75 12.82
N PRO C 557 -12.17 -42.42 12.54
CA PRO C 557 -12.12 -43.51 11.54
C PRO C 557 -11.63 -43.07 10.17
N LEU C 558 -11.83 -41.80 9.80
CA LEU C 558 -11.31 -41.31 8.53
C LEU C 558 -9.79 -41.40 8.49
N ILE C 559 -9.13 -41.01 9.58
CA ILE C 559 -7.68 -41.17 9.68
C ILE C 559 -7.33 -42.64 9.78
N GLU C 560 -8.16 -43.42 10.49
CA GLU C 560 -7.89 -44.84 10.65
C GLU C 560 -7.90 -45.57 9.31
N ASN C 561 -8.83 -45.22 8.43
CA ASN C 561 -8.97 -45.88 7.13
C ASN C 561 -8.05 -45.28 6.07
N GLY C 562 -7.26 -44.27 6.41
CA GLY C 562 -6.35 -43.67 5.45
C GLY C 562 -7.03 -42.93 4.32
N HIS C 563 -8.08 -42.18 4.62
CA HIS C 563 -8.76 -41.37 3.62
C HIS C 563 -8.27 -39.92 3.60
N VAL C 564 -7.27 -39.60 4.41
CA VAL C 564 -6.77 -38.23 4.52
C VAL C 564 -5.35 -38.18 3.97
N PHE C 565 -5.07 -37.14 3.18
CA PHE C 565 -3.78 -36.97 2.55
C PHE C 565 -3.31 -35.52 2.73
N LEU C 566 -2.01 -35.32 2.56
CA LEU C 566 -1.39 -34.01 2.63
C LEU C 566 -0.69 -33.71 1.31
N ALA C 567 -0.84 -32.47 0.84
CA ALA C 567 -0.25 -32.04 -0.42
C ALA C 567 0.84 -31.00 -0.16
N GLN C 568 1.99 -31.17 -0.81
CA GLN C 568 3.08 -30.23 -0.66
C GLN C 568 3.32 -29.48 -1.97
N PRO C 569 3.39 -28.16 -1.94
CA PRO C 569 3.65 -27.39 -3.15
C PRO C 569 5.14 -27.19 -3.36
N PRO C 570 5.58 -26.82 -4.56
CA PRO C 570 6.99 -26.54 -4.79
C PRO C 570 7.46 -25.34 -3.99
N LEU C 571 8.74 -25.37 -3.61
CA LEU C 571 9.29 -24.30 -2.77
C LEU C 571 9.66 -23.08 -3.59
N TYR C 572 10.57 -23.23 -4.55
CA TYR C 572 11.02 -22.12 -5.36
C TYR C 572 11.12 -22.57 -6.81
N LYS C 573 10.85 -21.64 -7.72
CA LYS C 573 10.92 -21.91 -9.15
C LYS C 573 11.93 -21.00 -9.84
N TYR C 613 8.43 -18.78 -3.88
CA TYR C 613 6.98 -18.82 -3.69
C TYR C 613 6.64 -18.83 -2.20
N LYS C 614 6.16 -17.69 -1.70
CA LYS C 614 5.83 -17.54 -0.29
C LYS C 614 4.36 -17.79 0.01
N GLY C 615 3.56 -18.16 -0.99
CA GLY C 615 2.15 -18.40 -0.75
C GLY C 615 1.51 -19.09 -1.93
N LEU C 616 0.34 -19.66 -1.68
CA LEU C 616 -0.42 -20.34 -2.73
C LEU C 616 -1.22 -19.36 -3.58
N GLY C 617 -1.39 -18.13 -3.10
CA GLY C 617 -2.12 -17.14 -3.86
C GLY C 617 -1.32 -16.48 -4.96
N GLU C 618 0.00 -16.66 -4.96
CA GLU C 618 0.86 -16.08 -5.99
C GLU C 618 1.01 -16.98 -7.21
N MET C 619 0.50 -18.20 -7.16
CA MET C 619 0.57 -19.12 -8.29
C MET C 619 -0.67 -18.99 -9.16
N ASP C 620 -0.51 -19.31 -10.45
CA ASP C 620 -1.60 -19.31 -11.39
C ASP C 620 -2.08 -20.73 -11.63
N ALA C 621 -3.08 -20.88 -12.51
CA ALA C 621 -3.68 -22.18 -12.75
C ALA C 621 -2.70 -23.16 -13.37
N LYS C 622 -1.91 -22.71 -14.35
CA LYS C 622 -1.03 -23.62 -15.08
C LYS C 622 0.05 -24.19 -14.16
N GLU C 623 0.69 -23.33 -13.37
CA GLU C 623 1.74 -23.80 -12.46
C GLU C 623 1.17 -24.67 -11.34
N LEU C 624 -0.04 -24.34 -10.86
CA LEU C 624 -0.67 -25.18 -9.86
C LEU C 624 -0.99 -26.57 -10.41
N TRP C 625 -1.45 -26.63 -11.66
CA TRP C 625 -1.77 -27.93 -12.25
C TRP C 625 -0.52 -28.73 -12.57
N GLU C 626 0.54 -28.06 -13.05
CA GLU C 626 1.72 -28.79 -13.51
C GLU C 626 2.47 -29.48 -12.39
N THR C 627 2.27 -29.07 -11.14
CA THR C 627 3.04 -29.61 -10.02
C THR C 627 2.21 -30.31 -8.97
N THR C 628 1.04 -29.76 -8.60
CA THR C 628 0.29 -30.24 -7.45
C THR C 628 -0.91 -31.10 -7.85
N MET C 629 -1.80 -30.56 -8.69
CA MET C 629 -3.08 -31.19 -8.96
C MET C 629 -3.08 -32.17 -10.13
N ASP C 630 -1.95 -32.33 -10.81
CA ASP C 630 -1.89 -33.28 -11.92
C ASP C 630 -1.79 -34.70 -11.38
N PRO C 631 -2.75 -35.58 -11.68
CA PRO C 631 -2.68 -36.96 -11.15
C PRO C 631 -1.48 -37.74 -11.67
N SER C 632 -0.91 -37.37 -12.81
CA SER C 632 0.20 -38.13 -13.36
C SER C 632 1.53 -37.73 -12.74
N VAL C 633 1.70 -36.45 -12.42
CA VAL C 633 2.93 -35.93 -11.83
C VAL C 633 2.53 -35.17 -10.56
N ARG C 634 2.61 -35.85 -9.42
CA ARG C 634 2.33 -35.24 -8.13
C ARG C 634 2.82 -36.18 -7.03
N VAL C 635 3.00 -35.61 -5.84
CA VAL C 635 3.41 -36.37 -4.67
C VAL C 635 2.49 -36.01 -3.52
N LEU C 636 1.94 -37.03 -2.85
CA LEU C 636 1.05 -36.85 -1.73
C LEU C 636 1.55 -37.68 -0.56
N ARG C 637 1.24 -37.22 0.66
CA ARG C 637 1.62 -37.94 1.87
C ARG C 637 0.37 -38.52 2.53
N GLN C 638 0.47 -39.76 2.98
CA GLN C 638 -0.64 -40.46 3.62
C GLN C 638 -0.40 -40.49 5.13
N VAL C 639 -1.37 -39.99 5.89
CA VAL C 639 -1.27 -40.00 7.34
C VAL C 639 -1.73 -41.36 7.87
N THR C 640 -0.89 -41.98 8.68
CA THR C 640 -1.17 -43.29 9.25
C THR C 640 -1.20 -43.21 10.77
N LEU C 641 -2.03 -44.05 11.37
CA LEU C 641 -2.18 -44.11 12.83
C LEU C 641 -1.92 -45.54 13.28
N ASP C 642 -0.78 -45.76 13.92
CA ASP C 642 -0.42 -47.08 14.41
C ASP C 642 -0.85 -47.29 15.86
N ASP C 643 -0.42 -46.40 16.75
CA ASP C 643 -0.76 -46.47 18.17
C ASP C 643 -1.80 -45.38 18.49
N ALA C 644 -2.86 -45.77 19.18
CA ALA C 644 -3.92 -44.84 19.53
C ALA C 644 -3.66 -44.12 20.84
N ALA C 645 -3.10 -44.82 21.84
CA ALA C 645 -2.83 -44.17 23.12
C ALA C 645 -1.75 -43.10 23.00
N ALA C 646 -0.71 -43.37 22.22
CA ALA C 646 0.35 -42.38 22.03
C ALA C 646 -0.19 -41.12 21.36
N ALA C 647 -1.01 -41.28 20.33
CA ALA C 647 -1.62 -40.11 19.69
C ALA C 647 -2.55 -39.39 20.65
N ASP C 648 -3.33 -40.15 21.44
CA ASP C 648 -4.26 -39.53 22.38
C ASP C 648 -3.54 -38.68 23.41
N GLU C 649 -2.41 -39.18 23.94
CA GLU C 649 -1.68 -38.40 24.92
C GLU C 649 -0.92 -37.24 24.27
N LEU C 650 -0.37 -37.45 23.06
CA LEU C 650 0.41 -36.40 22.42
C LEU C 650 -0.46 -35.22 21.99
N PHE C 651 -1.66 -35.51 21.49
CA PHE C 651 -2.56 -34.43 21.10
C PHE C 651 -2.96 -33.57 22.30
N SER C 652 -3.25 -34.22 23.43
CA SER C 652 -3.60 -33.49 24.64
C SER C 652 -2.40 -32.72 25.20
N ILE C 653 -1.20 -33.27 25.07
CA ILE C 653 0.00 -32.57 25.54
C ILE C 653 0.25 -31.31 24.70
N LEU C 654 0.20 -31.47 23.37
CA LEU C 654 0.58 -30.36 22.49
C LEU C 654 -0.51 -29.30 22.40
N MET C 655 -1.79 -29.71 22.34
CA MET C 655 -2.88 -28.78 22.07
C MET C 655 -3.88 -28.69 23.22
N GLY C 656 -3.47 -29.11 24.42
CA GLY C 656 -4.36 -29.07 25.57
C GLY C 656 -4.36 -27.73 26.26
N GLU C 657 -5.10 -27.68 27.38
CA GLU C 657 -5.21 -26.44 28.14
C GLU C 657 -3.95 -26.15 28.97
N ASP C 658 -3.25 -27.19 29.40
CA ASP C 658 -2.05 -27.00 30.21
C ASP C 658 -0.96 -26.31 29.40
N VAL C 659 -0.17 -25.47 30.08
CA VAL C 659 0.88 -24.70 29.46
C VAL C 659 2.27 -25.17 29.90
N ASP C 660 2.40 -25.57 31.16
CA ASP C 660 3.71 -26.01 31.66
C ASP C 660 4.21 -27.23 30.93
N ALA C 661 3.33 -28.21 30.70
CA ALA C 661 3.72 -29.41 29.98
C ALA C 661 4.09 -29.08 28.54
N ARG C 662 3.33 -28.20 27.90
CA ARG C 662 3.65 -27.79 26.54
C ARG C 662 4.99 -27.07 26.47
N ARG C 663 5.25 -26.17 27.43
CA ARG C 663 6.52 -25.45 27.45
C ARG C 663 7.68 -26.41 27.67
N SER C 664 7.51 -27.38 28.58
CA SER C 664 8.57 -28.36 28.82
C SER C 664 8.82 -29.21 27.59
N PHE C 665 7.75 -29.62 26.90
CA PHE C 665 7.90 -30.41 25.69
C PHE C 665 8.64 -29.62 24.60
N ILE C 666 8.26 -28.36 24.43
CA ILE C 666 8.91 -27.53 23.41
C ILE C 666 10.39 -27.33 23.75
N THR C 667 10.70 -27.05 25.00
CA THR C 667 12.10 -26.86 25.40
C THR C 667 12.90 -28.14 25.21
N ARG C 668 12.32 -29.29 25.57
CA ARG C 668 13.03 -30.56 25.42
C ARG C 668 13.27 -30.91 23.95
N ASN C 669 12.29 -30.66 23.09
CA ASN C 669 12.40 -31.01 21.68
C ASN C 669 13.08 -29.93 20.86
N ALA C 670 13.41 -28.77 21.47
CA ALA C 670 14.11 -27.73 20.73
C ALA C 670 15.50 -28.20 20.31
N LYS C 671 16.21 -28.88 21.19
CA LYS C 671 17.55 -29.36 20.90
C LYS C 671 17.51 -30.75 20.27
N ARG D 454 -32.13 23.86 23.07
CA ARG D 454 -32.22 25.22 22.57
C ARG D 454 -30.83 25.80 22.34
N LYS D 455 -29.82 25.14 22.89
CA LYS D 455 -28.44 25.58 22.74
C LYS D 455 -27.52 24.53 22.12
N SER D 456 -27.94 23.27 22.07
CA SER D 456 -27.10 22.22 21.51
C SER D 456 -27.00 22.38 19.99
N GLU D 457 -25.92 21.82 19.45
CA GLU D 457 -25.66 21.85 18.01
C GLU D 457 -25.33 20.45 17.53
N LEU D 458 -25.76 20.15 16.31
CA LEU D 458 -25.54 18.85 15.69
C LEU D 458 -24.63 19.01 14.49
N TYR D 459 -23.57 18.20 14.42
CA TYR D 459 -22.61 18.23 13.33
C TYR D 459 -22.64 16.88 12.63
N VAL D 460 -23.05 16.89 11.36
CA VAL D 460 -23.13 15.67 10.56
C VAL D 460 -21.85 15.55 9.74
N VAL D 461 -21.15 14.44 9.90
CA VAL D 461 -19.90 14.18 9.19
C VAL D 461 -19.98 12.82 8.53
N GLU D 462 -19.02 12.55 7.66
CA GLU D 462 -18.94 11.28 6.94
C GLU D 462 -17.67 10.54 7.36
N GLY D 463 -17.82 9.29 7.74
CA GLY D 463 -16.69 8.46 8.13
C GLY D 463 -16.37 8.57 9.60
N ASP D 464 -15.83 7.46 10.15
CA ASP D 464 -15.45 7.44 11.55
C ASP D 464 -14.12 8.13 11.82
N SER D 465 -13.29 8.33 10.79
CA SER D 465 -12.03 9.03 10.98
C SER D 465 -12.26 10.50 11.30
N ALA D 466 -12.93 11.23 10.40
CA ALA D 466 -13.29 12.61 10.67
C ALA D 466 -14.24 12.71 11.85
N GLY D 467 -15.12 11.72 12.02
CA GLY D 467 -16.02 11.73 13.16
C GLY D 467 -15.27 11.71 14.48
N GLY D 468 -14.29 10.81 14.62
CA GLY D 468 -13.49 10.78 15.83
C GLY D 468 -12.61 12.02 15.97
N SER D 469 -12.09 12.53 14.85
CA SER D 469 -11.24 13.72 14.92
C SER D 469 -12.03 14.92 15.43
N ALA D 470 -13.29 15.06 15.00
CA ALA D 470 -14.13 16.13 15.51
C ALA D 470 -14.64 15.84 16.92
N LYS D 471 -14.82 14.57 17.27
CA LYS D 471 -15.30 14.21 18.59
C LYS D 471 -14.26 14.53 19.66
N SER D 472 -12.99 14.21 19.39
CA SER D 472 -11.94 14.40 20.39
C SER D 472 -11.48 15.85 20.48
N GLY D 473 -11.91 16.72 19.56
CA GLY D 473 -11.53 18.11 19.61
C GLY D 473 -12.70 19.07 19.71
N ARG D 474 -13.78 18.62 20.33
CA ARG D 474 -15.01 19.39 20.44
C ARG D 474 -15.24 19.84 21.89
N ASP D 475 -16.23 20.71 22.05
CA ASP D 475 -16.72 21.12 23.36
C ASP D 475 -17.92 20.25 23.69
N SER D 476 -17.72 19.29 24.60
CA SER D 476 -18.75 18.28 24.85
C SER D 476 -20.03 18.86 25.44
N MET D 477 -19.98 20.08 25.95
CA MET D 477 -21.15 20.65 26.62
C MET D 477 -22.30 20.91 25.63
N PHE D 478 -21.99 21.55 24.51
CA PHE D 478 -23.03 22.01 23.58
C PHE D 478 -22.71 21.61 22.15
N GLN D 479 -22.19 20.39 21.96
CA GLN D 479 -21.85 19.92 20.62
C GLN D 479 -22.02 18.41 20.55
N ALA D 480 -22.78 17.94 19.56
CA ALA D 480 -22.97 16.52 19.28
C ALA D 480 -22.55 16.25 17.84
N ILE D 481 -21.95 15.07 17.64
CA ILE D 481 -21.39 14.69 16.34
C ILE D 481 -22.06 13.39 15.89
N LEU D 482 -22.49 13.35 14.63
CA LEU D 482 -23.09 12.16 14.04
C LEU D 482 -22.32 11.76 12.79
N PRO D 483 -21.67 10.59 12.76
CA PRO D 483 -21.00 10.13 11.55
C PRO D 483 -21.90 9.27 10.67
N LEU D 484 -21.60 9.30 9.38
CA LEU D 484 -22.32 8.54 8.37
C LEU D 484 -21.37 7.51 7.74
N ARG D 485 -21.86 6.82 6.72
CA ARG D 485 -21.11 5.75 6.06
C ARG D 485 -21.08 5.95 4.55
N GLY D 486 -20.77 7.17 4.13
CA GLY D 486 -20.61 7.45 2.71
C GLY D 486 -21.72 8.27 2.09
N LYS D 487 -22.00 8.01 0.82
CA LYS D 487 -23.03 8.77 0.12
C LYS D 487 -24.42 8.38 0.60
N ILE D 488 -25.35 9.32 0.45
CA ILE D 488 -26.73 9.12 0.88
C ILE D 488 -27.55 8.61 -0.29
N ILE D 489 -28.57 7.80 0.01
CA ILE D 489 -29.47 7.33 -1.03
C ILE D 489 -30.26 8.49 -1.58
N ASN D 490 -30.31 8.61 -2.91
CA ASN D 490 -31.03 9.70 -3.55
C ASN D 490 -32.52 9.53 -3.29
N VAL D 491 -33.08 10.40 -2.44
CA VAL D 491 -34.48 10.27 -2.04
C VAL D 491 -35.40 10.56 -3.22
N GLU D 492 -35.01 11.51 -4.08
CA GLU D 492 -35.89 11.91 -5.17
C GLU D 492 -36.08 10.79 -6.20
N LYS D 493 -35.08 9.92 -6.36
CA LYS D 493 -35.16 8.85 -7.34
C LYS D 493 -35.85 7.60 -6.79
N ALA D 494 -35.41 7.14 -5.63
CA ALA D 494 -35.95 5.91 -5.05
C ALA D 494 -37.35 6.15 -4.49
N ARG D 495 -38.11 5.07 -4.36
CA ARG D 495 -39.44 5.13 -3.79
C ARG D 495 -39.36 5.39 -2.28
N ILE D 496 -40.49 5.82 -1.72
CA ILE D 496 -40.53 6.16 -0.29
C ILE D 496 -40.22 4.93 0.55
N ASP D 497 -40.73 3.77 0.14
CA ASP D 497 -40.46 2.54 0.89
C ASP D 497 -38.97 2.23 0.90
N ARG D 498 -38.29 2.42 -0.23
CA ARG D 498 -36.88 2.10 -0.30
C ARG D 498 -36.03 3.03 0.56
N VAL D 499 -36.29 4.33 0.51
CA VAL D 499 -35.50 5.26 1.31
C VAL D 499 -35.80 5.08 2.79
N LEU D 500 -37.05 4.78 3.14
CA LEU D 500 -37.38 4.57 4.54
C LEU D 500 -36.79 3.30 5.13
N LYS D 501 -35.94 2.55 4.41
CA LYS D 501 -35.36 1.33 4.93
C LYS D 501 -33.86 1.41 5.14
N ASN D 502 -33.18 2.42 4.60
CA ASN D 502 -31.74 2.55 4.77
C ASN D 502 -31.40 2.82 6.23
N THR D 503 -30.37 2.13 6.73
CA THR D 503 -29.98 2.25 8.14
C THR D 503 -29.40 3.60 8.49
N GLU D 504 -29.08 4.44 7.50
CA GLU D 504 -28.50 5.75 7.76
C GLU D 504 -29.55 6.85 7.80
N VAL D 505 -30.55 6.78 6.92
CA VAL D 505 -31.66 7.72 6.97
C VAL D 505 -32.43 7.57 8.29
N GLN D 506 -32.64 6.32 8.72
CA GLN D 506 -33.30 6.09 10.01
C GLN D 506 -32.49 6.70 11.14
N ALA D 507 -31.16 6.58 11.09
CA ALA D 507 -30.31 7.20 12.10
C ALA D 507 -30.46 8.71 12.09
N ILE D 508 -30.53 9.33 10.90
CA ILE D 508 -30.68 10.77 10.82
C ILE D 508 -32.00 11.21 11.45
N ILE D 509 -33.10 10.52 11.10
CA ILE D 509 -34.40 10.92 11.64
C ILE D 509 -34.45 10.70 13.15
N THR D 510 -33.84 9.61 13.63
CA THR D 510 -33.80 9.37 15.06
C THR D 510 -32.99 10.44 15.78
N ALA D 511 -31.88 10.87 15.20
CA ALA D 511 -31.05 11.88 15.83
C ALA D 511 -31.77 13.22 15.88
N LEU D 512 -32.39 13.62 14.77
CA LEU D 512 -33.10 14.89 14.74
C LEU D 512 -34.30 14.88 15.70
N GLY D 513 -35.05 13.79 15.70
CA GLY D 513 -36.14 13.60 16.63
C GLY D 513 -37.51 14.04 16.13
N THR D 514 -37.55 14.89 15.10
CA THR D 514 -38.82 15.36 14.57
C THR D 514 -39.46 14.30 13.65
N GLY D 515 -40.69 14.57 13.25
CA GLY D 515 -41.39 13.70 12.34
C GLY D 515 -41.00 13.95 10.90
N ILE D 516 -41.67 13.22 10.01
CA ILE D 516 -41.43 13.32 8.57
C ILE D 516 -42.76 13.52 7.86
N HIS D 517 -42.78 14.43 6.89
CA HIS D 517 -43.95 14.70 6.05
C HIS D 517 -45.12 15.24 6.86
N ASP D 518 -46.22 14.48 6.90
CA ASP D 518 -47.44 14.96 7.53
C ASP D 518 -47.27 15.10 9.04
N GLU D 519 -46.74 14.07 9.70
CA GLU D 519 -46.62 14.07 11.16
C GLU D 519 -45.36 14.79 11.61
N PHE D 520 -45.17 16.03 11.15
CA PHE D 520 -44.00 16.83 11.51
C PHE D 520 -44.40 17.85 12.57
N ASP D 521 -43.81 17.74 13.76
CA ASP D 521 -44.01 18.70 14.84
C ASP D 521 -42.65 19.27 15.23
N ILE D 522 -42.51 20.59 15.10
CA ILE D 522 -41.24 21.24 15.40
C ILE D 522 -40.97 21.35 16.89
N GLY D 523 -41.96 21.09 17.73
CA GLY D 523 -41.76 21.13 19.17
C GLY D 523 -41.00 19.96 19.74
N LYS D 524 -40.76 18.92 18.94
CA LYS D 524 -40.00 17.75 19.38
C LYS D 524 -38.55 17.79 18.92
N LEU D 525 -38.12 18.89 18.32
CA LEU D 525 -36.75 19.02 17.85
C LEU D 525 -35.77 18.93 19.03
N ARG D 526 -34.70 18.14 18.85
CA ARG D 526 -33.74 17.92 19.91
C ARG D 526 -32.55 18.88 19.83
N TYR D 527 -32.15 19.27 18.63
CA TYR D 527 -31.04 20.21 18.44
C TYR D 527 -31.53 21.40 17.62
N HIS D 528 -31.24 22.60 18.12
CA HIS D 528 -31.65 23.83 17.45
C HIS D 528 -30.64 24.32 16.43
N LYS D 529 -29.57 23.56 16.20
CA LYS D 529 -28.56 23.95 15.22
C LYS D 529 -28.04 22.68 14.55
N ILE D 530 -28.45 22.45 13.31
CA ILE D 530 -27.99 21.32 12.51
C ILE D 530 -27.01 21.87 11.49
N VAL D 531 -25.73 21.49 11.62
CA VAL D 531 -24.67 21.99 10.77
C VAL D 531 -24.13 20.83 9.93
N LEU D 532 -24.13 21.02 8.62
CA LEU D 532 -23.65 20.00 7.68
C LEU D 532 -22.16 20.23 7.43
N MET D 533 -21.33 19.30 7.89
CA MET D 533 -19.89 19.36 7.71
C MET D 533 -19.47 18.37 6.62
N ALA D 534 -18.66 18.83 5.68
CA ALA D 534 -18.22 18.00 4.57
C ALA D 534 -16.81 18.41 4.17
N ASP D 535 -16.13 17.49 3.49
CA ASP D 535 -14.78 17.77 3.02
C ASP D 535 -14.82 18.81 1.89
N ALA D 536 -13.64 19.36 1.60
CA ALA D 536 -13.55 20.45 0.63
C ALA D 536 -13.42 19.98 -0.81
N ASP D 537 -13.28 18.67 -1.05
CA ASP D 537 -13.10 18.15 -2.40
C ASP D 537 -14.45 18.14 -3.13
N VAL D 538 -14.45 17.61 -4.35
CA VAL D 538 -15.68 17.56 -5.14
C VAL D 538 -16.69 16.61 -4.51
N ASP D 539 -16.23 15.52 -3.90
CA ASP D 539 -17.16 14.61 -3.24
C ASP D 539 -17.88 15.29 -2.08
N GLY D 540 -17.16 16.12 -1.33
CA GLY D 540 -17.79 16.85 -0.24
C GLY D 540 -18.85 17.82 -0.70
N GLN D 541 -18.83 18.22 -1.97
CA GLN D 541 -19.88 19.04 -2.55
C GLN D 541 -21.03 18.23 -3.12
N HIS D 542 -20.92 16.90 -3.15
CA HIS D 542 -22.00 16.04 -3.62
C HIS D 542 -22.80 15.46 -2.46
N ILE D 543 -22.12 14.82 -1.50
CA ILE D 543 -22.82 14.21 -0.38
C ILE D 543 -23.70 15.25 0.30
N SER D 544 -23.13 16.41 0.60
CA SER D 544 -23.88 17.46 1.25
C SER D 544 -25.15 17.78 0.48
N THR D 545 -25.04 17.91 -0.84
CA THR D 545 -26.22 18.31 -1.61
C THR D 545 -27.31 17.25 -1.50
N LEU D 546 -26.90 15.97 -1.44
CA LEU D 546 -27.88 14.90 -1.23
C LEU D 546 -28.61 15.12 0.08
N LEU D 547 -27.86 15.46 1.13
CA LEU D 547 -28.48 15.79 2.40
C LEU D 547 -29.40 16.99 2.25
N LEU D 548 -28.98 17.99 1.47
CA LEU D 548 -29.81 19.16 1.22
C LEU D 548 -31.09 18.82 0.49
N THR D 549 -31.18 17.63 -0.10
CA THR D 549 -32.46 17.14 -0.61
C THR D 549 -33.25 16.45 0.49
N LEU D 550 -32.59 15.62 1.30
CA LEU D 550 -33.29 14.84 2.31
C LEU D 550 -34.00 15.76 3.32
N LEU D 551 -33.36 16.86 3.68
CA LEU D 551 -34.00 17.81 4.59
C LEU D 551 -35.12 18.58 3.88
N PHE D 552 -34.99 18.82 2.58
CA PHE D 552 -36.01 19.57 1.86
C PHE D 552 -37.24 18.73 1.59
N ARG D 553 -37.05 17.46 1.23
CA ARG D 553 -38.19 16.60 0.88
C ARG D 553 -38.98 16.19 2.12
N PHE D 554 -38.28 15.78 3.18
CA PHE D 554 -38.95 15.22 4.35
C PHE D 554 -39.26 16.29 5.41
N MET D 555 -38.23 16.97 5.91
CA MET D 555 -38.40 17.99 6.94
C MET D 555 -38.41 19.38 6.30
N ARG D 556 -39.38 19.59 5.40
CA ARG D 556 -39.45 20.83 4.64
C ARG D 556 -39.60 22.07 5.52
N PRO D 557 -40.49 22.12 6.52
CA PRO D 557 -40.62 23.33 7.33
C PRO D 557 -39.51 23.52 8.37
N LEU D 558 -38.42 22.76 8.29
CA LEU D 558 -37.29 22.91 9.19
C LEU D 558 -36.20 23.81 8.62
N ILE D 559 -36.22 24.08 7.31
CA ILE D 559 -35.13 24.78 6.65
C ILE D 559 -35.36 26.29 6.65
N GLU D 560 -36.56 26.73 6.26
CA GLU D 560 -36.83 28.16 6.14
C GLU D 560 -36.85 28.87 7.50
N ASN D 561 -36.92 28.13 8.60
CA ASN D 561 -36.87 28.74 9.92
C ASN D 561 -35.46 29.08 10.37
N GLY D 562 -34.43 28.56 9.69
CA GLY D 562 -33.06 28.87 10.00
C GLY D 562 -32.36 27.89 10.91
N HIS D 563 -32.71 26.61 10.87
CA HIS D 563 -32.11 25.60 11.73
C HIS D 563 -31.04 24.78 11.01
N VAL D 564 -30.69 25.14 9.78
CA VAL D 564 -29.71 24.41 8.98
C VAL D 564 -28.58 25.36 8.61
N PHE D 565 -27.35 24.94 8.87
CA PHE D 565 -26.17 25.74 8.57
C PHE D 565 -25.13 24.89 7.86
N LEU D 566 -24.22 25.57 7.17
CA LEU D 566 -23.11 24.94 6.46
C LEU D 566 -21.80 25.50 6.97
N ALA D 567 -20.84 24.62 7.24
CA ALA D 567 -19.53 25.03 7.74
C ALA D 567 -18.56 25.18 6.58
N GLN D 568 -17.48 25.93 6.84
CA GLN D 568 -16.44 26.19 5.84
C GLN D 568 -15.09 25.81 6.44
N PRO D 569 -14.58 24.61 6.14
CA PRO D 569 -13.24 24.26 6.62
C PRO D 569 -12.19 25.09 5.91
N PRO D 570 -11.06 25.37 6.57
CA PRO D 570 -9.99 26.12 5.91
C PRO D 570 -9.31 25.28 4.83
N LEU D 571 -8.74 25.97 3.86
CA LEU D 571 -8.06 25.32 2.75
C LEU D 571 -6.54 25.47 2.87
N TYR D 613 -5.36 20.76 3.17
CA TYR D 613 -5.85 19.43 3.49
C TYR D 613 -6.87 18.95 2.47
N LYS D 614 -7.02 17.64 2.36
CA LYS D 614 -8.01 17.04 1.47
C LYS D 614 -9.33 16.73 2.17
N GLY D 615 -9.47 17.11 3.44
CA GLY D 615 -10.70 16.86 4.16
C GLY D 615 -10.48 17.01 5.65
N LEU D 616 -11.53 16.67 6.41
CA LEU D 616 -11.46 16.74 7.86
C LEU D 616 -10.82 15.50 8.48
N GLY D 617 -10.57 14.45 7.69
CA GLY D 617 -9.92 13.27 8.23
C GLY D 617 -8.43 13.42 8.46
N GLU D 618 -7.81 14.43 7.87
CA GLU D 618 -6.39 14.69 8.07
C GLU D 618 -6.12 15.62 9.24
N MET D 619 -7.04 16.54 9.53
CA MET D 619 -6.87 17.45 10.65
C MET D 619 -6.98 16.71 11.97
N ASP D 620 -6.12 17.07 12.92
CA ASP D 620 -6.14 16.47 14.25
C ASP D 620 -7.15 17.21 15.12
N ALA D 621 -7.14 16.91 16.43
CA ALA D 621 -8.11 17.51 17.33
C ALA D 621 -7.90 19.01 17.48
N LYS D 622 -6.63 19.43 17.65
CA LYS D 622 -6.36 20.84 17.91
C LYS D 622 -6.69 21.71 16.71
N GLU D 623 -6.41 21.23 15.50
CA GLU D 623 -6.62 22.06 14.31
C GLU D 623 -8.09 22.22 13.96
N LEU D 624 -8.96 21.37 14.50
CA LEU D 624 -10.39 21.46 14.22
C LEU D 624 -11.13 22.41 15.15
N TRP D 625 -10.44 23.02 16.11
CA TRP D 625 -11.08 23.92 17.07
C TRP D 625 -11.02 25.38 16.61
N GLU D 626 -9.82 25.89 16.41
CA GLU D 626 -9.61 27.31 16.10
C GLU D 626 -9.97 27.67 14.66
N THR D 627 -10.55 26.75 13.90
CA THR D 627 -10.89 27.04 12.51
C THR D 627 -12.36 26.83 12.19
N THR D 628 -12.98 25.78 12.74
CA THR D 628 -14.35 25.44 12.37
C THR D 628 -15.30 25.23 13.55
N MET D 629 -14.81 24.99 14.75
CA MET D 629 -15.67 24.62 15.87
C MET D 629 -15.69 25.64 17.01
N ASP D 630 -14.76 26.57 17.04
CA ASP D 630 -14.76 27.58 18.10
C ASP D 630 -15.90 28.57 17.86
N PRO D 631 -16.83 28.73 18.81
CA PRO D 631 -17.95 29.64 18.57
C PRO D 631 -17.54 31.09 18.34
N SER D 632 -16.34 31.49 18.76
CA SER D 632 -15.86 32.84 18.55
C SER D 632 -15.00 33.00 17.30
N VAL D 633 -14.60 31.89 16.67
CA VAL D 633 -13.71 31.97 15.52
C VAL D 633 -14.40 31.40 14.28
N ARG D 634 -15.31 30.45 14.49
CA ARG D 634 -15.95 29.77 13.36
C ARG D 634 -16.83 30.72 12.58
N VAL D 635 -16.93 30.47 11.27
CA VAL D 635 -17.82 31.18 10.38
C VAL D 635 -18.67 30.16 9.63
N LEU D 636 -19.98 30.36 9.66
CA LEU D 636 -20.92 29.46 9.02
C LEU D 636 -21.78 30.23 8.02
N ARG D 637 -22.54 29.48 7.23
CA ARG D 637 -23.50 30.06 6.30
C ARG D 637 -24.89 29.52 6.61
N GLN D 638 -25.88 30.40 6.60
CA GLN D 638 -27.26 30.06 6.93
C GLN D 638 -28.08 30.00 5.66
N VAL D 639 -28.79 28.89 5.47
CA VAL D 639 -29.63 28.69 4.29
C VAL D 639 -30.97 29.37 4.50
N THR D 640 -31.50 29.98 3.44
CA THR D 640 -32.78 30.67 3.49
C THR D 640 -33.61 30.26 2.29
N LEU D 641 -34.93 30.37 2.44
CA LEU D 641 -35.87 30.03 1.38
C LEU D 641 -36.67 31.28 1.02
N ASP D 642 -36.68 31.61 -0.28
CA ASP D 642 -37.42 32.77 -0.79
C ASP D 642 -38.58 32.38 -1.68
N ASP D 643 -38.31 31.56 -2.71
CA ASP D 643 -39.35 31.07 -3.61
C ASP D 643 -39.46 29.56 -3.48
N ALA D 644 -40.68 29.08 -3.30
CA ALA D 644 -40.90 27.65 -3.10
C ALA D 644 -40.97 26.90 -4.43
N ALA D 645 -41.75 27.42 -5.38
CA ALA D 645 -41.90 26.75 -6.67
C ALA D 645 -40.58 26.70 -7.43
N ALA D 646 -39.81 27.79 -7.39
CA ALA D 646 -38.52 27.81 -8.08
C ALA D 646 -37.56 26.79 -7.46
N ALA D 647 -37.51 26.72 -6.13
CA ALA D 647 -36.64 25.75 -5.49
C ALA D 647 -37.06 24.32 -5.81
N ASP D 648 -38.38 24.06 -5.79
CA ASP D 648 -38.86 22.71 -6.10
C ASP D 648 -38.53 22.32 -7.53
N GLU D 649 -38.74 23.24 -8.48
CA GLU D 649 -38.45 22.92 -9.88
C GLU D 649 -36.96 22.74 -10.11
N LEU D 650 -36.12 23.54 -9.43
CA LEU D 650 -34.68 23.35 -9.54
C LEU D 650 -34.26 22.00 -8.97
N PHE D 651 -34.83 21.60 -7.83
CA PHE D 651 -34.51 20.30 -7.25
C PHE D 651 -34.92 19.17 -8.19
N SER D 652 -36.12 19.26 -8.76
CA SER D 652 -36.58 18.20 -9.65
C SER D 652 -35.74 18.14 -10.92
N ILE D 653 -35.35 19.30 -11.47
CA ILE D 653 -34.53 19.32 -12.67
C ILE D 653 -33.15 18.73 -12.39
N LEU D 654 -32.54 19.12 -11.26
CA LEU D 654 -31.16 18.73 -11.00
C LEU D 654 -31.05 17.27 -10.59
N MET D 655 -31.95 16.79 -9.72
CA MET D 655 -31.83 15.45 -9.16
C MET D 655 -33.06 14.59 -9.38
N GLY D 656 -33.79 14.81 -10.48
CA GLY D 656 -34.94 14.00 -10.81
C GLY D 656 -34.56 12.75 -11.57
N GLU D 657 -35.53 12.19 -12.28
CA GLU D 657 -35.30 11.00 -13.10
C GLU D 657 -35.03 11.32 -14.55
N ASP D 658 -35.43 12.49 -15.03
CA ASP D 658 -35.12 12.89 -16.40
C ASP D 658 -33.63 13.18 -16.54
N VAL D 659 -33.01 12.61 -17.57
CA VAL D 659 -31.58 12.77 -17.80
C VAL D 659 -31.30 13.86 -18.83
N ASP D 660 -32.13 13.95 -19.87
CA ASP D 660 -31.90 14.95 -20.91
C ASP D 660 -32.02 16.37 -20.36
N ALA D 661 -33.01 16.61 -19.49
CA ALA D 661 -33.16 17.94 -18.90
C ALA D 661 -31.96 18.30 -18.03
N ARG D 662 -31.49 17.35 -17.23
CA ARG D 662 -30.32 17.59 -16.40
C ARG D 662 -29.09 17.88 -17.24
N ARG D 663 -28.89 17.12 -18.31
CA ARG D 663 -27.75 17.35 -19.20
C ARG D 663 -27.83 18.72 -19.85
N SER D 664 -29.03 19.11 -20.32
CA SER D 664 -29.20 20.42 -20.93
C SER D 664 -28.93 21.54 -19.93
N PHE D 665 -29.41 21.38 -18.69
CA PHE D 665 -29.17 22.39 -17.67
C PHE D 665 -27.68 22.51 -17.35
N ILE D 666 -26.99 21.36 -17.26
CA ILE D 666 -25.56 21.38 -16.95
C ILE D 666 -24.79 22.05 -18.09
N THR D 667 -25.11 21.70 -19.34
CA THR D 667 -24.42 22.30 -20.47
C THR D 667 -24.69 23.80 -20.54
N ARG D 668 -25.94 24.21 -20.33
CA ARG D 668 -26.29 25.63 -20.46
C ARG D 668 -25.59 26.48 -19.41
N ASN D 669 -25.53 26.01 -18.17
CA ASN D 669 -24.94 26.79 -17.09
C ASN D 669 -23.54 26.29 -16.74
#